data_7V0E
#
_entry.id   7V0E
#
_cell.length_a   164.393
_cell.length_b   164.393
_cell.length_c   209.175
_cell.angle_alpha   90.000
_cell.angle_beta   90.000
_cell.angle_gamma   120.000
#
_symmetry.space_group_name_H-M   'P 32'
#
loop_
_entity.id
_entity.type
_entity.pdbx_description
1 polymer 'DNA (cytosine-5)-methyltransferase 3B'
2 non-polymer S-ADENOSYL-L-HOMOCYSTEINE
3 water water
#
_entity_poly.entity_id   1
_entity_poly.type   'polypeptide(L)'
_entity_poly.pdbx_seq_one_letter_code
;AARRRPIRVLSLFDGIATGYLVLKELGIKVGKYVASEVCEESIAVGTVKHEGNIKYVNDVRNITKKNIEEWGPFDLVIGG
SPCNDLSNVNPARKGLYEGTGRLFFEFYHLLNYSRPKEGDDRPFFWMFENVVAMKVGDKRDISRFLECNPVMIDAIKVSA
AHRARYFWGNLPGMNRPVIASKNDKLELQDCLEYNRIAKLKKVQTITTKSNSIKQGKNQLFPVVMNGKEDVLWCTELERI
FGFPVHYTDVSNMGRGARQKLLGRSWSVPVIRHLFAPLKDYFACE
;
_entity_poly.pdbx_strand_id   A,B,C,D,E,F,G,H
#
# COMPACT_ATOMS: atom_id res chain seq x y z
N ARG A 3 -64.32 15.41 14.57
CA ARG A 3 -63.65 16.41 15.42
C ARG A 3 -62.57 15.74 16.27
N ARG A 4 -62.26 14.48 15.97
CA ARG A 4 -61.24 13.77 16.72
C ARG A 4 -59.85 14.27 16.31
N ARG A 5 -58.88 14.02 17.19
CA ARG A 5 -57.51 14.49 17.03
C ARG A 5 -56.57 13.30 17.17
N PRO A 6 -55.31 13.44 16.76
CA PRO A 6 -54.36 12.33 16.93
C PRO A 6 -54.13 11.96 18.39
N ILE A 7 -53.74 10.68 18.61
CA ILE A 7 -53.58 10.12 19.95
C ILE A 7 -52.24 10.56 20.53
N ARG A 8 -52.23 10.78 21.85
CA ARG A 8 -51.02 11.15 22.57
C ARG A 8 -50.82 10.12 23.66
N VAL A 9 -49.80 9.28 23.50
CA VAL A 9 -49.60 8.12 24.34
C VAL A 9 -48.28 8.23 25.11
N LEU A 10 -48.29 7.73 26.35
CA LEU A 10 -47.10 7.61 27.21
C LEU A 10 -46.87 6.12 27.41
N SER A 11 -45.82 5.59 26.79
CA SER A 11 -45.46 4.18 26.92
C SER A 11 -44.26 4.07 27.84
N LEU A 12 -44.46 3.44 29.00
CA LEU A 12 -43.41 3.17 29.96
C LEU A 12 -42.93 1.74 29.78
N PHE A 13 -41.64 1.52 30.00
CA PHE A 13 -40.98 0.25 29.68
C PHE A 13 -41.25 -0.15 28.24
N ASP A 14 -40.89 0.76 27.33
CA ASP A 14 -41.41 0.73 25.96
C ASP A 14 -40.78 -0.36 25.11
N GLY A 15 -39.54 -0.73 25.39
CA GLY A 15 -38.89 -1.74 24.57
C GLY A 15 -38.68 -1.26 23.16
N ILE A 16 -39.06 -2.10 22.20
CA ILE A 16 -38.77 -1.84 20.79
C ILE A 16 -39.92 -1.15 20.08
N ALA A 17 -40.74 -0.41 20.83
CA ALA A 17 -41.80 0.43 20.27
C ALA A 17 -42.90 -0.38 19.60
N THR A 18 -43.32 -1.46 20.27
CA THR A 18 -44.44 -2.25 19.77
C THR A 18 -45.72 -1.43 19.73
N GLY A 19 -45.90 -0.57 20.73
CA GLY A 19 -47.10 0.25 20.76
C GLY A 19 -47.19 1.18 19.58
N TYR A 20 -46.10 1.94 19.31
CA TYR A 20 -46.10 2.86 18.18
C TYR A 20 -46.28 2.11 16.86
N LEU A 21 -45.62 0.95 16.75
CA LEU A 21 -45.73 0.16 15.52
C LEU A 21 -47.17 -0.27 15.27
N VAL A 22 -47.89 -0.68 16.32
CA VAL A 22 -49.25 -1.18 16.16
C VAL A 22 -50.23 -0.04 15.88
N LEU A 23 -50.11 1.08 16.58
CA LEU A 23 -50.96 2.23 16.29
C LEU A 23 -50.78 2.67 14.84
N LYS A 24 -49.56 2.59 14.33
CA LYS A 24 -49.32 2.92 12.94
C LYS A 24 -49.98 1.91 12.01
N GLU A 25 -49.73 0.62 12.23
CA GLU A 25 -50.32 -0.42 11.40
C GLU A 25 -51.85 -0.40 11.44
N LEU A 26 -52.42 0.16 12.51
CA LEU A 26 -53.88 0.36 12.57
C LEU A 26 -54.35 1.54 11.74
N GLY A 27 -53.47 2.49 11.47
CA GLY A 27 -53.87 3.71 10.81
C GLY A 27 -54.27 4.84 11.74
N ILE A 28 -54.05 4.70 13.04
CA ILE A 28 -54.32 5.79 13.97
C ILE A 28 -53.22 6.84 13.82
N LYS A 29 -53.63 8.10 13.74
CA LYS A 29 -52.66 9.18 13.63
C LYS A 29 -52.05 9.43 15.00
N VAL A 30 -50.72 9.42 15.11
CA VAL A 30 -50.02 9.58 16.39
C VAL A 30 -49.44 11.00 16.44
N GLY A 31 -49.86 11.77 17.43
CA GLY A 31 -49.39 13.14 17.56
C GLY A 31 -48.20 13.28 18.50
N LYS A 32 -48.11 12.38 19.47
CA LYS A 32 -47.00 12.42 20.41
C LYS A 32 -46.83 11.03 21.02
N TYR A 33 -45.59 10.52 21.04
CA TYR A 33 -45.34 9.21 21.64
C TYR A 33 -44.13 9.38 22.57
N VAL A 34 -44.37 9.34 23.89
CA VAL A 34 -43.33 9.54 24.89
C VAL A 34 -42.95 8.19 25.50
N ALA A 35 -41.72 7.75 25.26
CA ALA A 35 -41.26 6.43 25.72
C ALA A 35 -40.33 6.58 26.92
N SER A 36 -40.35 5.58 27.79
CA SER A 36 -39.40 5.48 28.90
C SER A 36 -38.68 4.16 28.76
N GLU A 37 -37.41 4.20 28.35
CA GLU A 37 -36.62 3.01 28.08
C GLU A 37 -35.15 3.29 28.36
N VAL A 38 -34.44 2.27 28.84
CA VAL A 38 -33.03 2.41 29.18
C VAL A 38 -32.12 1.61 28.25
N CYS A 39 -32.61 0.53 27.64
CA CYS A 39 -31.80 -0.24 26.71
C CYS A 39 -31.37 0.59 25.51
N GLU A 40 -30.06 0.79 25.36
CA GLU A 40 -29.58 1.56 24.22
C GLU A 40 -29.80 0.84 22.90
N GLU A 41 -29.83 -0.49 22.91
CA GLU A 41 -30.17 -1.26 21.72
C GLU A 41 -31.64 -1.07 21.36
N SER A 42 -32.54 -1.27 22.33
CA SER A 42 -33.97 -1.06 22.08
C SER A 42 -34.24 0.36 21.60
N ILE A 43 -33.62 1.37 22.24
CA ILE A 43 -33.84 2.75 21.82
C ILE A 43 -33.44 2.93 20.36
N ALA A 44 -32.38 2.25 19.94
CA ALA A 44 -31.95 2.34 18.55
C ALA A 44 -33.01 1.78 17.61
N VAL A 45 -33.75 0.75 18.04
CA VAL A 45 -34.71 0.08 17.18
C VAL A 45 -35.91 0.98 16.89
N GLY A 46 -36.45 1.63 17.91
CA GLY A 46 -37.56 2.55 17.68
C GLY A 46 -37.14 3.87 17.08
N THR A 47 -35.91 4.32 17.36
CA THR A 47 -35.44 5.58 16.78
C THR A 47 -35.30 5.48 15.27
N VAL A 48 -34.83 4.34 14.78
CA VAL A 48 -34.57 4.16 13.35
C VAL A 48 -35.82 3.67 12.62
N LYS A 49 -36.52 2.66 13.16
CA LYS A 49 -37.64 2.07 12.44
C LYS A 49 -38.84 3.01 12.35
N HIS A 50 -38.89 4.03 13.21
CA HIS A 50 -39.99 4.99 13.19
C HIS A 50 -39.50 6.42 12.95
N GLU A 51 -38.30 6.57 12.41
CA GLU A 51 -37.76 7.84 11.91
C GLU A 51 -37.89 8.95 12.94
N GLY A 52 -37.56 8.62 14.18
CA GLY A 52 -37.43 9.59 15.25
C GLY A 52 -38.69 10.31 15.67
N ASN A 53 -39.86 9.72 15.44
CA ASN A 53 -41.07 10.36 15.93
C ASN A 53 -41.27 10.15 17.43
N ILE A 54 -40.77 9.04 17.95
CA ILE A 54 -40.92 8.68 19.36
C ILE A 54 -39.99 9.54 20.19
N LYS A 55 -40.57 10.28 21.14
CA LYS A 55 -39.79 11.08 22.09
C LYS A 55 -39.32 10.19 23.22
N TYR A 56 -38.04 9.82 23.22
CA TYR A 56 -37.49 8.98 24.27
C TYR A 56 -37.14 9.86 25.47
N VAL A 57 -37.31 9.33 26.69
CA VAL A 57 -36.90 10.15 27.83
C VAL A 57 -35.76 9.48 28.60
N ASN A 58 -36.06 8.50 29.45
CA ASN A 58 -35.05 7.76 30.23
C ASN A 58 -35.68 6.87 31.27
N ASP A 59 -34.85 6.33 32.17
CA ASP A 59 -35.31 5.63 33.37
C ASP A 59 -36.57 6.25 33.96
N VAL A 60 -37.60 5.40 34.13
CA VAL A 60 -38.91 5.84 34.60
C VAL A 60 -38.80 6.44 36.00
N ARG A 61 -37.79 6.02 36.79
CA ARG A 61 -37.65 6.52 38.15
C ARG A 61 -37.29 8.00 38.21
N ASN A 62 -36.87 8.62 37.10
CA ASN A 62 -36.58 10.04 37.07
C ASN A 62 -37.69 10.85 36.40
N ILE A 63 -38.84 10.26 36.14
CA ILE A 63 -39.97 10.98 35.57
C ILE A 63 -40.79 11.52 36.73
N THR A 64 -41.01 12.84 36.75
CA THR A 64 -41.70 13.52 37.84
C THR A 64 -43.07 13.99 37.40
N LYS A 65 -43.86 14.44 38.39
CA LYS A 65 -45.18 14.99 38.08
C LYS A 65 -45.07 16.21 37.17
N LYS A 66 -44.09 17.08 37.44
CA LYS A 66 -43.89 18.26 36.60
C LYS A 66 -43.65 17.86 35.15
N ASN A 67 -42.98 16.73 34.92
CA ASN A 67 -42.77 16.22 33.57
C ASN A 67 -44.08 15.78 32.92
N ILE A 68 -44.90 15.03 33.67
CA ILE A 68 -46.15 14.54 33.11
C ILE A 68 -47.07 15.70 32.74
N GLU A 69 -47.02 16.80 33.50
CA GLU A 69 -47.83 17.96 33.17
C GLU A 69 -47.24 18.72 31.98
N GLU A 70 -45.93 18.59 31.74
CA GLU A 70 -45.32 19.28 30.60
C GLU A 70 -45.52 18.50 29.31
N TRP A 71 -45.14 17.21 29.30
CA TRP A 71 -45.27 16.39 28.11
C TRP A 71 -46.74 16.13 27.75
N GLY A 72 -47.62 16.09 28.76
CA GLY A 72 -49.02 15.80 28.57
C GLY A 72 -49.76 16.91 27.83
N PRO A 73 -51.08 16.73 27.64
CA PRO A 73 -51.92 15.62 28.10
C PRO A 73 -51.67 14.28 27.40
N PHE A 74 -52.02 13.17 28.05
CA PHE A 74 -51.92 11.84 27.46
C PHE A 74 -53.30 11.20 27.38
N ASP A 75 -53.60 10.58 26.23
CA ASP A 75 -54.82 9.83 26.01
C ASP A 75 -54.64 8.35 26.32
N LEU A 76 -53.44 7.83 26.14
CA LEU A 76 -53.13 6.42 26.36
C LEU A 76 -51.85 6.33 27.19
N VAL A 77 -51.87 5.49 28.23
CA VAL A 77 -50.72 5.25 29.12
C VAL A 77 -50.57 3.74 29.22
N ILE A 78 -49.50 3.19 28.64
CA ILE A 78 -49.30 1.75 28.55
C ILE A 78 -47.94 1.39 29.14
N GLY A 79 -47.84 0.20 29.72
CA GLY A 79 -46.57 -0.23 30.24
C GLY A 79 -46.48 -1.74 30.37
N GLY A 80 -45.32 -2.32 30.07
CA GLY A 80 -45.13 -3.74 30.29
C GLY A 80 -44.03 -4.01 31.30
N SER A 81 -44.30 -4.81 32.32
CA SER A 81 -43.34 -4.93 33.42
C SER A 81 -42.12 -5.74 32.97
N PRO A 82 -40.96 -5.47 33.57
CA PRO A 82 -39.77 -6.31 33.32
C PRO A 82 -39.96 -7.73 33.84
N CYS A 83 -39.95 -8.68 32.91
CA CYS A 83 -40.33 -10.08 33.19
C CYS A 83 -39.26 -10.83 33.98
N LYS A 94 -38.27 -12.49 41.59
CA LYS A 94 -38.15 -11.95 42.94
C LYS A 94 -39.47 -11.33 43.45
N GLY A 95 -40.52 -11.38 42.63
CA GLY A 95 -41.82 -10.90 43.07
C GLY A 95 -42.02 -9.41 42.88
N LEU A 96 -43.11 -8.92 43.47
CA LEU A 96 -43.55 -7.55 43.21
C LEU A 96 -42.70 -6.55 43.97
N TYR A 97 -42.70 -6.62 45.29
CA TYR A 97 -42.08 -5.66 46.18
C TYR A 97 -40.56 -5.74 46.20
N GLU A 98 -39.94 -6.48 45.29
CA GLU A 98 -38.50 -6.62 45.27
C GLU A 98 -37.97 -6.33 43.87
N GLY A 99 -36.88 -5.58 43.82
CA GLY A 99 -36.14 -5.42 42.58
C GLY A 99 -36.94 -4.75 41.48
N THR A 100 -36.80 -5.28 40.26
CA THR A 100 -37.45 -4.69 39.10
C THR A 100 -38.96 -4.85 39.12
N GLY A 101 -39.49 -5.80 39.89
CA GLY A 101 -40.94 -5.89 40.02
C GLY A 101 -41.56 -4.63 40.58
N ARG A 102 -40.90 -3.99 41.55
CA ARG A 102 -41.48 -2.82 42.19
C ARG A 102 -41.38 -1.57 41.32
N LEU A 103 -40.87 -1.69 40.10
CA LEU A 103 -41.02 -0.62 39.12
C LEU A 103 -42.48 -0.41 38.75
N PHE A 104 -43.33 -1.42 38.93
CA PHE A 104 -44.75 -1.24 38.65
C PHE A 104 -45.29 -0.03 39.40
N PHE A 105 -44.80 0.21 40.62
CA PHE A 105 -45.28 1.37 41.37
C PHE A 105 -44.88 2.68 40.70
N GLU A 106 -43.73 2.71 40.03
CA GLU A 106 -43.40 3.90 39.25
C GLU A 106 -44.39 4.08 38.10
N PHE A 107 -44.88 2.97 37.53
CA PHE A 107 -45.96 3.05 36.55
C PHE A 107 -47.25 3.51 37.22
N TYR A 108 -47.54 2.98 38.40
CA TYR A 108 -48.76 3.35 39.13
C TYR A 108 -48.82 4.85 39.34
N HIS A 109 -47.71 5.48 39.73
CA HIS A 109 -47.77 6.89 40.07
C HIS A 109 -47.86 7.74 38.81
N LEU A 110 -47.09 7.42 37.77
CA LEU A 110 -47.20 8.21 36.54
C LEU A 110 -48.55 8.04 35.89
N LEU A 111 -49.18 6.88 36.04
CA LEU A 111 -50.53 6.71 35.50
C LEU A 111 -51.50 7.67 36.20
N ASN A 112 -51.43 7.74 37.53
CA ASN A 112 -52.34 8.58 38.29
C ASN A 112 -52.08 10.06 38.06
N TYR A 113 -50.82 10.45 37.79
CA TYR A 113 -50.51 11.85 37.46
C TYR A 113 -51.04 12.20 36.07
N SER A 114 -51.13 11.21 35.17
CA SER A 114 -51.61 11.42 33.81
C SER A 114 -53.12 11.42 33.71
N ARG A 115 -53.82 10.93 34.73
CA ARG A 115 -55.27 10.85 34.68
C ARG A 115 -55.88 12.25 34.56
N PRO A 116 -57.05 12.36 33.94
CA PRO A 116 -57.71 13.67 33.85
C PRO A 116 -58.13 14.16 35.23
N LYS A 117 -57.99 15.48 35.44
CA LYS A 117 -58.34 16.08 36.72
C LYS A 117 -59.82 15.88 37.00
N GLU A 118 -60.18 15.81 38.28
CA GLU A 118 -61.58 15.58 38.63
C GLU A 118 -62.45 16.68 38.05
N GLY A 119 -63.31 16.30 37.11
CA GLY A 119 -64.06 17.26 36.32
C GLY A 119 -63.69 17.34 34.84
N ASP A 120 -62.86 16.42 34.33
CA ASP A 120 -62.49 16.34 32.91
C ASP A 120 -63.16 15.11 32.29
N ASP A 121 -64.09 15.35 31.35
CA ASP A 121 -64.78 14.25 30.71
C ASP A 121 -63.95 13.56 29.64
N ARG A 122 -62.82 14.14 29.25
CA ARG A 122 -62.10 13.65 28.09
C ARG A 122 -61.75 12.17 28.29
N PRO A 123 -61.77 11.38 27.21
CA PRO A 123 -61.47 9.95 27.34
C PRO A 123 -60.00 9.71 27.70
N PHE A 124 -59.77 8.63 28.46
CA PHE A 124 -58.43 8.28 28.94
C PHE A 124 -58.31 6.77 29.08
N PHE A 125 -57.44 6.16 28.29
CA PHE A 125 -57.26 4.73 28.29
C PHE A 125 -55.85 4.38 28.78
N TRP A 126 -55.72 3.20 29.39
CA TRP A 126 -54.45 2.74 29.90
C TRP A 126 -54.43 1.22 29.85
N MET A 127 -53.25 0.66 30.10
CA MET A 127 -53.02 -0.78 30.03
C MET A 127 -51.74 -1.12 30.76
N PHE A 128 -51.68 -2.32 31.31
CA PHE A 128 -50.46 -2.80 31.96
C PHE A 128 -50.36 -4.31 31.79
N GLU A 129 -49.31 -4.77 31.11
CA GLU A 129 -49.05 -6.18 30.89
C GLU A 129 -48.12 -6.71 31.98
N ASN A 130 -48.24 -7.99 32.27
CA ASN A 130 -47.31 -8.65 33.18
C ASN A 130 -47.42 -10.15 32.92
N VAL A 131 -46.39 -10.88 33.33
CA VAL A 131 -46.31 -12.31 33.02
C VAL A 131 -47.33 -13.11 33.82
N VAL A 132 -47.84 -14.20 33.24
CA VAL A 132 -48.77 -15.07 33.96
C VAL A 132 -48.06 -15.77 35.11
N ALA A 133 -46.79 -16.13 34.92
CA ALA A 133 -46.00 -16.77 35.96
C ALA A 133 -45.71 -15.79 37.08
N MET A 134 -46.59 -15.75 38.08
CA MET A 134 -46.60 -14.68 39.06
C MET A 134 -47.15 -15.23 40.36
N LYS A 135 -46.58 -14.78 41.48
CA LYS A 135 -47.10 -15.16 42.79
C LYS A 135 -48.59 -14.78 42.90
N VAL A 136 -49.40 -15.70 43.44
CA VAL A 136 -50.86 -15.51 43.51
C VAL A 136 -51.22 -14.28 44.33
N GLY A 137 -50.37 -13.90 45.29
CA GLY A 137 -50.63 -12.70 46.06
C GLY A 137 -50.22 -11.43 45.35
N ASP A 138 -49.20 -11.48 44.50
CA ASP A 138 -48.80 -10.32 43.70
C ASP A 138 -49.84 -9.95 42.67
N LYS A 139 -50.50 -10.95 42.06
CA LYS A 139 -51.59 -10.67 41.14
C LYS A 139 -52.79 -10.04 41.86
N ARG A 140 -53.15 -10.53 43.05
CA ARG A 140 -54.19 -9.87 43.83
C ARG A 140 -53.79 -8.43 44.17
N ASP A 141 -52.50 -8.21 44.47
CA ASP A 141 -52.04 -6.90 44.91
C ASP A 141 -52.12 -5.86 43.79
N ILE A 142 -51.59 -6.19 42.60
CA ILE A 142 -51.72 -5.28 41.46
C ILE A 142 -53.18 -4.98 41.18
N SER A 143 -54.03 -6.01 41.17
CA SER A 143 -55.45 -5.80 40.94
C SER A 143 -56.07 -4.93 42.01
N ARG A 144 -55.55 -5.02 43.24
CA ARG A 144 -56.01 -4.12 44.29
C ARG A 144 -55.62 -2.68 43.99
N PHE A 145 -54.40 -2.46 43.50
CA PHE A 145 -53.93 -1.11 43.21
C PHE A 145 -54.71 -0.49 42.06
N LEU A 146 -54.88 -1.24 40.99
CA LEU A 146 -55.52 -0.80 39.76
C LEU A 146 -57.04 -0.92 39.78
N GLU A 147 -57.60 -1.55 40.82
CA GLU A 147 -59.04 -1.69 40.99
C GLU A 147 -59.67 -2.40 39.80
N CYS A 148 -58.96 -3.39 39.26
CA CYS A 148 -59.28 -3.95 37.96
C CYS A 148 -58.78 -5.39 37.98
N ASN A 149 -59.54 -6.30 37.38
CA ASN A 149 -58.98 -7.65 37.34
C ASN A 149 -58.41 -7.96 35.95
N PRO A 150 -57.31 -8.70 35.88
CA PRO A 150 -56.66 -8.95 34.59
C PRO A 150 -57.42 -9.96 33.74
N VAL A 151 -57.14 -9.92 32.44
CA VAL A 151 -57.65 -10.91 31.47
C VAL A 151 -56.44 -11.61 30.86
N MET A 152 -56.39 -12.94 30.97
CA MET A 152 -55.27 -13.66 30.37
C MET A 152 -55.46 -13.80 28.87
N ILE A 153 -54.49 -13.32 28.10
CA ILE A 153 -54.50 -13.42 26.65
C ILE A 153 -53.27 -14.21 26.24
N ASP A 154 -53.47 -15.30 25.51
CA ASP A 154 -52.37 -16.14 25.02
C ASP A 154 -52.16 -15.92 23.53
N ALA A 155 -50.94 -15.51 23.16
CA ALA A 155 -50.63 -15.30 21.76
C ALA A 155 -50.85 -16.54 20.92
N ILE A 156 -50.99 -17.71 21.55
CA ILE A 156 -51.11 -18.96 20.80
C ILE A 156 -52.36 -18.96 19.90
N LYS A 157 -53.35 -18.14 20.21
CA LYS A 157 -54.53 -18.04 19.36
C LYS A 157 -54.29 -17.20 18.10
N VAL A 158 -53.24 -16.39 18.05
CA VAL A 158 -53.02 -15.43 16.97
C VAL A 158 -51.62 -15.56 16.37
N SER A 159 -50.77 -16.38 16.98
CA SER A 159 -49.40 -16.57 16.52
C SER A 159 -49.06 -18.05 16.56
N ALA A 160 -47.78 -18.36 16.43
CA ALA A 160 -47.29 -19.73 16.46
C ALA A 160 -46.49 -20.03 17.73
N ALA A 161 -46.76 -19.31 18.82
CA ALA A 161 -45.98 -19.46 20.05
C ALA A 161 -46.87 -19.29 21.27
N HIS A 162 -46.65 -20.14 22.28
CA HIS A 162 -47.33 -19.95 23.56
C HIS A 162 -46.80 -18.67 24.21
N ARG A 163 -47.69 -17.73 24.48
CA ARG A 163 -47.31 -16.52 25.22
C ARG A 163 -48.49 -16.10 26.10
N ALA A 164 -48.49 -16.60 27.33
CA ALA A 164 -49.53 -16.28 28.30
C ALA A 164 -49.15 -15.04 29.09
N ARG A 165 -49.97 -13.99 28.99
CA ARG A 165 -49.71 -12.72 29.64
C ARG A 165 -51.01 -12.19 30.23
N TYR A 166 -50.88 -11.47 31.34
CA TYR A 166 -52.01 -10.81 31.99
C TYR A 166 -52.09 -9.36 31.53
N PHE A 167 -53.32 -8.87 31.33
CA PHE A 167 -53.50 -7.51 30.85
C PHE A 167 -54.52 -6.79 31.74
N TRP A 168 -54.02 -5.92 32.63
CA TRP A 168 -54.86 -4.95 33.31
C TRP A 168 -55.09 -3.77 32.38
N GLY A 169 -56.23 -3.10 32.56
CA GLY A 169 -56.48 -1.90 31.78
C GLY A 169 -57.97 -1.67 31.62
N ASN A 170 -58.29 -0.69 30.76
CA ASN A 170 -59.67 -0.26 30.53
C ASN A 170 -59.92 0.02 29.06
N LEU A 171 -59.15 -0.61 28.18
CA LEU A 171 -59.36 -0.38 26.76
C LEU A 171 -60.70 -0.99 26.33
N PRO A 172 -61.38 -0.37 25.38
CA PRO A 172 -62.67 -0.92 24.93
C PRO A 172 -62.52 -2.34 24.41
N GLY A 173 -63.25 -3.26 25.04
CA GLY A 173 -63.23 -4.65 24.63
C GLY A 173 -61.89 -5.35 24.81
N MET A 174 -61.36 -5.33 26.03
CA MET A 174 -60.18 -6.12 26.37
C MET A 174 -60.56 -7.56 26.67
N ASN A 175 -61.51 -7.74 27.58
CA ASN A 175 -61.98 -9.05 28.01
C ASN A 175 -62.72 -9.79 26.91
N ARG A 176 -62.92 -9.16 25.77
CA ARG A 176 -63.44 -9.83 24.60
C ARG A 176 -62.57 -11.05 24.28
N PRO A 177 -63.16 -12.17 23.88
CA PRO A 177 -62.34 -13.34 23.54
C PRO A 177 -61.56 -13.14 22.23
N VAL A 178 -60.40 -13.79 22.15
CA VAL A 178 -59.46 -13.53 21.06
C VAL A 178 -59.81 -14.41 19.85
N ILE A 179 -59.85 -13.79 18.67
CA ILE A 179 -60.08 -14.48 17.41
C ILE A 179 -58.99 -14.08 16.42
N ALA A 180 -58.65 -15.00 15.51
CA ALA A 180 -57.53 -14.81 14.60
C ALA A 180 -57.96 -14.05 13.35
N SER A 181 -56.99 -13.35 12.74
CA SER A 181 -57.19 -12.63 11.49
C SER A 181 -56.72 -13.47 10.30
N LYS A 182 -57.09 -13.01 9.09
CA LYS A 182 -56.76 -13.72 7.85
C LYS A 182 -55.27 -13.69 7.54
N ASN A 183 -54.53 -12.70 8.05
CA ASN A 183 -53.10 -12.57 7.77
C ASN A 183 -52.21 -13.06 8.91
N ASP A 184 -52.79 -13.46 10.04
CA ASP A 184 -51.98 -13.97 11.13
C ASP A 184 -51.35 -15.30 10.75
N LYS A 185 -50.05 -15.45 11.03
CA LYS A 185 -49.30 -16.65 10.70
C LYS A 185 -49.36 -17.58 11.91
N LEU A 186 -50.31 -18.52 11.90
CA LEU A 186 -50.67 -19.27 13.10
C LEU A 186 -49.78 -20.48 13.36
N GLU A 187 -49.22 -21.10 12.32
CA GLU A 187 -48.37 -22.27 12.51
C GLU A 187 -46.94 -21.97 12.12
N LEU A 188 -46.01 -22.75 12.70
CA LEU A 188 -44.59 -22.44 12.62
C LEU A 188 -44.09 -22.42 11.18
N GLN A 189 -44.62 -23.30 10.34
CA GLN A 189 -44.20 -23.35 8.93
C GLN A 189 -44.57 -22.10 8.14
N ASP A 190 -45.45 -21.26 8.67
CA ASP A 190 -45.78 -19.97 8.05
C ASP A 190 -44.76 -18.89 8.39
N CYS A 191 -43.93 -19.10 9.42
CA CYS A 191 -42.91 -18.16 9.86
C CYS A 191 -41.51 -18.53 9.38
N LEU A 192 -41.32 -19.73 8.86
CA LEU A 192 -40.00 -20.20 8.45
C LEU A 192 -39.64 -19.68 7.05
N GLU A 193 -38.33 -19.64 6.79
CA GLU A 193 -37.81 -19.28 5.48
C GLU A 193 -37.86 -20.48 4.56
N TYR A 194 -37.21 -20.38 3.40
CA TYR A 194 -37.28 -21.46 2.41
C TYR A 194 -36.49 -22.69 2.87
N ASN A 195 -36.93 -23.85 2.41
CA ASN A 195 -36.27 -25.15 2.59
C ASN A 195 -36.19 -25.58 4.05
N ARG A 196 -37.01 -25.00 4.92
CA ARG A 196 -37.00 -25.32 6.34
C ARG A 196 -38.33 -25.96 6.72
N ILE A 197 -38.26 -27.12 7.38
CA ILE A 197 -39.45 -27.85 7.82
C ILE A 197 -39.54 -27.74 9.34
N ALA A 198 -40.72 -27.42 9.83
CA ALA A 198 -40.95 -27.32 11.26
C ALA A 198 -41.38 -28.67 11.81
N LYS A 199 -40.59 -29.21 12.75
CA LYS A 199 -40.98 -30.42 13.45
C LYS A 199 -42.24 -30.19 14.30
N LEU A 200 -42.48 -28.94 14.69
CA LEU A 200 -43.61 -28.56 15.53
C LEU A 200 -44.55 -27.64 14.78
N LYS A 201 -45.71 -27.41 15.38
CA LYS A 201 -46.65 -26.43 14.89
C LYS A 201 -46.77 -25.21 15.80
N LYS A 202 -46.47 -25.37 17.09
CA LYS A 202 -46.54 -24.31 18.09
C LYS A 202 -45.30 -24.38 18.97
N VAL A 203 -44.55 -23.27 19.05
CA VAL A 203 -43.32 -23.23 19.85
C VAL A 203 -43.68 -22.94 21.31
N GLN A 204 -42.90 -23.50 22.24
CA GLN A 204 -43.06 -23.18 23.66
C GLN A 204 -42.65 -21.73 23.92
N THR A 205 -42.97 -21.25 25.12
CA THR A 205 -42.78 -19.83 25.46
C THR A 205 -41.33 -19.42 25.26
N ILE A 206 -41.14 -18.23 24.68
CA ILE A 206 -39.82 -17.72 24.32
C ILE A 206 -39.38 -16.73 25.38
N THR A 207 -38.11 -16.83 25.81
CA THR A 207 -37.53 -15.87 26.75
C THR A 207 -36.26 -15.28 26.14
N THR A 208 -35.52 -14.50 26.92
CA THR A 208 -34.27 -13.92 26.42
C THR A 208 -33.18 -14.98 26.25
N LYS A 209 -33.06 -15.90 27.21
CA LYS A 209 -32.06 -16.95 27.14
C LYS A 209 -32.28 -17.84 25.92
N SER A 210 -31.18 -18.34 25.35
CA SER A 210 -31.23 -19.12 24.12
C SER A 210 -31.95 -20.47 24.28
N ASN A 211 -32.08 -20.97 25.51
CA ASN A 211 -32.73 -22.26 25.75
C ASN A 211 -34.23 -22.26 25.49
N SER A 212 -34.83 -21.11 25.15
CA SER A 212 -36.24 -21.06 24.81
C SER A 212 -36.55 -21.75 23.48
N ILE A 213 -35.54 -21.96 22.64
CA ILE A 213 -35.76 -22.54 21.31
C ILE A 213 -35.83 -24.06 21.38
N LYS A 214 -35.01 -24.68 22.23
CA LYS A 214 -35.04 -26.13 22.40
C LYS A 214 -36.26 -26.51 23.24
N GLN A 215 -37.11 -27.39 22.69
CA GLN A 215 -38.36 -27.77 23.36
C GLN A 215 -38.10 -28.85 24.41
N GLY A 216 -38.53 -28.59 25.64
CA GLY A 216 -38.23 -29.45 26.78
C GLY A 216 -38.57 -30.92 26.64
N GLN A 219 -35.01 -31.18 24.83
CA GLN A 219 -34.30 -30.07 24.20
C GLN A 219 -34.19 -30.26 22.67
N LEU A 220 -35.34 -30.39 22.00
CA LEU A 220 -35.41 -30.67 20.57
C LEU A 220 -35.40 -29.39 19.74
N PHE A 221 -34.53 -29.33 18.73
CA PHE A 221 -34.51 -28.21 17.79
C PHE A 221 -35.79 -28.20 16.97
N PRO A 222 -36.40 -27.03 16.76
CA PRO A 222 -37.74 -26.99 16.14
C PRO A 222 -37.75 -27.12 14.63
N VAL A 223 -36.65 -26.75 13.97
CA VAL A 223 -36.60 -26.67 12.51
C VAL A 223 -35.57 -27.67 11.99
N VAL A 224 -35.89 -28.28 10.85
CA VAL A 224 -35.03 -29.25 10.17
C VAL A 224 -34.77 -28.73 8.76
N MET A 225 -33.49 -28.54 8.42
CA MET A 225 -33.06 -28.14 7.08
C MET A 225 -31.93 -29.06 6.62
N ASN A 226 -32.07 -29.59 5.40
CA ASN A 226 -31.10 -30.51 4.81
C ASN A 226 -30.86 -31.72 5.72
N GLY A 227 -31.93 -32.20 6.36
CA GLY A 227 -31.83 -33.31 7.30
C GLY A 227 -31.14 -32.99 8.62
N LYS A 228 -30.52 -31.82 8.74
CA LYS A 228 -29.86 -31.39 9.97
C LYS A 228 -30.76 -30.40 10.68
N GLU A 229 -31.12 -30.71 11.93
CA GLU A 229 -32.00 -29.83 12.69
C GLU A 229 -31.26 -28.58 13.15
N ASP A 230 -32.00 -27.47 13.20
CA ASP A 230 -31.40 -26.17 13.48
C ASP A 230 -32.35 -25.39 14.39
N VAL A 231 -31.79 -24.44 15.13
CA VAL A 231 -32.58 -23.50 15.94
C VAL A 231 -33.23 -22.47 15.03
N LEU A 232 -34.13 -21.66 15.59
CA LEU A 232 -34.79 -20.64 14.79
C LEU A 232 -33.82 -19.52 14.45
N TRP A 233 -33.93 -19.01 13.22
CA TRP A 233 -33.21 -17.79 12.86
C TRP A 233 -33.93 -16.56 13.41
N CYS A 234 -33.23 -15.43 13.40
CA CYS A 234 -33.77 -14.20 13.94
C CYS A 234 -34.99 -13.73 13.15
N THR A 235 -34.89 -13.71 11.80
CA THR A 235 -36.03 -13.28 10.99
C THR A 235 -37.26 -14.14 11.23
N GLU A 236 -37.07 -15.38 11.70
CA GLU A 236 -38.21 -16.23 12.02
C GLU A 236 -38.83 -15.88 13.36
N LEU A 237 -38.04 -15.38 14.32
CA LEU A 237 -38.60 -14.87 15.57
C LEU A 237 -39.43 -13.61 15.32
N GLU A 238 -38.94 -12.70 14.47
CA GLU A 238 -39.72 -11.52 14.13
C GLU A 238 -41.09 -11.89 13.54
N ARG A 239 -41.16 -12.98 12.76
CA ARG A 239 -42.44 -13.41 12.21
C ARG A 239 -43.32 -14.06 13.26
N ILE A 240 -42.72 -14.79 14.22
CA ILE A 240 -43.49 -15.47 15.25
C ILE A 240 -44.17 -14.45 16.15
N PHE A 241 -43.53 -13.33 16.42
CA PHE A 241 -44.12 -12.28 17.24
C PHE A 241 -44.95 -11.29 16.45
N GLY A 242 -45.00 -11.41 15.13
CA GLY A 242 -45.75 -10.48 14.32
C GLY A 242 -45.03 -9.18 14.01
N PHE A 243 -43.77 -9.06 14.39
CA PHE A 243 -43.03 -7.89 13.99
C PHE A 243 -42.73 -7.98 12.50
N PRO A 244 -42.61 -6.85 11.82
CA PRO A 244 -42.15 -6.88 10.44
C PRO A 244 -40.79 -7.57 10.34
N VAL A 245 -40.55 -8.25 9.22
CA VAL A 245 -39.27 -8.92 9.05
C VAL A 245 -38.17 -7.87 8.93
N HIS A 246 -37.01 -8.17 9.55
CA HIS A 246 -35.86 -7.26 9.58
C HIS A 246 -36.16 -6.00 10.39
N TYR A 247 -37.11 -6.12 11.33
CA TYR A 247 -37.41 -5.01 12.24
C TYR A 247 -36.29 -4.78 13.23
N THR A 248 -35.57 -5.83 13.61
CA THR A 248 -34.50 -5.67 14.58
C THR A 248 -33.11 -5.65 13.96
N ASP A 249 -32.99 -5.67 12.63
CA ASP A 249 -31.67 -5.65 11.98
C ASP A 249 -31.15 -4.20 12.03
N VAL A 250 -30.70 -3.80 13.22
CA VAL A 250 -30.35 -2.41 13.50
C VAL A 250 -29.15 -2.38 14.45
N SER A 251 -28.20 -1.50 14.16
CA SER A 251 -27.08 -1.17 15.04
C SER A 251 -26.19 -2.39 15.28
N ASN A 252 -25.95 -3.17 14.23
CA ASN A 252 -25.00 -4.29 14.23
C ASN A 252 -25.33 -5.33 15.31
N MET A 253 -26.61 -5.53 15.57
CA MET A 253 -27.01 -6.51 16.57
C MET A 253 -26.94 -7.93 16.02
N GLY A 254 -26.30 -8.82 16.79
CA GLY A 254 -26.30 -10.25 16.48
C GLY A 254 -27.40 -10.98 17.21
N ARG A 255 -27.29 -12.33 17.21
N ARG A 255 -27.30 -12.32 17.21
CA ARG A 255 -28.30 -13.16 17.83
CA ARG A 255 -28.36 -13.12 17.83
C ARG A 255 -28.48 -12.82 19.31
C ARG A 255 -28.50 -12.82 19.31
N GLY A 256 -27.45 -12.29 19.95
CA GLY A 256 -27.53 -12.02 21.38
C GLY A 256 -28.59 -11.01 21.71
N ALA A 257 -28.55 -9.85 21.04
CA ALA A 257 -29.52 -8.80 21.34
C ALA A 257 -30.88 -9.09 20.72
N ARG A 258 -30.92 -9.54 19.46
CA ARG A 258 -32.20 -9.75 18.79
C ARG A 258 -33.10 -10.69 19.58
N GLN A 259 -32.57 -11.83 20.00
CA GLN A 259 -33.37 -12.75 20.80
C GLN A 259 -33.69 -12.16 22.17
N LYS A 260 -32.80 -11.35 22.72
CA LYS A 260 -33.08 -10.68 24.00
C LYS A 260 -34.22 -9.68 23.87
N LEU A 261 -34.19 -8.82 22.84
CA LEU A 261 -35.25 -7.83 22.67
C LEU A 261 -36.58 -8.48 22.35
N LEU A 262 -36.58 -9.48 21.46
CA LEU A 262 -37.83 -10.13 21.08
C LEU A 262 -38.35 -11.04 22.18
N GLY A 263 -37.47 -11.65 22.96
CA GLY A 263 -37.92 -12.52 24.03
C GLY A 263 -38.73 -11.78 25.09
N ARG A 264 -38.37 -10.52 25.35
CA ARG A 264 -39.09 -9.66 26.28
C ARG A 264 -40.27 -8.93 25.65
N SER A 265 -40.46 -9.05 24.34
CA SER A 265 -41.36 -8.20 23.56
C SER A 265 -42.83 -8.60 23.74
N TRP A 266 -43.72 -7.76 23.21
CA TRP A 266 -45.14 -8.08 23.13
C TRP A 266 -45.42 -8.81 21.81
N SER A 267 -46.41 -9.70 21.84
CA SER A 267 -46.91 -10.30 20.61
C SER A 267 -47.75 -9.26 19.86
N VAL A 268 -47.28 -8.88 18.67
CA VAL A 268 -47.94 -7.79 17.93
C VAL A 268 -49.41 -8.09 17.64
N PRO A 269 -49.80 -9.28 17.16
CA PRO A 269 -51.24 -9.53 16.95
C PRO A 269 -52.07 -9.43 18.22
N VAL A 270 -51.46 -9.52 19.41
CA VAL A 270 -52.20 -9.35 20.66
C VAL A 270 -52.43 -7.87 20.97
N ILE A 271 -51.38 -7.05 20.81
CA ILE A 271 -51.50 -5.62 21.06
C ILE A 271 -52.37 -4.96 20.01
N ARG A 272 -52.41 -5.51 18.80
CA ARG A 272 -53.35 -5.01 17.81
C ARG A 272 -54.78 -5.32 18.22
N HIS A 273 -55.01 -6.49 18.82
CA HIS A 273 -56.35 -6.84 19.29
C HIS A 273 -56.89 -5.81 20.26
N LEU A 274 -56.04 -5.30 21.16
CA LEU A 274 -56.48 -4.37 22.19
C LEU A 274 -56.57 -2.93 21.67
N PHE A 275 -55.69 -2.52 20.76
CA PHE A 275 -55.66 -1.15 20.27
C PHE A 275 -56.61 -0.92 19.11
N ALA A 276 -57.14 -1.98 18.50
CA ALA A 276 -58.01 -1.81 17.34
C ALA A 276 -59.24 -0.94 17.62
N PRO A 277 -59.96 -1.05 18.74
CA PRO A 277 -61.08 -0.15 18.99
C PRO A 277 -60.69 1.29 19.30
N LEU A 278 -59.41 1.64 19.41
CA LEU A 278 -59.03 3.03 19.66
C LEU A 278 -59.19 3.90 18.42
N LYS A 279 -59.34 3.29 17.23
CA LYS A 279 -59.69 4.06 16.04
C LYS A 279 -61.01 4.82 16.20
N ASP A 280 -61.86 4.39 17.14
CA ASP A 280 -63.14 5.04 17.36
C ASP A 280 -63.03 6.37 18.08
N TYR A 281 -61.93 6.62 18.79
CA TYR A 281 -61.83 7.76 19.69
C TYR A 281 -60.81 8.80 19.26
N PHE A 282 -59.95 8.50 18.27
CA PHE A 282 -58.91 9.42 17.83
C PHE A 282 -58.87 9.45 16.31
N ALA A 283 -58.11 10.40 15.78
CA ALA A 283 -57.99 10.57 14.34
C ALA A 283 -57.34 9.34 13.70
N CYS A 284 -57.77 9.00 12.48
CA CYS A 284 -57.20 7.89 11.71
C CYS A 284 -56.98 8.28 10.26
N GLU A 285 -55.79 7.97 9.75
CA GLU A 285 -55.42 8.12 8.34
C GLU A 285 -54.00 7.57 8.13
N ALA B 1 -31.50 51.92 7.22
CA ALA B 1 -32.95 51.80 7.31
C ALA B 1 -33.40 51.28 8.70
N ALA B 2 -34.64 51.60 9.11
CA ALA B 2 -35.16 51.29 10.44
C ALA B 2 -36.27 50.24 10.43
N ARG B 3 -36.44 49.49 9.33
CA ARG B 3 -37.30 48.29 9.27
C ARG B 3 -36.49 47.02 9.57
N ARG B 4 -35.75 47.01 10.68
CA ARG B 4 -34.76 45.96 10.97
C ARG B 4 -35.43 44.76 11.63
N ARG B 5 -34.62 43.82 12.12
CA ARG B 5 -35.13 42.57 12.67
C ARG B 5 -34.10 42.03 13.67
N PRO B 6 -34.52 41.11 14.56
CA PRO B 6 -33.56 40.51 15.51
C PRO B 6 -32.44 39.76 14.80
N ILE B 7 -31.27 39.75 15.46
CA ILE B 7 -30.04 39.19 14.89
C ILE B 7 -30.03 37.68 15.11
N ARG B 8 -29.36 36.96 14.21
CA ARG B 8 -29.21 35.51 14.28
C ARG B 8 -27.73 35.19 14.29
N VAL B 9 -27.26 34.55 15.35
CA VAL B 9 -25.83 34.38 15.60
C VAL B 9 -25.45 32.91 15.48
N LEU B 10 -24.26 32.65 14.95
CA LEU B 10 -23.61 31.36 15.04
C LEU B 10 -22.25 31.58 15.69
N SER B 11 -22.07 31.08 16.91
CA SER B 11 -20.80 31.22 17.63
C SER B 11 -20.15 29.85 17.76
N LEU B 12 -19.01 29.69 17.11
CA LEU B 12 -18.18 28.50 17.23
C LEU B 12 -17.14 28.73 18.32
N PHE B 13 -16.87 27.68 19.10
CA PHE B 13 -16.02 27.77 20.30
C PHE B 13 -16.58 28.78 21.30
N ASP B 14 -17.82 28.54 21.72
CA ASP B 14 -18.61 29.60 22.36
C ASP B 14 -18.12 29.90 23.77
N GLY B 15 -17.52 28.94 24.46
CA GLY B 15 -17.05 29.21 25.81
C GLY B 15 -18.21 29.45 26.77
N ILE B 16 -18.15 30.55 27.52
CA ILE B 16 -19.16 30.85 28.54
C ILE B 16 -20.15 31.85 27.97
N ALA B 17 -20.30 31.84 26.64
CA ALA B 17 -21.34 32.59 25.93
C ALA B 17 -21.14 34.10 26.07
N THR B 18 -19.90 34.53 25.93
CA THR B 18 -19.63 35.97 25.98
C THR B 18 -20.40 36.70 24.90
N GLY B 19 -20.56 36.05 23.74
CA GLY B 19 -21.28 36.68 22.65
C GLY B 19 -22.71 37.00 23.01
N TYR B 20 -23.45 36.00 23.50
CA TYR B 20 -24.85 36.24 23.88
C TYR B 20 -24.95 37.26 25.00
N LEU B 21 -23.92 37.35 25.84
CA LEU B 21 -23.94 38.29 26.95
C LEU B 21 -23.76 39.72 26.46
N VAL B 22 -22.77 39.94 25.59
CA VAL B 22 -22.51 41.28 25.08
C VAL B 22 -23.67 41.78 24.23
N LEU B 23 -24.22 40.93 23.37
CA LEU B 23 -25.33 41.37 22.55
C LEU B 23 -26.52 41.80 23.40
N LYS B 24 -26.82 41.06 24.46
CA LYS B 24 -27.97 41.42 25.29
C LYS B 24 -27.72 42.72 26.05
N GLU B 25 -26.47 42.95 26.50
CA GLU B 25 -26.13 44.19 27.19
C GLU B 25 -26.28 45.41 26.28
N LEU B 26 -25.98 45.25 24.98
CA LEU B 26 -26.16 46.34 24.03
C LEU B 26 -27.63 46.58 23.72
N GLY B 27 -28.52 45.74 24.21
CA GLY B 27 -29.93 45.84 23.93
C GLY B 27 -30.37 45.27 22.61
N ILE B 28 -29.44 44.74 21.81
CA ILE B 28 -29.81 44.09 20.55
C ILE B 28 -30.75 42.94 20.84
N LYS B 29 -31.80 42.81 20.03
CA LYS B 29 -32.74 41.71 20.18
C LYS B 29 -32.13 40.47 19.54
N VAL B 30 -31.80 39.46 20.34
CA VAL B 30 -31.18 38.24 19.82
C VAL B 30 -32.27 37.25 19.47
N GLY B 31 -32.41 36.96 18.17
CA GLY B 31 -33.41 36.02 17.70
C GLY B 31 -33.03 34.56 17.84
N LYS B 32 -31.78 34.24 17.47
CA LYS B 32 -31.28 32.87 17.58
C LYS B 32 -29.79 32.93 17.87
N TYR B 33 -29.31 32.01 18.70
CA TYR B 33 -27.90 31.92 19.06
C TYR B 33 -27.52 30.45 19.04
N VAL B 34 -26.87 30.01 17.97
CA VAL B 34 -26.39 28.64 17.85
C VAL B 34 -24.93 28.61 18.26
N ALA B 35 -24.62 27.84 19.31
CA ALA B 35 -23.30 27.82 19.93
C ALA B 35 -22.69 26.44 19.81
N SER B 36 -21.45 26.35 19.32
CA SER B 36 -20.72 25.09 19.32
C SER B 36 -19.70 25.15 20.44
N GLU B 37 -19.77 24.18 21.34
CA GLU B 37 -18.87 24.08 22.47
C GLU B 37 -19.00 22.66 23.03
N VAL B 38 -17.90 22.15 23.57
CA VAL B 38 -17.86 20.76 24.05
C VAL B 38 -17.53 20.64 25.53
N CYS B 39 -17.13 21.74 26.20
CA CYS B 39 -16.90 21.75 27.64
C CYS B 39 -18.24 21.77 28.38
N GLU B 40 -18.57 20.68 29.07
CA GLU B 40 -19.85 20.59 29.78
C GLU B 40 -19.96 21.65 30.85
N GLU B 41 -18.86 22.00 31.51
CA GLU B 41 -18.86 23.12 32.45
C GLU B 41 -19.19 24.43 31.74
N SER B 42 -18.55 24.69 30.59
CA SER B 42 -18.85 25.93 29.87
C SER B 42 -20.30 25.96 29.40
N ILE B 43 -20.82 24.83 28.93
CA ILE B 43 -22.20 24.79 28.45
C ILE B 43 -23.16 25.12 29.59
N ALA B 44 -22.84 24.67 30.80
CA ALA B 44 -23.71 24.95 31.95
C ALA B 44 -23.85 26.44 32.18
N VAL B 45 -22.75 27.19 32.05
CA VAL B 45 -22.79 28.64 32.29
C VAL B 45 -23.77 29.31 31.34
N GLY B 46 -23.65 29.04 30.04
CA GLY B 46 -24.55 29.65 29.09
C GLY B 46 -25.96 29.10 29.16
N THR B 47 -26.10 27.85 29.59
CA THR B 47 -27.43 27.25 29.70
C THR B 47 -28.20 27.85 30.87
N VAL B 48 -27.55 28.00 32.01
CA VAL B 48 -28.22 28.51 33.20
C VAL B 48 -28.33 30.04 33.14
N LYS B 49 -27.23 30.73 32.89
CA LYS B 49 -27.22 32.19 32.95
C LYS B 49 -28.11 32.84 31.89
N HIS B 50 -28.49 32.11 30.84
CA HIS B 50 -29.33 32.66 29.80
C HIS B 50 -30.61 31.86 29.59
N GLU B 51 -30.89 30.90 30.47
CA GLU B 51 -32.15 30.16 30.47
C GLU B 51 -32.42 29.47 29.14
N GLY B 52 -31.35 28.95 28.53
CA GLY B 52 -31.47 28.10 27.37
C GLY B 52 -31.92 28.80 26.10
N ASN B 53 -31.85 30.12 26.04
CA ASN B 53 -32.08 30.79 24.76
C ASN B 53 -30.97 30.44 23.76
N ILE B 54 -29.79 30.08 24.26
CA ILE B 54 -28.70 29.59 23.42
C ILE B 54 -28.99 28.15 23.02
N LYS B 55 -28.85 27.86 21.73
CA LYS B 55 -29.00 26.51 21.20
C LYS B 55 -27.60 25.94 21.03
N TYR B 56 -27.24 24.99 21.88
CA TYR B 56 -25.94 24.35 21.78
C TYR B 56 -26.01 23.26 20.72
N VAL B 57 -24.84 22.93 20.14
CA VAL B 57 -24.83 21.76 19.28
C VAL B 57 -23.85 20.71 19.81
N ASN B 58 -22.57 20.87 19.48
CA ASN B 58 -21.51 19.93 19.87
C ASN B 58 -20.26 20.28 19.09
N ASP B 59 -19.25 19.41 19.19
CA ASP B 59 -18.02 19.50 18.42
C ASP B 59 -18.25 20.07 17.02
N VAL B 60 -17.51 21.15 16.71
CA VAL B 60 -17.71 21.88 15.46
C VAL B 60 -17.40 20.97 14.26
N ARG B 61 -16.55 19.95 14.45
CA ARG B 61 -16.17 19.08 13.36
C ARG B 61 -17.33 18.25 12.83
N ASN B 62 -18.41 18.10 13.60
CA ASN B 62 -19.61 17.40 13.17
C ASN B 62 -20.72 18.34 12.72
N ILE B 63 -20.37 19.55 12.28
CA ILE B 63 -21.34 20.49 11.73
C ILE B 63 -21.23 20.45 10.22
N THR B 64 -22.36 20.27 9.54
CA THR B 64 -22.40 20.07 8.10
C THR B 64 -23.11 21.24 7.43
N LYS B 65 -22.96 21.32 6.11
CA LYS B 65 -23.64 22.36 5.35
C LYS B 65 -25.14 22.24 5.50
N LYS B 66 -25.65 21.00 5.58
CA LYS B 66 -27.07 20.79 5.76
C LYS B 66 -27.55 21.40 7.07
N ASN B 67 -26.72 21.37 8.10
CA ASN B 67 -27.06 22.02 9.37
C ASN B 67 -27.12 23.53 9.21
N ILE B 68 -26.16 24.13 8.49
CA ILE B 68 -26.14 25.58 8.38
C ILE B 68 -27.34 26.10 7.61
N GLU B 69 -27.90 25.30 6.71
CA GLU B 69 -29.09 25.77 6.00
C GLU B 69 -30.34 25.61 6.86
N GLU B 70 -30.42 24.55 7.66
CA GLU B 70 -31.57 24.36 8.53
C GLU B 70 -31.57 25.39 9.66
N TRP B 71 -30.43 25.51 10.36
CA TRP B 71 -30.32 26.41 11.50
C TRP B 71 -30.32 27.86 11.08
N GLY B 72 -29.74 28.17 9.92
CA GLY B 72 -29.67 29.53 9.43
C GLY B 72 -31.00 30.02 8.92
N PRO B 73 -31.00 31.15 8.20
CA PRO B 73 -29.82 31.97 7.89
C PRO B 73 -29.18 32.63 9.12
N PHE B 74 -27.94 33.10 8.97
CA PHE B 74 -27.17 33.70 10.06
C PHE B 74 -26.76 35.12 9.67
N ASP B 75 -26.94 36.06 10.61
CA ASP B 75 -26.51 37.43 10.42
C ASP B 75 -25.09 37.67 10.94
N LEU B 76 -24.63 36.82 11.86
CA LEU B 76 -23.34 36.99 12.49
C LEU B 76 -22.73 35.63 12.76
N VAL B 77 -21.49 35.44 12.33
CA VAL B 77 -20.76 34.21 12.56
C VAL B 77 -19.50 34.64 13.28
N ILE B 78 -19.24 34.09 14.45
CA ILE B 78 -18.05 34.49 15.18
C ILE B 78 -17.39 33.31 15.86
N GLY B 79 -16.08 33.38 16.03
CA GLY B 79 -15.37 32.31 16.68
C GLY B 79 -14.12 32.77 17.39
N GLY B 80 -13.70 32.02 18.39
CA GLY B 80 -12.49 32.33 19.13
C GLY B 80 -11.63 31.09 19.10
N SER B 81 -10.39 31.21 18.67
CA SER B 81 -9.53 30.03 18.61
C SER B 81 -9.09 29.54 19.96
N PRO B 82 -8.98 28.22 20.10
CA PRO B 82 -8.48 27.65 21.34
C PRO B 82 -7.04 28.13 21.43
N CYS B 83 -6.71 28.70 22.57
CA CYS B 83 -5.42 29.38 22.80
C CYS B 83 -4.22 28.41 22.84
N LYS B 94 1.31 24.66 19.27
CA LYS B 94 1.76 23.85 18.14
C LYS B 94 1.61 24.64 16.83
N GLY B 95 1.00 25.81 16.92
CA GLY B 95 0.74 26.63 15.74
C GLY B 95 -0.58 26.28 15.07
N LEU B 96 -0.71 26.78 13.83
CA LEU B 96 -1.97 26.70 13.09
C LEU B 96 -2.21 25.30 12.54
N TYR B 97 -1.32 24.84 11.65
CA TYR B 97 -1.51 23.59 10.92
C TYR B 97 -1.34 22.36 11.80
N GLU B 98 -1.00 22.53 13.07
CA GLU B 98 -0.81 21.43 14.01
C GLU B 98 -1.91 21.47 15.08
N GLY B 99 -2.57 20.33 15.27
CA GLY B 99 -3.39 20.13 16.46
C GLY B 99 -4.58 21.06 16.58
N THR B 100 -4.69 21.68 17.76
CA THR B 100 -5.88 22.47 18.11
C THR B 100 -6.04 23.67 17.19
N GLY B 101 -4.91 24.25 16.75
CA GLY B 101 -5.00 25.45 15.93
C GLY B 101 -5.73 25.24 14.62
N ARG B 102 -5.62 24.04 14.02
CA ARG B 102 -6.20 23.79 12.71
C ARG B 102 -7.72 23.66 12.76
N LEU B 103 -8.33 23.73 13.95
CA LEU B 103 -9.78 23.87 14.06
C LEU B 103 -10.25 25.18 13.49
N PHE B 104 -9.34 26.15 13.30
CA PHE B 104 -9.67 27.38 12.57
C PHE B 104 -10.31 27.05 11.22
N PHE B 105 -9.84 25.98 10.57
CA PHE B 105 -10.37 25.65 9.25
C PHE B 105 -11.82 25.19 9.34
N GLU B 106 -12.19 24.45 10.39
CA GLU B 106 -13.60 24.12 10.58
C GLU B 106 -14.44 25.40 10.71
N PHE B 107 -13.85 26.45 11.31
CA PHE B 107 -14.52 27.75 11.32
C PHE B 107 -14.53 28.37 9.90
N TYR B 108 -13.40 28.27 9.18
CA TYR B 108 -13.32 28.86 7.85
C TYR B 108 -14.37 28.28 6.92
N HIS B 109 -14.64 26.97 7.01
CA HIS B 109 -15.65 26.35 6.15
C HIS B 109 -17.07 26.74 6.54
N LEU B 110 -17.40 26.65 7.83
CA LEU B 110 -18.76 26.99 8.27
C LEU B 110 -19.08 28.45 7.97
N LEU B 111 -18.09 29.34 8.02
CA LEU B 111 -18.32 30.71 7.63
C LEU B 111 -18.73 30.80 6.17
N ASN B 112 -17.93 30.21 5.26
CA ASN B 112 -18.23 30.28 3.84
C ASN B 112 -19.54 29.56 3.51
N TYR B 113 -19.87 28.50 4.26
CA TYR B 113 -21.15 27.83 4.06
C TYR B 113 -22.30 28.74 4.41
N SER B 114 -22.09 29.68 5.36
CA SER B 114 -23.14 30.56 5.88
C SER B 114 -23.24 31.88 5.13
N ARG B 115 -22.17 32.31 4.45
CA ARG B 115 -22.18 33.57 3.73
C ARG B 115 -23.33 33.64 2.75
N PRO B 116 -23.90 34.82 2.54
CA PRO B 116 -24.99 34.95 1.56
C PRO B 116 -24.48 34.65 0.16
N LYS B 117 -25.30 33.92 -0.60
CA LYS B 117 -25.06 33.75 -2.02
C LYS B 117 -24.86 35.12 -2.66
N GLU B 118 -23.86 35.22 -3.54
CA GLU B 118 -23.55 36.50 -4.17
C GLU B 118 -24.75 36.98 -5.00
N GLY B 119 -25.00 38.28 -4.93
CA GLY B 119 -26.25 38.85 -5.37
C GLY B 119 -27.26 39.11 -4.27
N ASP B 120 -27.07 38.54 -3.07
CA ASP B 120 -27.93 38.80 -1.92
C ASP B 120 -27.37 39.97 -1.12
N ASP B 121 -28.03 41.11 -1.21
CA ASP B 121 -27.56 42.34 -0.56
C ASP B 121 -27.83 42.34 0.96
N ARG B 122 -28.27 41.22 1.54
CA ARG B 122 -28.59 41.20 2.96
C ARG B 122 -27.32 41.34 3.80
N PRO B 123 -27.43 41.95 4.98
CA PRO B 123 -26.22 42.19 5.79
C PRO B 123 -25.67 40.89 6.36
N PHE B 124 -24.36 40.84 6.50
CA PHE B 124 -23.69 39.63 7.00
C PHE B 124 -22.36 40.03 7.60
N PHE B 125 -22.19 39.80 8.90
CA PHE B 125 -20.97 40.15 9.60
C PHE B 125 -20.35 38.92 10.22
N TRP B 126 -19.04 38.98 10.46
CA TRP B 126 -18.33 37.87 11.06
C TRP B 126 -17.08 38.39 11.75
N MET B 127 -16.47 37.52 12.55
CA MET B 127 -15.30 37.86 13.34
C MET B 127 -14.59 36.59 13.76
N PHE B 128 -13.26 36.67 13.84
CA PHE B 128 -12.43 35.61 14.38
C PHE B 128 -11.33 36.19 15.25
N GLU B 129 -11.20 35.66 16.46
CA GLU B 129 -10.18 36.10 17.41
C GLU B 129 -9.12 35.03 17.56
N ASN B 130 -7.85 35.47 17.63
CA ASN B 130 -6.76 34.56 17.96
C ASN B 130 -5.72 35.35 18.74
N VAL B 131 -4.82 34.62 19.41
CA VAL B 131 -3.85 35.22 20.33
C VAL B 131 -2.74 35.93 19.57
N VAL B 132 -2.18 36.99 20.19
CA VAL B 132 -1.06 37.73 19.61
C VAL B 132 0.20 36.87 19.60
N ALA B 133 0.40 36.08 20.66
CA ALA B 133 1.55 35.15 20.73
C ALA B 133 1.30 34.02 19.75
N MET B 134 1.58 34.32 18.48
CA MET B 134 1.24 33.45 17.37
C MET B 134 2.44 33.41 16.42
N LYS B 135 2.62 32.28 15.76
CA LYS B 135 3.69 32.18 14.77
C LYS B 135 3.55 33.29 13.73
N VAL B 136 4.66 34.00 13.48
CA VAL B 136 4.63 35.14 12.56
C VAL B 136 4.14 34.70 11.18
N GLY B 137 4.45 33.47 10.78
CA GLY B 137 3.94 32.96 9.52
C GLY B 137 2.47 32.58 9.58
N ASP B 138 2.02 32.03 10.71
CA ASP B 138 0.62 31.65 10.85
C ASP B 138 -0.28 32.87 10.78
N LYS B 139 0.15 33.99 11.36
CA LYS B 139 -0.66 35.20 11.33
C LYS B 139 -0.91 35.67 9.89
N ARG B 140 0.11 35.60 9.04
CA ARG B 140 -0.06 36.02 7.66
C ARG B 140 -1.01 35.08 6.90
N ASP B 141 -0.91 33.78 7.16
CA ASP B 141 -1.76 32.80 6.48
C ASP B 141 -3.23 32.99 6.81
N ILE B 142 -3.55 33.27 8.09
CA ILE B 142 -4.94 33.54 8.47
C ILE B 142 -5.46 34.77 7.76
N SER B 143 -4.61 35.80 7.62
CA SER B 143 -4.99 36.99 6.89
C SER B 143 -5.23 36.68 5.42
N ARG B 144 -4.49 35.69 4.89
CA ARG B 144 -4.71 35.28 3.50
C ARG B 144 -6.04 34.55 3.33
N PHE B 145 -6.38 33.66 4.28
CA PHE B 145 -7.63 32.93 4.17
C PHE B 145 -8.83 33.87 4.28
N LEU B 146 -8.82 34.71 5.31
CA LEU B 146 -9.95 35.56 5.63
C LEU B 146 -10.03 36.81 4.76
N GLU B 147 -8.99 37.07 3.96
CA GLU B 147 -8.91 38.23 3.06
C GLU B 147 -9.08 39.54 3.85
N CYS B 148 -8.23 39.69 4.86
CA CYS B 148 -8.40 40.74 5.86
C CYS B 148 -7.15 40.78 6.74
N ASN B 149 -6.78 41.98 7.18
CA ASN B 149 -5.69 42.09 8.16
C ASN B 149 -6.28 42.34 9.54
N PRO B 150 -5.70 41.77 10.60
CA PRO B 150 -6.34 41.85 11.92
C PRO B 150 -6.10 43.19 12.59
N VAL B 151 -6.93 43.50 13.58
CA VAL B 151 -6.64 44.60 14.51
C VAL B 151 -6.26 43.98 15.84
N MET B 152 -5.15 44.44 16.41
CA MET B 152 -4.80 44.05 17.76
C MET B 152 -5.53 44.95 18.75
N ILE B 153 -6.24 44.33 19.70
CA ILE B 153 -6.86 45.06 20.78
C ILE B 153 -6.38 44.42 22.08
N ASP B 154 -5.69 45.22 22.90
CA ASP B 154 -5.25 44.79 24.23
C ASP B 154 -6.26 45.28 25.24
N ALA B 155 -6.89 44.34 25.95
CA ALA B 155 -7.93 44.69 26.91
C ALA B 155 -7.43 45.64 28.00
N ILE B 156 -6.11 45.82 28.13
CA ILE B 156 -5.56 46.76 29.10
C ILE B 156 -6.16 48.15 28.93
N LYS B 157 -6.55 48.51 27.71
CA LYS B 157 -7.18 49.81 27.49
C LYS B 157 -8.57 49.91 28.10
N VAL B 158 -9.20 48.78 28.44
CA VAL B 158 -10.56 48.79 28.98
C VAL B 158 -10.72 47.88 30.20
N SER B 159 -9.65 47.22 30.64
CA SER B 159 -9.74 46.30 31.77
C SER B 159 -8.55 46.52 32.69
N ALA B 160 -8.48 45.71 33.74
CA ALA B 160 -7.39 45.75 34.70
C ALA B 160 -6.33 44.69 34.40
N ALA B 161 -6.37 44.06 33.23
CA ALA B 161 -5.42 43.02 32.90
C ALA B 161 -4.92 43.19 31.47
N HIS B 162 -3.71 42.69 31.21
CA HIS B 162 -3.18 42.62 29.85
C HIS B 162 -3.86 41.46 29.15
N ARG B 163 -4.36 41.70 27.94
CA ARG B 163 -4.86 40.59 27.11
C ARG B 163 -4.82 41.07 25.66
N ALA B 164 -3.75 40.72 24.95
CA ALA B 164 -3.55 41.15 23.57
C ALA B 164 -4.04 40.06 22.63
N ARG B 165 -4.99 40.42 21.75
CA ARG B 165 -5.58 39.46 20.82
C ARG B 165 -5.70 40.09 19.44
N TYR B 166 -5.73 39.24 18.41
CA TYR B 166 -5.96 39.65 17.02
C TYR B 166 -7.42 39.42 16.65
N PHE B 167 -8.04 40.38 15.96
CA PHE B 167 -9.44 40.28 15.56
C PHE B 167 -9.58 40.48 14.05
N TRP B 168 -9.87 39.40 13.35
CA TRP B 168 -10.27 39.47 11.95
C TRP B 168 -11.77 39.63 11.86
N GLY B 169 -12.23 40.21 10.77
CA GLY B 169 -13.66 40.31 10.55
C GLY B 169 -14.02 41.54 9.77
N ASN B 170 -15.29 41.58 9.36
CA ASN B 170 -15.81 42.69 8.56
C ASN B 170 -16.81 43.50 9.38
N LEU B 171 -16.64 43.52 10.70
CA LEU B 171 -17.59 44.24 11.53
C LEU B 171 -17.47 45.75 11.29
N PRO B 172 -18.57 46.49 11.38
CA PRO B 172 -18.52 47.93 11.11
C PRO B 172 -17.58 48.63 12.08
N GLY B 173 -16.68 49.45 11.55
CA GLY B 173 -15.74 50.18 12.35
C GLY B 173 -14.92 49.33 13.31
N MET B 174 -14.33 48.26 12.80
CA MET B 174 -13.37 47.47 13.59
C MET B 174 -12.14 48.30 13.92
N ASN B 175 -11.74 49.19 13.03
CA ASN B 175 -10.50 49.94 13.14
C ASN B 175 -10.64 51.27 13.86
N ARG B 176 -11.79 51.62 14.37
CA ARG B 176 -11.92 52.87 15.07
C ARG B 176 -11.12 52.75 16.31
N PRO B 177 -10.64 53.81 16.88
CA PRO B 177 -9.81 53.72 18.09
C PRO B 177 -10.62 53.25 19.29
N VAL B 178 -9.94 52.52 20.17
CA VAL B 178 -10.56 51.91 21.34
C VAL B 178 -10.62 52.94 22.45
N ILE B 179 -11.84 53.26 22.91
CA ILE B 179 -12.08 54.19 24.01
C ILE B 179 -12.86 53.47 25.10
N ALA B 180 -12.44 53.64 26.35
CA ALA B 180 -13.08 52.99 27.48
C ALA B 180 -14.39 53.71 27.82
N SER B 181 -15.34 52.95 28.37
CA SER B 181 -16.59 53.54 28.81
C SER B 181 -16.39 54.29 30.10
N LYS B 182 -17.40 55.09 30.47
CA LYS B 182 -17.33 55.79 31.74
C LYS B 182 -17.38 54.83 32.92
N ASN B 183 -17.89 53.61 32.71
CA ASN B 183 -18.10 52.66 33.79
C ASN B 183 -17.11 51.50 33.79
N ASP B 184 -16.14 51.48 32.87
CA ASP B 184 -15.22 50.35 32.81
C ASP B 184 -14.28 50.34 34.00
N LYS B 185 -14.20 49.20 34.68
CA LYS B 185 -13.33 49.05 35.85
C LYS B 185 -11.90 48.90 35.34
N LEU B 186 -11.16 50.01 35.31
CA LEU B 186 -9.93 50.08 34.54
C LEU B 186 -8.70 49.59 35.29
N GLU B 187 -8.65 49.73 36.62
CA GLU B 187 -7.50 49.27 37.37
C GLU B 187 -7.92 48.30 38.46
N LEU B 188 -6.93 47.51 38.92
CA LEU B 188 -7.22 46.33 39.72
C LEU B 188 -7.97 46.66 41.01
N GLN B 189 -7.62 47.77 41.66
CA GLN B 189 -8.25 48.10 42.94
C GLN B 189 -9.77 48.25 42.80
N ASP B 190 -10.28 48.54 41.60
CA ASP B 190 -11.71 48.68 41.38
C ASP B 190 -12.41 47.35 41.15
N CYS B 191 -11.68 46.27 40.94
CA CYS B 191 -12.24 44.93 40.82
C CYS B 191 -12.22 44.15 42.12
N LEU B 192 -11.34 44.51 43.06
CA LEU B 192 -11.23 43.77 44.30
C LEU B 192 -12.44 44.00 45.21
N GLU B 193 -12.61 43.11 46.17
CA GLU B 193 -13.68 43.19 47.16
C GLU B 193 -13.20 44.05 48.34
N TYR B 194 -14.07 44.19 49.34
CA TYR B 194 -13.77 45.08 50.46
C TYR B 194 -12.54 44.60 51.23
N ASN B 195 -11.83 45.56 51.83
CA ASN B 195 -10.68 45.30 52.71
C ASN B 195 -9.54 44.61 51.97
N ARG B 196 -9.49 44.75 50.65
CA ARG B 196 -8.42 44.17 49.86
C ARG B 196 -7.77 45.29 49.05
N ILE B 197 -6.45 45.40 49.18
CA ILE B 197 -5.70 46.48 48.54
C ILE B 197 -4.81 45.86 47.47
N ALA B 198 -4.75 46.51 46.31
CA ALA B 198 -3.97 46.01 45.19
C ALA B 198 -2.56 46.57 45.23
N LYS B 199 -1.58 45.70 45.00
CA LYS B 199 -0.18 46.12 44.88
C LYS B 199 0.16 46.54 43.45
N LEU B 200 -0.65 46.13 42.48
CA LEU B 200 -0.51 46.50 41.09
C LEU B 200 -1.71 47.32 40.64
N LYS B 201 -1.57 47.94 39.48
CA LYS B 201 -2.68 48.62 38.82
C LYS B 201 -3.22 47.84 37.64
N LYS B 202 -2.34 47.24 36.84
CA LYS B 202 -2.73 46.42 35.70
C LYS B 202 -2.08 45.04 35.86
N VAL B 203 -2.91 44.01 35.95
CA VAL B 203 -2.43 42.64 36.13
C VAL B 203 -1.89 42.12 34.81
N GLN B 204 -0.81 41.34 34.86
CA GLN B 204 -0.24 40.75 33.65
C GLN B 204 -1.24 39.78 33.03
N THR B 205 -0.94 39.36 31.80
CA THR B 205 -1.86 38.51 31.04
C THR B 205 -2.19 37.24 31.83
N ILE B 206 -3.39 36.71 31.60
CA ILE B 206 -3.98 35.67 32.44
C ILE B 206 -4.26 34.44 31.59
N THR B 207 -3.90 33.26 32.11
CA THR B 207 -4.16 32.00 31.42
C THR B 207 -4.95 31.07 32.33
N THR B 208 -5.12 29.81 31.91
CA THR B 208 -5.92 28.85 32.65
C THR B 208 -5.20 28.29 33.88
N LYS B 209 -3.89 28.46 33.99
CA LYS B 209 -3.10 27.97 35.11
C LYS B 209 -3.02 29.02 36.23
N SER B 210 -2.74 28.53 37.45
CA SER B 210 -2.70 29.40 38.62
C SER B 210 -1.49 30.33 38.62
N ASN B 211 -0.42 29.98 37.89
CA ASN B 211 0.76 30.81 37.74
C ASN B 211 0.46 32.15 37.07
N SER B 212 -0.72 32.32 36.48
CA SER B 212 -1.08 33.56 35.80
C SER B 212 -1.34 34.69 36.78
N ILE B 213 -1.76 34.36 38.01
CA ILE B 213 -2.06 35.38 39.01
C ILE B 213 -0.77 35.89 39.68
N LYS B 214 0.28 35.07 39.72
CA LYS B 214 1.57 35.51 40.22
C LYS B 214 2.27 36.36 39.16
N GLN B 215 2.75 37.53 39.56
CA GLN B 215 3.17 38.59 38.63
C GLN B 215 4.68 38.62 38.47
N GLY B 216 5.14 38.73 37.21
CA GLY B 216 6.54 38.98 36.92
C GLY B 216 7.46 37.82 37.26
N LYS B 217 8.75 38.06 37.07
CA LYS B 217 9.77 37.04 37.35
C LYS B 217 9.82 36.67 38.83
N ASN B 218 9.42 37.59 39.72
CA ASN B 218 9.38 37.32 41.15
C ASN B 218 8.21 36.43 41.56
N GLN B 219 7.18 36.32 40.70
CA GLN B 219 5.93 35.62 41.02
C GLN B 219 5.35 36.11 42.36
N LEU B 220 5.24 37.43 42.48
CA LEU B 220 4.70 38.04 43.68
C LEU B 220 3.17 38.03 43.65
N PHE B 221 2.55 38.06 44.86
CA PHE B 221 1.09 38.00 44.99
C PHE B 221 0.48 39.36 44.65
N PRO B 222 -0.74 39.36 44.08
CA PRO B 222 -1.34 40.63 43.63
C PRO B 222 -2.03 41.43 44.71
N VAL B 223 -2.64 40.75 45.68
CA VAL B 223 -3.53 41.39 46.65
C VAL B 223 -2.90 41.32 48.04
N VAL B 224 -3.33 42.22 48.92
CA VAL B 224 -2.91 42.28 50.31
C VAL B 224 -4.16 42.51 51.16
N MET B 225 -4.40 41.62 52.13
CA MET B 225 -5.59 41.67 52.98
C MET B 225 -5.20 41.44 54.43
N ASN B 226 -5.56 42.39 55.30
CA ASN B 226 -5.30 42.30 56.75
C ASN B 226 -3.83 42.05 57.03
N GLY B 227 -2.95 42.63 56.21
CA GLY B 227 -1.52 42.46 56.32
C GLY B 227 -0.93 41.30 55.54
N LYS B 228 -1.72 40.30 55.17
CA LYS B 228 -1.21 39.10 54.51
C LYS B 228 -1.50 39.15 53.01
N GLU B 229 -0.56 38.59 52.23
CA GLU B 229 -0.73 38.45 50.79
C GLU B 229 -1.81 37.42 50.47
N ASP B 230 -2.44 37.60 49.31
CA ASP B 230 -3.51 36.72 48.87
C ASP B 230 -3.56 36.81 47.36
N VAL B 231 -4.21 35.82 46.75
CA VAL B 231 -4.39 35.78 45.30
C VAL B 231 -5.81 36.26 44.99
N LEU B 232 -6.06 36.53 43.70
CA LEU B 232 -7.38 37.00 43.30
C LEU B 232 -8.43 35.92 43.59
N TRP B 233 -9.62 36.36 43.97
CA TRP B 233 -10.76 35.46 44.12
C TRP B 233 -11.49 35.32 42.79
N CYS B 234 -12.39 34.33 42.71
CA CYS B 234 -13.11 34.10 41.46
C CYS B 234 -13.97 35.29 41.09
N THR B 235 -14.69 35.86 42.06
CA THR B 235 -15.52 37.02 41.76
C THR B 235 -14.71 38.20 41.26
N GLU B 236 -13.42 38.31 41.62
CA GLU B 236 -12.58 39.41 41.16
C GLU B 236 -12.05 39.18 39.75
N LEU B 237 -11.73 37.93 39.39
CA LEU B 237 -11.43 37.62 37.99
C LEU B 237 -12.61 37.94 37.09
N GLU B 238 -13.82 37.60 37.52
CA GLU B 238 -15.00 37.90 36.71
C GLU B 238 -15.08 39.39 36.40
N ARG B 239 -14.74 40.26 37.37
CA ARG B 239 -14.79 41.69 37.12
C ARG B 239 -13.71 42.13 36.16
N ILE B 240 -12.51 41.55 36.28
CA ILE B 240 -11.37 41.96 35.47
C ILE B 240 -11.68 41.75 34.00
N PHE B 241 -12.28 40.60 33.65
CA PHE B 241 -12.70 40.29 32.29
C PHE B 241 -14.00 40.97 31.89
N GLY B 242 -14.61 41.74 32.78
CA GLY B 242 -15.83 42.42 32.44
C GLY B 242 -17.07 41.57 32.52
N PHE B 243 -17.00 40.37 33.11
CA PHE B 243 -18.20 39.59 33.27
C PHE B 243 -19.01 40.11 34.46
N PRO B 244 -20.31 39.86 34.48
CA PRO B 244 -21.09 40.06 35.70
C PRO B 244 -20.50 39.23 36.83
N VAL B 245 -20.60 39.75 38.05
CA VAL B 245 -20.14 38.98 39.20
C VAL B 245 -21.01 37.74 39.35
N HIS B 246 -20.39 36.65 39.82
CA HIS B 246 -21.06 35.37 39.99
C HIS B 246 -21.51 34.78 38.66
N TYR B 247 -20.89 35.19 37.55
CA TYR B 247 -21.25 34.63 36.25
C TYR B 247 -20.98 33.14 36.20
N THR B 248 -19.90 32.69 36.82
CA THR B 248 -19.45 31.31 36.73
C THR B 248 -19.79 30.49 37.98
N ASP B 249 -20.51 31.06 38.95
CA ASP B 249 -20.93 30.28 40.12
C ASP B 249 -22.09 29.37 39.69
N VAL B 250 -21.73 28.24 39.09
CA VAL B 250 -22.66 27.32 38.45
C VAL B 250 -22.08 25.91 38.50
N SER B 251 -22.94 24.93 38.79
CA SER B 251 -22.63 23.50 38.70
C SER B 251 -21.40 23.14 39.53
N ASN B 252 -21.34 23.68 40.76
CA ASN B 252 -20.36 23.31 41.78
C ASN B 252 -18.92 23.53 41.31
N MET B 253 -18.71 24.47 40.39
CA MET B 253 -17.37 24.75 39.89
C MET B 253 -16.55 25.46 40.97
N GLY B 254 -15.36 24.94 41.28
CA GLY B 254 -14.49 25.52 42.27
C GLY B 254 -13.47 26.44 41.63
N ARG B 255 -12.47 26.86 42.43
CA ARG B 255 -11.44 27.77 41.94
C ARG B 255 -10.85 27.30 40.62
N GLY B 256 -10.59 26.00 40.49
CA GLY B 256 -9.88 25.51 39.31
C GLY B 256 -10.65 25.71 38.02
N ALA B 257 -11.93 25.32 38.00
CA ALA B 257 -12.72 25.38 36.77
C ALA B 257 -12.95 26.83 36.34
N ARG B 258 -13.47 27.67 37.25
CA ARG B 258 -13.78 29.04 36.90
C ARG B 258 -12.57 29.76 36.34
N GLN B 259 -11.40 29.57 36.96
CA GLN B 259 -10.19 30.19 36.43
C GLN B 259 -9.81 29.60 35.07
N LYS B 260 -10.14 28.33 34.82
CA LYS B 260 -9.92 27.76 33.49
C LYS B 260 -10.87 28.36 32.46
N LEU B 261 -12.17 28.44 32.79
CA LEU B 261 -13.12 29.02 31.85
C LEU B 261 -12.80 30.49 31.59
N LEU B 262 -12.33 31.22 32.62
CA LEU B 262 -12.04 32.64 32.46
C LEU B 262 -10.67 32.87 31.82
N GLY B 263 -9.71 31.97 32.04
CA GLY B 263 -8.41 32.12 31.40
C GLY B 263 -8.47 31.95 29.89
N ARG B 264 -9.52 31.31 29.38
CA ARG B 264 -9.75 31.14 27.95
C ARG B 264 -10.71 32.18 27.40
N SER B 265 -11.29 33.03 28.26
CA SER B 265 -12.46 33.83 27.91
C SER B 265 -12.07 35.05 27.08
N TRP B 266 -13.10 35.75 26.64
CA TRP B 266 -12.97 37.05 25.99
C TRP B 266 -13.08 38.15 27.05
N SER B 267 -12.51 39.32 26.76
CA SER B 267 -12.76 40.52 27.57
C SER B 267 -14.07 41.17 27.13
N VAL B 268 -15.07 41.15 28.00
CA VAL B 268 -16.41 41.63 27.65
C VAL B 268 -16.38 43.06 27.11
N PRO B 269 -15.60 43.99 27.69
CA PRO B 269 -15.50 45.32 27.06
C PRO B 269 -14.97 45.28 25.62
N VAL B 270 -13.91 44.52 25.35
CA VAL B 270 -13.39 44.43 23.99
C VAL B 270 -14.46 43.93 23.02
N ILE B 271 -15.30 42.99 23.45
CA ILE B 271 -16.37 42.50 22.58
C ILE B 271 -17.47 43.53 22.45
N ARG B 272 -17.82 44.20 23.56
CA ARG B 272 -18.75 45.32 23.46
C ARG B 272 -18.25 46.36 22.46
N HIS B 273 -16.93 46.60 22.43
CA HIS B 273 -16.38 47.56 21.49
C HIS B 273 -16.64 47.13 20.05
N LEU B 274 -16.36 45.86 19.73
CA LEU B 274 -16.49 45.39 18.35
C LEU B 274 -17.94 45.28 17.91
N PHE B 275 -18.86 44.99 18.83
CA PHE B 275 -20.26 44.74 18.50
C PHE B 275 -21.13 46.00 18.52
N ALA B 276 -20.65 47.10 19.10
CA ALA B 276 -21.47 48.29 19.31
C ALA B 276 -22.17 48.79 18.04
N PRO B 277 -21.52 48.91 16.89
CA PRO B 277 -22.23 49.41 15.71
C PRO B 277 -23.28 48.47 15.15
N LEU B 278 -23.34 47.21 15.62
CA LEU B 278 -24.37 46.31 15.12
C LEU B 278 -25.77 46.76 15.51
N LYS B 279 -25.90 47.58 16.56
CA LYS B 279 -27.19 48.17 16.88
C LYS B 279 -27.76 48.94 15.70
N ASP B 280 -26.89 49.50 14.85
CA ASP B 280 -27.33 50.24 13.68
C ASP B 280 -27.87 49.34 12.57
N TYR B 281 -27.74 48.01 12.68
CA TYR B 281 -28.19 47.10 11.63
C TYR B 281 -29.26 46.11 12.07
N PHE B 282 -29.55 45.98 13.37
CA PHE B 282 -30.53 45.03 13.84
C PHE B 282 -31.42 45.67 14.90
N ALA B 283 -32.42 44.91 15.35
CA ALA B 283 -33.43 45.36 16.30
C ALA B 283 -32.83 45.53 17.71
N CYS B 284 -33.41 46.45 18.48
CA CYS B 284 -32.86 46.80 19.80
C CYS B 284 -34.00 47.04 20.80
N GLU B 285 -33.98 46.27 21.89
CA GLU B 285 -34.97 46.30 22.98
C GLU B 285 -34.59 45.30 24.09
N ALA C 2 -15.86 31.52 -32.07
CA ALA C 2 -16.02 32.82 -32.74
C ALA C 2 -14.89 33.80 -32.38
N ARG C 3 -15.17 34.72 -31.44
CA ARG C 3 -14.20 35.74 -31.03
C ARG C 3 -13.32 35.22 -29.87
N ARG C 4 -12.74 34.03 -30.08
CA ARG C 4 -11.87 33.39 -29.10
C ARG C 4 -10.46 33.94 -29.18
N ARG C 5 -9.67 33.68 -28.14
CA ARG C 5 -8.30 34.15 -28.06
C ARG C 5 -7.40 33.05 -27.51
N PRO C 6 -6.07 33.23 -27.58
CA PRO C 6 -5.17 32.27 -26.94
C PRO C 6 -5.42 32.20 -25.43
N ILE C 7 -5.09 31.02 -24.86
CA ILE C 7 -5.35 30.72 -23.45
C ILE C 7 -4.22 31.30 -22.62
N ARG C 8 -4.53 31.75 -21.41
CA ARG C 8 -3.53 32.26 -20.47
C ARG C 8 -3.53 31.34 -19.25
N VAL C 9 -2.37 30.74 -18.96
CA VAL C 9 -2.28 29.65 -17.99
C VAL C 9 -1.37 30.07 -16.83
N LEU C 10 -1.75 29.68 -15.62
CA LEU C 10 -0.87 29.76 -14.45
C LEU C 10 -0.78 28.35 -13.89
N SER C 11 0.38 27.73 -14.04
CA SER C 11 0.58 26.35 -13.62
C SER C 11 1.52 26.35 -12.42
N LEU C 12 0.97 26.03 -11.26
CA LEU C 12 1.71 25.93 -10.02
C LEU C 12 2.27 24.52 -9.89
N PHE C 13 3.50 24.43 -9.38
CA PHE C 13 4.25 23.17 -9.34
C PHE C 13 4.35 22.55 -10.74
N ASP C 14 4.85 23.35 -11.67
CA ASP C 14 4.77 23.00 -13.09
C ASP C 14 5.53 21.71 -13.40
N GLY C 15 6.54 21.39 -12.63
CA GLY C 15 7.31 20.19 -12.91
C GLY C 15 8.03 20.32 -14.24
N ILE C 16 7.80 19.37 -15.14
CA ILE C 16 8.48 19.36 -16.43
C ILE C 16 7.54 19.91 -17.49
N ALA C 17 6.63 20.80 -17.09
CA ALA C 17 5.80 21.56 -18.02
C ALA C 17 4.89 20.65 -18.84
N THR C 18 4.32 19.64 -18.19
CA THR C 18 3.38 18.76 -18.87
C THR C 18 2.17 19.53 -19.38
N GLY C 19 1.80 20.60 -18.69
CA GLY C 19 0.70 21.44 -19.12
C GLY C 19 0.92 22.11 -20.46
N TYR C 20 2.02 22.88 -20.58
CA TYR C 20 2.32 23.53 -21.85
C TYR C 20 2.40 22.52 -22.97
N LEU C 21 2.98 21.35 -22.69
CA LEU C 21 3.19 20.34 -23.73
C LEU C 21 1.86 19.82 -24.28
N VAL C 22 0.88 19.58 -23.40
CA VAL C 22 -0.40 19.01 -23.84
C VAL C 22 -1.23 20.04 -24.59
N LEU C 23 -1.20 21.31 -24.15
CA LEU C 23 -1.94 22.36 -24.85
C LEU C 23 -1.41 22.57 -26.25
N LYS C 24 -0.09 22.64 -26.40
CA LYS C 24 0.51 22.82 -27.72
C LYS C 24 0.28 21.59 -28.60
N GLU C 25 0.39 20.38 -28.03
CA GLU C 25 0.09 19.16 -28.76
C GLU C 25 -1.39 19.07 -29.13
N LEU C 26 -2.23 19.79 -28.40
CA LEU C 26 -3.67 19.80 -28.66
C LEU C 26 -4.04 20.83 -29.73
N GLY C 27 -3.11 21.70 -30.09
CA GLY C 27 -3.35 22.73 -31.07
C GLY C 27 -3.81 24.06 -30.52
N ILE C 28 -3.90 24.21 -29.20
CA ILE C 28 -4.41 25.44 -28.59
C ILE C 28 -3.33 26.51 -28.64
N LYS C 29 -3.73 27.73 -28.97
CA LYS C 29 -2.80 28.86 -28.90
C LYS C 29 -2.58 29.20 -27.44
N VAL C 30 -1.34 29.16 -26.99
CA VAL C 30 -1.00 29.49 -25.60
C VAL C 30 -0.40 30.89 -25.59
N GLY C 31 -1.19 31.85 -25.10
CA GLY C 31 -0.74 33.24 -25.10
C GLY C 31 0.21 33.59 -23.98
N LYS C 32 0.08 32.94 -22.82
CA LYS C 32 0.99 33.17 -21.71
C LYS C 32 0.95 31.98 -20.76
N TYR C 33 2.12 31.55 -20.27
CA TYR C 33 2.23 30.36 -19.42
C TYR C 33 3.15 30.67 -18.24
N VAL C 34 2.56 31.07 -17.10
CA VAL C 34 3.31 31.37 -15.90
C VAL C 34 3.50 30.08 -15.09
N ALA C 35 4.75 29.69 -14.88
CA ALA C 35 5.08 28.44 -14.20
C ALA C 35 5.83 28.73 -12.90
N SER C 36 5.43 28.04 -11.83
CA SER C 36 6.12 28.14 -10.55
C SER C 36 6.78 26.80 -10.28
N GLU C 37 8.10 26.80 -10.16
CA GLU C 37 8.83 25.56 -9.90
C GLU C 37 10.22 25.93 -9.43
N VAL C 38 10.79 25.10 -8.56
CA VAL C 38 12.10 25.36 -7.98
C VAL C 38 13.15 24.33 -8.37
N CYS C 39 12.74 23.17 -8.87
CA CYS C 39 13.70 22.13 -9.28
C CYS C 39 14.48 22.63 -10.49
N GLU C 40 15.81 22.79 -10.32
CA GLU C 40 16.63 23.32 -11.40
C GLU C 40 16.58 22.41 -12.62
N GLU C 41 16.55 21.10 -12.41
CA GLU C 41 16.46 20.18 -13.53
C GLU C 41 15.09 20.28 -14.20
N SER C 42 14.02 20.31 -13.40
CA SER C 42 12.68 20.45 -13.96
C SER C 42 12.52 21.78 -14.70
N ILE C 43 13.08 22.87 -14.15
CA ILE C 43 12.96 24.16 -14.82
C ILE C 43 13.60 24.14 -16.19
N ALA C 44 14.77 23.50 -16.31
CA ALA C 44 15.45 23.45 -17.59
C ALA C 44 14.69 22.63 -18.63
N VAL C 45 13.89 21.65 -18.21
CA VAL C 45 13.16 20.85 -19.18
C VAL C 45 12.20 21.71 -19.98
N GLY C 46 11.49 22.63 -19.31
CA GLY C 46 10.62 23.53 -20.03
C GLY C 46 11.36 24.68 -20.70
N THR C 47 12.41 25.18 -20.04
CA THR C 47 13.26 26.22 -20.62
C THR C 47 13.78 25.79 -21.98
N VAL C 48 14.21 24.54 -22.10
CA VAL C 48 14.85 24.03 -23.30
C VAL C 48 13.81 23.55 -24.32
N LYS C 49 12.86 22.71 -23.90
CA LYS C 49 11.94 22.10 -24.86
C LYS C 49 10.88 23.07 -25.38
N HIS C 50 10.82 24.31 -24.88
CA HIS C 50 9.77 25.22 -25.32
C HIS C 50 10.29 26.62 -25.64
N GLU C 51 11.60 26.82 -25.74
CA GLU C 51 12.20 28.02 -26.32
C GLU C 51 11.80 29.29 -25.59
N GLY C 52 11.43 29.18 -24.33
CA GLY C 52 11.13 30.36 -23.53
C GLY C 52 9.72 30.89 -23.63
N ASN C 53 8.79 30.16 -24.25
CA ASN C 53 7.39 30.54 -24.16
C ASN C 53 6.85 30.44 -22.73
N ILE C 54 7.59 29.82 -21.82
CA ILE C 54 7.17 29.66 -20.43
C ILE C 54 7.86 30.72 -19.59
N LYS C 55 7.07 31.45 -18.79
CA LYS C 55 7.60 32.44 -17.85
C LYS C 55 7.74 31.77 -16.48
N TYR C 56 8.96 31.38 -16.13
CA TYR C 56 9.24 30.81 -14.82
C TYR C 56 9.34 31.92 -13.79
N VAL C 57 8.93 31.62 -12.56
CA VAL C 57 9.05 32.63 -11.51
C VAL C 57 9.97 32.18 -10.39
N ASN C 58 9.47 31.32 -9.51
CA ASN C 58 10.22 30.89 -8.35
C ASN C 58 9.34 30.04 -7.46
N ASP C 59 9.86 29.72 -6.28
CA ASP C 59 9.06 29.24 -5.16
C ASP C 59 7.68 29.90 -5.14
N VAL C 60 6.65 29.06 -5.03
CA VAL C 60 5.28 29.56 -5.03
C VAL C 60 4.96 30.32 -3.75
N ARG C 61 5.74 30.12 -2.70
CA ARG C 61 5.50 30.81 -1.44
C ARG C 61 5.81 32.31 -1.53
N ASN C 62 6.47 32.75 -2.60
CA ASN C 62 6.83 34.15 -2.83
C ASN C 62 6.02 34.79 -3.95
N ILE C 63 4.77 34.39 -4.11
CA ILE C 63 3.88 34.98 -5.11
C ILE C 63 2.83 35.79 -4.36
N THR C 64 2.73 37.07 -4.70
CA THR C 64 1.83 37.98 -4.00
C THR C 64 0.58 38.27 -4.84
N LYS C 65 -0.41 38.87 -4.19
CA LYS C 65 -1.60 39.29 -4.92
C LYS C 65 -1.23 40.28 -6.02
N LYS C 66 -0.27 41.18 -5.75
CA LYS C 66 0.18 42.15 -6.76
C LYS C 66 0.74 41.44 -7.99
N ASN C 67 1.41 40.29 -7.81
CA ASN C 67 1.91 39.53 -8.94
C ASN C 67 0.77 38.98 -9.79
N ILE C 68 -0.23 38.37 -9.15
CA ILE C 68 -1.33 37.79 -9.91
C ILE C 68 -2.05 38.88 -10.71
N GLU C 69 -2.09 40.11 -10.19
CA GLU C 69 -2.71 41.20 -10.94
C GLU C 69 -1.88 41.59 -12.14
N GLU C 70 -0.56 41.68 -11.98
CA GLU C 70 0.31 42.11 -13.07
C GLU C 70 0.45 41.02 -14.14
N TRP C 71 0.71 39.78 -13.71
CA TRP C 71 0.90 38.69 -14.67
C TRP C 71 -0.41 38.30 -15.33
N GLY C 72 -1.52 38.41 -14.60
CA GLY C 72 -2.82 38.04 -15.10
C GLY C 72 -3.29 38.92 -16.23
N PRO C 73 -4.55 38.77 -16.65
CA PRO C 73 -5.49 37.77 -16.11
C PRO C 73 -5.12 36.36 -16.53
N PHE C 74 -5.75 35.35 -15.93
CA PHE C 74 -5.51 33.96 -16.28
C PHE C 74 -6.83 33.30 -16.66
N ASP C 75 -6.77 32.41 -17.66
CA ASP C 75 -7.92 31.63 -18.09
C ASP C 75 -7.90 30.21 -17.56
N LEU C 76 -6.73 29.72 -17.13
CA LEU C 76 -6.56 28.37 -16.61
C LEU C 76 -5.49 28.41 -15.52
N VAL C 77 -5.84 27.94 -14.32
CA VAL C 77 -4.90 27.82 -13.21
C VAL C 77 -4.85 26.36 -12.80
N ILE C 78 -3.73 25.70 -13.05
CA ILE C 78 -3.59 24.28 -12.73
C ILE C 78 -2.49 24.10 -11.70
N GLY C 79 -2.46 22.91 -11.10
CA GLY C 79 -1.41 22.58 -10.15
C GLY C 79 -1.43 21.14 -9.71
N GLY C 80 -0.25 20.54 -9.54
CA GLY C 80 -0.15 19.17 -9.04
C GLY C 80 0.52 19.16 -7.68
N SER C 81 0.13 18.14 -6.84
CA SER C 81 0.73 18.34 -5.51
C SER C 81 2.00 17.52 -5.35
N PRO C 82 2.94 17.99 -4.54
CA PRO C 82 4.10 17.15 -4.19
C PRO C 82 3.70 15.91 -3.41
N CYS C 83 4.15 14.74 -3.90
CA CYS C 83 3.82 13.42 -3.33
C CYS C 83 4.91 12.92 -2.35
N LYS C 94 3.73 12.57 5.99
CA LYS C 94 3.43 13.60 6.99
C LYS C 94 2.01 14.18 6.87
N GLY C 95 1.44 14.15 5.65
CA GLY C 95 0.06 14.55 5.43
C GLY C 95 -0.04 15.93 4.78
N LEU C 96 -1.28 16.46 4.81
CA LEU C 96 -1.57 17.78 4.23
C LEU C 96 -0.97 18.89 5.07
N TYR C 97 -1.38 18.98 6.33
CA TYR C 97 -1.03 20.14 7.15
C TYR C 97 0.43 20.16 7.60
N GLU C 98 1.24 19.19 7.19
CA GLU C 98 2.64 19.13 7.63
C GLU C 98 3.56 19.12 6.42
N GLY C 99 4.61 19.94 6.49
CA GLY C 99 5.65 19.90 5.47
C GLY C 99 5.14 20.26 4.11
N THR C 100 5.63 19.52 3.11
CA THR C 100 5.43 19.89 1.71
C THR C 100 3.98 19.75 1.27
N GLY C 101 3.16 19.03 2.05
CA GLY C 101 1.74 18.92 1.71
C GLY C 101 1.00 20.25 1.80
N ARG C 102 1.34 21.07 2.80
CA ARG C 102 0.59 22.30 3.00
C ARG C 102 0.90 23.37 1.95
N LEU C 103 1.75 23.07 0.98
CA LEU C 103 1.85 23.96 -0.16
C LEU C 103 0.57 23.96 -0.97
N PHE C 104 -0.34 23.01 -0.73
CA PHE C 104 -1.63 23.07 -1.41
C PHE C 104 -2.30 24.40 -1.14
N PHE C 105 -2.10 24.95 0.06
CA PHE C 105 -2.80 26.18 0.42
C PHE C 105 -2.25 27.37 -0.35
N GLU C 106 -0.95 27.37 -0.64
CA GLU C 106 -0.41 28.41 -1.53
C GLU C 106 -1.13 28.38 -2.87
N PHE C 107 -1.41 27.18 -3.39
CA PHE C 107 -2.24 27.07 -4.58
C PHE C 107 -3.65 27.61 -4.34
N TYR C 108 -4.19 27.40 -3.14
CA TYR C 108 -5.56 27.78 -2.85
C TYR C 108 -5.76 29.29 -2.97
N HIS C 109 -4.87 30.07 -2.34
CA HIS C 109 -5.03 31.53 -2.34
C HIS C 109 -4.82 32.13 -3.72
N LEU C 110 -3.73 31.74 -4.40
CA LEU C 110 -3.49 32.24 -5.74
C LEU C 110 -4.62 31.87 -6.69
N LEU C 111 -5.26 30.73 -6.47
CA LEU C 111 -6.45 30.40 -7.25
C LEU C 111 -7.55 31.43 -7.02
N ASN C 112 -7.88 31.69 -5.74
CA ASN C 112 -8.94 32.65 -5.41
C ASN C 112 -8.54 34.07 -5.80
N TYR C 113 -7.24 34.40 -5.79
CA TYR C 113 -6.79 35.68 -6.33
C TYR C 113 -7.03 35.76 -7.83
N SER C 114 -6.92 34.63 -8.55
CA SER C 114 -6.98 34.63 -10.00
C SER C 114 -8.40 34.61 -10.55
N ARG C 115 -9.40 34.27 -9.74
CA ARG C 115 -10.75 34.11 -10.26
C ARG C 115 -11.29 35.47 -10.71
N PRO C 116 -12.17 35.48 -11.72
CA PRO C 116 -12.79 36.74 -12.14
C PRO C 116 -13.60 37.36 -11.00
N LYS C 117 -13.67 38.70 -11.00
CA LYS C 117 -14.54 39.40 -10.07
C LYS C 117 -15.99 38.98 -10.29
N GLU C 118 -16.79 39.07 -9.22
CA GLU C 118 -18.21 38.70 -9.31
C GLU C 118 -18.92 39.60 -10.34
N GLY C 119 -19.67 38.97 -11.25
CA GLY C 119 -20.24 39.68 -12.39
C GLY C 119 -19.40 39.65 -13.65
N ASP C 120 -18.19 39.07 -13.59
CA ASP C 120 -17.34 38.84 -14.76
C ASP C 120 -17.52 37.39 -15.22
N ASP C 121 -18.31 37.20 -16.28
CA ASP C 121 -18.68 35.87 -16.73
C ASP C 121 -17.72 35.31 -17.77
N ARG C 122 -16.50 35.83 -17.83
CA ARG C 122 -15.50 35.28 -18.74
C ARG C 122 -15.20 33.83 -18.36
N PRO C 123 -14.80 32.99 -19.31
CA PRO C 123 -14.44 31.61 -18.97
C PRO C 123 -13.22 31.58 -18.06
N PHE C 124 -13.28 30.72 -17.03
CA PHE C 124 -12.17 30.53 -16.11
C PHE C 124 -12.20 29.08 -15.62
N PHE C 125 -11.07 28.39 -15.78
CA PHE C 125 -10.96 26.99 -15.44
C PHE C 125 -9.78 26.77 -14.50
N TRP C 126 -9.89 25.74 -13.67
CA TRP C 126 -8.84 25.39 -12.73
C TRP C 126 -8.85 23.88 -12.55
N MET C 127 -7.70 23.35 -12.14
CA MET C 127 -7.55 21.92 -11.91
C MET C 127 -6.51 21.69 -10.82
N PHE C 128 -6.69 20.63 -10.04
CA PHE C 128 -5.72 20.26 -9.02
C PHE C 128 -5.61 18.75 -8.92
N GLU C 129 -4.38 18.23 -8.96
CA GLU C 129 -4.12 16.79 -8.95
C GLU C 129 -3.41 16.42 -7.66
N ASN C 130 -3.84 15.32 -7.05
CA ASN C 130 -3.11 14.70 -5.94
C ASN C 130 -3.23 13.19 -6.09
N VAL C 131 -2.22 12.45 -5.60
CA VAL C 131 -2.16 10.99 -5.76
C VAL C 131 -3.25 10.31 -4.94
N VAL C 132 -3.64 9.09 -5.35
CA VAL C 132 -4.69 8.36 -4.65
C VAL C 132 -4.20 7.89 -3.28
N ALA C 133 -2.89 7.66 -3.14
CA ALA C 133 -2.29 7.28 -1.86
C ALA C 133 -2.31 8.50 -0.94
N MET C 134 -3.49 8.76 -0.37
CA MET C 134 -3.78 10.00 0.33
C MET C 134 -4.67 9.69 1.51
N LYS C 135 -4.38 10.31 2.65
CA LYS C 135 -5.21 10.10 3.84
C LYS C 135 -6.64 10.56 3.59
N VAL C 136 -7.61 9.82 4.15
CA VAL C 136 -9.01 10.07 3.82
C VAL C 136 -9.45 11.42 4.38
N GLY C 137 -8.94 11.81 5.56
CA GLY C 137 -9.25 13.13 6.08
C GLY C 137 -8.68 14.26 5.25
N ASP C 138 -7.50 14.05 4.64
CA ASP C 138 -6.96 15.03 3.71
C ASP C 138 -7.77 15.09 2.41
N LYS C 139 -8.18 13.93 1.89
CA LYS C 139 -9.08 13.94 0.73
C LYS C 139 -10.39 14.65 1.08
N ARG C 140 -10.87 14.50 2.31
CA ARG C 140 -12.08 15.19 2.70
C ARG C 140 -11.87 16.70 2.79
N ASP C 141 -10.74 17.14 3.36
CA ASP C 141 -10.51 18.56 3.57
C ASP C 141 -10.31 19.29 2.26
N ILE C 142 -9.50 18.74 1.35
CA ILE C 142 -9.29 19.40 0.07
C ILE C 142 -10.61 19.55 -0.68
N SER C 143 -11.45 18.50 -0.67
CA SER C 143 -12.77 18.65 -1.26
C SER C 143 -13.62 19.63 -0.49
N ARG C 144 -13.35 19.79 0.82
CA ARG C 144 -14.07 20.80 1.59
C ARG C 144 -13.61 22.21 1.22
N PHE C 145 -12.32 22.37 0.89
CA PHE C 145 -11.75 23.66 0.50
C PHE C 145 -12.17 24.06 -0.91
N LEU C 146 -12.14 23.11 -1.84
CA LEU C 146 -12.35 23.38 -3.26
C LEU C 146 -13.83 23.35 -3.65
N GLU C 147 -14.71 22.95 -2.75
CA GLU C 147 -16.15 22.82 -3.00
C GLU C 147 -16.41 21.97 -4.25
N CYS C 148 -15.84 20.76 -4.23
CA CYS C 148 -15.66 19.98 -5.44
C CYS C 148 -15.27 18.57 -5.04
N ASN C 149 -15.80 17.56 -5.74
CA ASN C 149 -15.35 16.20 -5.43
C ASN C 149 -14.42 15.65 -6.50
N PRO C 150 -13.35 14.95 -6.11
CA PRO C 150 -12.36 14.52 -7.09
C PRO C 150 -12.88 13.38 -7.95
N VAL C 151 -12.37 13.31 -9.18
CA VAL C 151 -12.66 12.20 -10.10
C VAL C 151 -11.39 11.38 -10.24
N MET C 152 -11.49 10.06 -10.10
CA MET C 152 -10.33 9.20 -10.18
C MET C 152 -10.08 8.79 -11.62
N ILE C 153 -8.88 9.06 -12.13
CA ILE C 153 -8.52 8.77 -13.51
C ILE C 153 -7.19 8.03 -13.51
N ASP C 154 -7.18 6.83 -14.06
CA ASP C 154 -5.97 6.02 -14.19
C ASP C 154 -5.53 5.97 -15.64
N ALA C 155 -4.21 6.16 -15.86
CA ALA C 155 -3.59 6.08 -17.19
C ALA C 155 -3.49 4.64 -17.72
N ILE C 156 -4.03 3.62 -17.03
CA ILE C 156 -3.83 2.23 -17.43
C ILE C 156 -4.46 1.95 -18.80
N LYS C 157 -5.54 2.65 -19.15
CA LYS C 157 -6.21 2.44 -20.43
C LYS C 157 -5.69 3.34 -21.54
N VAL C 158 -4.73 4.23 -21.25
CA VAL C 158 -4.13 5.09 -22.27
C VAL C 158 -2.61 5.01 -22.32
N SER C 159 -1.94 4.40 -21.36
CA SER C 159 -0.49 4.23 -21.39
C SER C 159 -0.16 2.80 -21.04
N ALA C 160 1.11 2.52 -20.74
CA ALA C 160 1.52 1.21 -20.24
C ALA C 160 1.77 1.24 -18.73
N ALA C 161 1.13 2.16 -18.00
CA ALA C 161 1.44 2.41 -16.61
C ALA C 161 0.20 2.44 -15.73
N HIS C 162 0.36 1.98 -14.49
CA HIS C 162 -0.64 2.18 -13.44
C HIS C 162 -0.36 3.53 -12.80
N ARG C 163 -1.15 4.54 -13.15
CA ARG C 163 -0.99 5.88 -12.59
C ARG C 163 -2.40 6.40 -12.27
N ALA C 164 -2.89 6.07 -11.08
CA ALA C 164 -4.17 6.58 -10.60
C ALA C 164 -3.95 7.85 -9.80
N ARG C 165 -4.63 8.93 -10.18
CA ARG C 165 -4.57 10.21 -9.47
C ARG C 165 -5.98 10.72 -9.25
N TYR C 166 -6.13 11.59 -8.25
CA TYR C 166 -7.37 12.32 -8.02
C TYR C 166 -7.27 13.70 -8.67
N PHE C 167 -8.33 14.10 -9.38
CA PHE C 167 -8.36 15.36 -10.13
C PHE C 167 -9.54 16.20 -9.67
N TRP C 168 -9.27 17.24 -8.88
CA TRP C 168 -10.26 18.25 -8.58
C TRP C 168 -10.20 19.33 -9.64
N GLY C 169 -11.35 19.81 -10.06
CA GLY C 169 -11.37 20.90 -11.00
C GLY C 169 -12.78 21.17 -11.49
N ASN C 170 -12.88 22.15 -12.39
CA ASN C 170 -14.14 22.55 -13.00
C ASN C 170 -14.11 22.41 -14.52
N LEU C 171 -13.12 21.71 -15.05
CA LEU C 171 -12.96 21.61 -16.48
C LEU C 171 -14.18 20.92 -17.10
N PRO C 172 -14.55 21.29 -18.33
CA PRO C 172 -15.71 20.68 -18.97
C PRO C 172 -15.56 19.17 -19.07
N GLY C 173 -16.57 18.45 -18.59
CA GLY C 173 -16.61 17.01 -18.71
C GLY C 173 -15.38 16.29 -18.21
N MET C 174 -15.04 16.52 -16.94
CA MET C 174 -13.99 15.74 -16.29
C MET C 174 -14.48 14.35 -15.94
N ASN C 175 -15.79 14.15 -15.88
CA ASN C 175 -16.37 12.83 -15.65
C ASN C 175 -16.55 12.04 -16.94
N ARG C 176 -16.31 12.60 -18.10
CA ARG C 176 -16.56 11.84 -19.31
C ARG C 176 -15.69 10.68 -19.28
N PRO C 177 -16.04 9.64 -20.00
CA PRO C 177 -15.27 8.39 -20.01
C PRO C 177 -13.96 8.52 -20.78
N VAL C 178 -12.90 7.98 -20.20
CA VAL C 178 -11.57 7.96 -20.82
C VAL C 178 -11.54 6.91 -21.91
N ILE C 179 -11.03 7.27 -23.09
CA ILE C 179 -10.95 6.36 -24.22
C ILE C 179 -9.56 6.44 -24.82
N ALA C 180 -8.97 5.29 -25.12
CA ALA C 180 -7.63 5.25 -25.68
C ALA C 180 -7.64 5.83 -27.09
N SER C 181 -6.66 6.71 -27.36
CA SER C 181 -6.44 7.28 -28.68
C SER C 181 -5.86 6.24 -29.66
N LYS C 182 -5.79 6.65 -30.93
CA LYS C 182 -5.17 5.80 -31.95
C LYS C 182 -3.68 5.62 -31.67
N ASN C 183 -2.96 6.71 -31.38
CA ASN C 183 -1.51 6.70 -31.30
C ASN C 183 -0.96 6.41 -29.91
N ASP C 184 -1.83 6.08 -28.94
CA ASP C 184 -1.36 5.79 -27.58
C ASP C 184 -0.59 4.47 -27.56
N LYS C 185 0.67 4.53 -27.15
CA LYS C 185 1.47 3.32 -26.95
C LYS C 185 0.96 2.62 -25.70
N LEU C 186 0.08 1.63 -25.89
CA LEU C 186 -0.73 1.08 -24.82
C LEU C 186 -0.04 -0.02 -24.02
N GLU C 187 0.79 -0.85 -24.64
CA GLU C 187 1.46 -1.93 -23.93
C GLU C 187 2.96 -1.66 -23.83
N LEU C 188 3.61 -2.31 -22.86
CA LEU C 188 5.01 -2.01 -22.55
C LEU C 188 5.93 -2.23 -23.75
N GLN C 189 5.63 -3.23 -24.58
CA GLN C 189 6.55 -3.55 -25.67
C GLN C 189 6.70 -2.39 -26.64
N ASP C 190 5.61 -1.65 -26.89
CA ASP C 190 5.63 -0.52 -27.81
C ASP C 190 6.52 0.61 -27.32
N CYS C 191 6.92 0.61 -26.06
CA CYS C 191 7.79 1.64 -25.51
C CYS C 191 9.25 1.26 -25.49
N LEU C 192 9.59 0.02 -25.86
CA LEU C 192 10.95 -0.48 -25.69
C LEU C 192 11.85 -0.10 -26.88
N GLU C 193 13.15 -0.06 -26.60
CA GLU C 193 14.16 0.20 -27.62
C GLU C 193 14.43 -1.08 -28.41
N TYR C 194 15.50 -1.06 -29.22
CA TYR C 194 15.77 -2.14 -30.17
C TYR C 194 16.25 -3.41 -29.49
N ASN C 195 15.80 -4.56 -30.02
CA ASN C 195 16.29 -5.87 -29.62
C ASN C 195 15.91 -6.22 -28.18
N ARG C 196 14.84 -5.65 -27.66
CA ARG C 196 14.43 -5.87 -26.28
C ARG C 196 13.02 -6.45 -26.24
N ILE C 197 12.82 -7.46 -25.40
CA ILE C 197 11.54 -8.10 -25.20
C ILE C 197 10.98 -7.62 -23.87
N ALA C 198 9.67 -7.41 -23.83
CA ALA C 198 9.00 -6.99 -22.61
C ALA C 198 8.31 -8.20 -21.98
N LYS C 199 8.61 -8.45 -20.70
CA LYS C 199 7.96 -9.56 -19.99
C LYS C 199 6.59 -9.15 -19.44
N LEU C 200 6.39 -7.88 -19.15
CA LEU C 200 5.11 -7.34 -18.73
C LEU C 200 4.50 -6.50 -19.85
N LYS C 201 3.21 -6.24 -19.74
CA LYS C 201 2.52 -5.42 -20.71
C LYS C 201 2.10 -4.06 -20.15
N LYS C 202 1.80 -3.98 -18.87
CA LYS C 202 1.55 -2.71 -18.18
C LYS C 202 2.40 -2.66 -16.92
N VAL C 203 3.03 -1.52 -16.68
CA VAL C 203 4.06 -1.38 -15.65
C VAL C 203 3.48 -0.60 -14.48
N GLN C 204 3.35 -1.26 -13.32
CA GLN C 204 3.12 -0.52 -12.08
C GLN C 204 4.40 0.21 -11.69
N THR C 205 4.25 1.30 -10.93
CA THR C 205 5.42 2.09 -10.58
C THR C 205 6.43 1.30 -9.74
N ILE C 206 6.08 0.07 -9.32
CA ILE C 206 7.01 -0.74 -8.54
C ILE C 206 8.14 -1.26 -9.43
N THR C 207 7.83 -1.71 -10.65
CA THR C 207 8.84 -2.25 -11.57
C THR C 207 9.65 -1.17 -12.30
N THR C 208 9.25 0.10 -12.22
CA THR C 208 10.02 1.17 -12.86
C THR C 208 11.40 1.31 -12.23
N LYS C 209 11.45 1.31 -10.89
CA LYS C 209 12.70 1.53 -10.16
C LYS C 209 13.77 0.52 -10.54
N SER C 210 14.88 1.01 -11.14
CA SER C 210 16.06 0.19 -11.42
C SER C 210 16.83 -0.12 -10.14
N ASN C 211 16.96 0.88 -9.26
CA ASN C 211 17.74 0.74 -8.03
C ASN C 211 17.37 -0.52 -7.25
N SER C 212 16.08 -0.70 -6.98
CA SER C 212 15.62 -1.78 -6.11
C SER C 212 15.67 -3.15 -6.80
N ILE C 213 15.35 -3.21 -8.11
CA ILE C 213 15.22 -4.51 -8.78
C ILE C 213 16.59 -5.18 -9.01
N LYS C 214 17.65 -4.37 -9.24
CA LYS C 214 18.99 -4.92 -9.50
C LYS C 214 19.55 -5.64 -8.26
N GLN C 215 19.33 -5.09 -7.07
CA GLN C 215 19.65 -5.75 -5.79
C GLN C 215 18.32 -6.01 -5.07
N GLY C 216 17.65 -7.10 -5.46
CA GLY C 216 16.34 -7.44 -4.94
C GLY C 216 16.04 -8.92 -5.13
N LYS C 217 15.14 -9.42 -4.28
CA LYS C 217 14.83 -10.86 -4.19
C LYS C 217 13.49 -11.15 -4.87
N ASN C 218 13.53 -11.88 -5.99
CA ASN C 218 12.37 -12.42 -6.70
C ASN C 218 11.50 -11.35 -7.35
N GLN C 219 11.86 -10.08 -7.17
CA GLN C 219 11.16 -9.02 -7.85
C GLN C 219 11.56 -9.30 -9.27
N LEU C 220 10.69 -9.04 -10.24
CA LEU C 220 11.06 -9.35 -11.62
C LEU C 220 11.31 -8.15 -12.53
N PHE C 221 12.39 -8.26 -13.30
CA PHE C 221 12.79 -7.22 -14.24
C PHE C 221 11.75 -7.19 -15.32
N PRO C 222 11.46 -6.00 -15.85
CA PRO C 222 10.39 -5.85 -16.83
C PRO C 222 10.81 -6.18 -18.25
N VAL C 223 12.10 -6.18 -18.56
CA VAL C 223 12.60 -6.31 -19.93
C VAL C 223 13.65 -7.41 -19.99
N VAL C 224 13.66 -8.16 -21.08
CA VAL C 224 14.71 -9.15 -21.39
C VAL C 224 15.40 -8.71 -22.67
N MET C 225 16.72 -8.62 -22.61
CA MET C 225 17.56 -8.30 -23.77
C MET C 225 18.64 -9.36 -23.90
N ASN C 226 18.61 -10.12 -25.00
CA ASN C 226 19.58 -11.18 -25.24
C ASN C 226 19.63 -12.15 -24.07
N GLY C 227 18.46 -12.69 -23.70
CA GLY C 227 18.43 -13.70 -22.66
C GLY C 227 18.92 -13.27 -21.30
N LYS C 228 19.22 -11.98 -21.12
CA LYS C 228 19.54 -11.41 -19.83
C LYS C 228 18.44 -10.40 -19.47
N GLU C 229 18.11 -10.32 -18.18
CA GLU C 229 17.11 -9.36 -17.72
C GLU C 229 17.73 -7.96 -17.67
N ASP C 230 16.88 -6.96 -17.68
CA ASP C 230 17.33 -5.57 -17.59
C ASP C 230 16.13 -4.71 -17.19
N VAL C 231 16.42 -3.56 -16.60
CA VAL C 231 15.42 -2.57 -16.20
C VAL C 231 15.00 -1.74 -17.40
N LEU C 232 13.98 -0.91 -17.23
CA LEU C 232 13.62 0.04 -18.28
C LEU C 232 14.70 1.10 -18.42
N TRP C 233 14.87 1.61 -19.64
CA TRP C 233 15.78 2.72 -19.91
C TRP C 233 15.04 4.05 -19.75
N CYS C 234 15.81 5.13 -19.70
CA CYS C 234 15.19 6.46 -19.55
C CYS C 234 14.26 6.78 -20.71
N THR C 235 14.72 6.55 -21.94
CA THR C 235 13.84 6.82 -23.07
C THR C 235 12.61 5.92 -23.05
N GLU C 236 12.71 4.75 -22.42
CA GLU C 236 11.54 3.88 -22.33
C GLU C 236 10.57 4.36 -21.26
N LEU C 237 11.07 4.93 -20.16
CA LEU C 237 10.19 5.56 -19.19
C LEU C 237 9.41 6.70 -19.84
N GLU C 238 10.10 7.57 -20.58
CA GLU C 238 9.44 8.71 -21.22
C GLU C 238 8.29 8.24 -22.11
N ARG C 239 8.44 7.11 -22.81
CA ARG C 239 7.35 6.63 -23.64
C ARG C 239 6.20 6.07 -22.82
N ILE C 240 6.50 5.51 -21.65
CA ILE C 240 5.45 4.95 -20.81
C ILE C 240 4.45 6.03 -20.42
N PHE C 241 4.94 7.18 -19.96
CA PHE C 241 4.10 8.25 -19.46
C PHE C 241 3.62 9.18 -20.58
N GLY C 242 3.99 8.91 -21.82
CA GLY C 242 3.49 9.67 -22.95
C GLY C 242 4.28 10.91 -23.29
N PHE C 243 5.45 11.12 -22.67
CA PHE C 243 6.28 12.26 -23.02
C PHE C 243 7.02 11.98 -24.32
N PRO C 244 7.29 13.00 -25.11
CA PRO C 244 8.17 12.84 -26.27
C PRO C 244 9.49 12.23 -25.84
N VAL C 245 10.08 11.41 -26.72
CA VAL C 245 11.35 10.77 -26.38
C VAL C 245 12.46 11.81 -26.27
N HIS C 246 13.39 11.57 -25.34
CA HIS C 246 14.48 12.49 -25.01
C HIS C 246 13.97 13.80 -24.42
N TYR C 247 12.75 13.77 -23.86
CA TYR C 247 12.17 14.95 -23.23
C TYR C 247 12.91 15.34 -21.96
N THR C 248 13.67 14.42 -21.36
CA THR C 248 14.39 14.72 -20.14
C THR C 248 15.91 14.70 -20.31
N ASP C 249 16.43 14.55 -21.53
CA ASP C 249 17.88 14.60 -21.75
C ASP C 249 18.34 16.04 -21.61
N VAL C 250 18.50 16.46 -20.36
CA VAL C 250 18.63 17.86 -19.97
C VAL C 250 19.43 17.95 -18.68
N SER C 251 20.38 18.88 -18.62
CA SER C 251 21.09 19.24 -17.39
C SER C 251 21.88 18.06 -16.83
N ASN C 252 22.50 17.29 -17.72
CA ASN C 252 23.40 16.19 -17.35
C ASN C 252 22.74 15.14 -16.46
N MET C 253 21.42 15.05 -16.50
CA MET C 253 20.73 14.13 -15.63
C MET C 253 21.06 12.68 -16.00
N GLY C 254 21.35 11.88 -14.97
CA GLY C 254 21.45 10.44 -15.12
C GLY C 254 20.08 9.79 -14.95
N ARG C 255 20.09 8.46 -14.88
CA ARG C 255 18.81 7.74 -14.77
C ARG C 255 18.07 8.14 -13.50
N GLY C 256 18.78 8.26 -12.37
CA GLY C 256 18.11 8.53 -11.11
C GLY C 256 17.28 9.80 -11.15
N ALA C 257 17.80 10.86 -11.78
CA ALA C 257 17.09 12.14 -11.84
C ALA C 257 15.92 12.09 -12.81
N ARG C 258 16.14 11.54 -14.01
CA ARG C 258 15.05 11.45 -14.98
C ARG C 258 13.92 10.59 -14.45
N GLN C 259 14.27 9.44 -13.86
CA GLN C 259 13.26 8.59 -13.24
C GLN C 259 12.55 9.31 -12.10
N LYS C 260 13.28 10.18 -11.37
CA LYS C 260 12.67 11.00 -10.33
C LYS C 260 11.68 11.98 -10.92
N LEU C 261 12.12 12.79 -11.91
CA LEU C 261 11.23 13.79 -12.50
C LEU C 261 10.00 13.16 -13.14
N LEU C 262 10.15 11.94 -13.67
CA LEU C 262 9.02 11.24 -14.30
C LEU C 262 8.14 10.53 -13.28
N GLY C 263 8.70 10.13 -12.13
CA GLY C 263 7.87 9.55 -11.10
C GLY C 263 6.87 10.53 -10.52
N ARG C 264 7.24 11.81 -10.46
CA ARG C 264 6.37 12.85 -9.97
C ARG C 264 5.49 13.44 -11.06
N SER C 265 5.75 13.13 -12.32
CA SER C 265 5.11 13.80 -13.45
C SER C 265 3.69 13.31 -13.65
N TRP C 266 2.88 14.16 -14.28
CA TRP C 266 1.60 13.72 -14.78
C TRP C 266 1.80 12.76 -15.95
N SER C 267 0.73 12.09 -16.34
CA SER C 267 0.75 11.24 -17.52
C SER C 267 0.13 12.07 -18.65
N VAL C 268 0.86 12.20 -19.77
CA VAL C 268 0.44 13.14 -20.82
C VAL C 268 -0.94 12.80 -21.40
N PRO C 269 -1.22 11.58 -21.85
CA PRO C 269 -2.55 11.32 -22.41
C PRO C 269 -3.69 11.54 -21.42
N VAL C 270 -3.46 11.34 -20.12
CA VAL C 270 -4.50 11.63 -19.13
C VAL C 270 -4.78 13.12 -19.08
N ILE C 271 -3.72 13.94 -19.06
CA ILE C 271 -3.90 15.39 -19.09
C ILE C 271 -4.60 15.81 -20.38
N ARG C 272 -4.20 15.21 -21.51
CA ARG C 272 -4.87 15.54 -22.77
C ARG C 272 -6.36 15.21 -22.71
N HIS C 273 -6.72 14.11 -22.05
CA HIS C 273 -8.13 13.80 -21.83
C HIS C 273 -8.84 14.94 -21.09
N LEU C 274 -8.18 15.52 -20.09
CA LEU C 274 -8.81 16.58 -19.31
C LEU C 274 -8.88 17.89 -20.09
N PHE C 275 -7.79 18.25 -20.78
CA PHE C 275 -7.68 19.55 -21.44
C PHE C 275 -8.29 19.57 -22.83
N ALA C 276 -8.73 18.43 -23.36
CA ALA C 276 -9.28 18.41 -24.71
C ALA C 276 -10.48 19.33 -24.89
N PRO C 277 -11.48 19.38 -23.99
CA PRO C 277 -12.62 20.28 -24.23
C PRO C 277 -12.28 21.75 -24.19
N LEU C 278 -11.05 22.13 -23.82
CA LEU C 278 -10.68 23.54 -23.80
C LEU C 278 -10.52 24.12 -25.21
N LYS C 279 -10.42 23.28 -26.24
CA LYS C 279 -10.35 23.81 -27.60
C LYS C 279 -11.62 24.54 -27.98
N ASP C 280 -12.76 24.16 -27.39
CA ASP C 280 -14.02 24.80 -27.71
C ASP C 280 -14.24 26.10 -26.95
N TYR C 281 -13.28 26.54 -26.12
CA TYR C 281 -13.38 27.79 -25.40
C TYR C 281 -12.26 28.78 -25.72
N PHE C 282 -11.22 28.38 -26.45
CA PHE C 282 -10.10 29.26 -26.77
C PHE C 282 -9.63 29.01 -28.20
N ALA C 283 -8.68 29.85 -28.63
CA ALA C 283 -8.15 29.81 -29.98
C ALA C 283 -7.37 28.52 -30.25
N CYS C 284 -7.45 28.01 -31.48
CA CYS C 284 -6.67 26.85 -31.90
C CYS C 284 -5.78 27.25 -33.08
N GLU C 285 -4.92 26.32 -33.50
CA GLU C 285 -3.89 26.52 -34.53
C GLU C 285 -2.92 27.65 -34.16
N ALA D 1 13.44 -40.71 -46.14
CA ALA D 1 13.48 -39.25 -46.22
C ALA D 1 12.93 -38.75 -47.57
N ALA D 2 11.59 -38.84 -47.73
CA ALA D 2 10.90 -38.46 -48.96
C ALA D 2 9.82 -37.43 -48.65
N ARG D 3 9.92 -36.24 -49.27
CA ARG D 3 9.06 -35.04 -49.13
C ARG D 3 9.01 -34.48 -47.71
N ARG D 4 9.69 -35.10 -46.75
CA ARG D 4 9.75 -34.60 -45.39
C ARG D 4 10.98 -33.71 -45.22
N ARG D 5 10.97 -32.91 -44.16
CA ARG D 5 12.02 -31.94 -43.88
C ARG D 5 12.79 -32.38 -42.64
N PRO D 6 13.99 -31.83 -42.41
CA PRO D 6 14.66 -32.05 -41.12
C PRO D 6 13.80 -31.57 -39.95
N ILE D 7 14.07 -32.17 -38.76
CA ILE D 7 13.28 -31.90 -37.57
C ILE D 7 13.77 -30.61 -36.92
N ARG D 8 12.84 -29.90 -36.26
CA ARG D 8 13.13 -28.64 -35.58
C ARG D 8 12.69 -28.79 -34.14
N VAL D 9 13.66 -28.85 -33.23
CA VAL D 9 13.42 -29.26 -31.85
C VAL D 9 13.61 -28.06 -30.91
N LEU D 10 12.83 -28.05 -29.84
CA LEU D 10 13.02 -27.13 -28.71
C LEU D 10 13.16 -27.99 -27.45
N SER D 11 14.37 -28.13 -26.95
CA SER D 11 14.63 -28.89 -25.75
C SER D 11 14.82 -27.93 -24.59
N LEU D 12 13.94 -28.01 -23.60
CA LEU D 12 14.07 -27.24 -22.36
C LEU D 12 14.63 -28.13 -21.27
N PHE D 13 15.47 -27.53 -20.41
CA PHE D 13 16.25 -28.26 -19.41
C PHE D 13 17.10 -29.34 -20.07
N ASP D 14 17.85 -28.92 -21.10
CA ASP D 14 18.41 -29.87 -22.06
C ASP D 14 19.57 -30.69 -21.48
N GLY D 15 20.24 -30.18 -20.46
CA GLY D 15 21.33 -30.95 -19.89
C GLY D 15 22.44 -31.12 -20.88
N ILE D 16 22.91 -32.36 -21.04
CA ILE D 16 24.14 -32.63 -21.78
C ILE D 16 23.81 -33.06 -23.19
N ALA D 17 22.67 -32.61 -23.70
CA ALA D 17 22.24 -32.82 -25.09
C ALA D 17 21.95 -34.29 -25.37
N THR D 18 21.28 -34.96 -24.43
CA THR D 18 20.80 -36.32 -24.67
C THR D 18 19.87 -36.35 -25.87
N GLY D 19 18.99 -35.35 -25.96
CA GLY D 19 18.05 -35.34 -27.07
C GLY D 19 18.72 -35.23 -28.43
N TYR D 20 19.63 -34.24 -28.59
CA TYR D 20 20.32 -34.07 -29.87
C TYR D 20 21.13 -35.32 -30.21
N LEU D 21 21.76 -35.93 -29.19
CA LEU D 21 22.54 -37.14 -29.41
C LEU D 21 21.70 -38.27 -30.00
N VAL D 22 20.49 -38.49 -29.47
CA VAL D 22 19.66 -39.60 -29.95
C VAL D 22 19.12 -39.32 -31.35
N LEU D 23 18.67 -38.10 -31.61
CA LEU D 23 18.17 -37.80 -32.95
C LEU D 23 19.26 -38.06 -33.99
N LYS D 24 20.51 -37.82 -33.62
CA LYS D 24 21.62 -38.11 -34.54
C LYS D 24 21.92 -39.61 -34.60
N GLU D 25 21.93 -40.28 -33.45
CA GLU D 25 22.23 -41.71 -33.42
C GLU D 25 21.16 -42.50 -34.17
N LEU D 26 19.95 -41.94 -34.30
CA LEU D 26 18.92 -42.53 -35.14
C LEU D 26 19.09 -42.19 -36.61
N GLY D 27 19.82 -41.13 -36.91
CA GLY D 27 19.97 -40.70 -38.28
C GLY D 27 18.92 -39.72 -38.75
N ILE D 28 18.13 -39.16 -37.85
CA ILE D 28 17.20 -38.10 -38.23
C ILE D 28 17.99 -36.84 -38.53
N LYS D 29 17.66 -36.20 -39.64
CA LYS D 29 18.32 -34.95 -40.00
C LYS D 29 17.82 -33.84 -39.08
N VAL D 30 18.71 -33.24 -38.29
CA VAL D 30 18.32 -32.24 -37.31
C VAL D 30 18.55 -30.85 -37.91
N GLY D 31 17.46 -30.14 -38.19
CA GLY D 31 17.57 -28.83 -38.80
C GLY D 31 17.81 -27.70 -37.82
N LYS D 32 17.30 -27.84 -36.60
CA LYS D 32 17.45 -26.80 -35.61
C LYS D 32 17.20 -27.39 -34.23
N TYR D 33 18.08 -27.06 -33.27
CA TYR D 33 17.98 -27.59 -31.92
C TYR D 33 18.19 -26.43 -30.95
N VAL D 34 17.12 -26.04 -30.24
CA VAL D 34 17.16 -24.93 -29.30
C VAL D 34 17.15 -25.47 -27.88
N ALA D 35 18.23 -25.22 -27.14
CA ALA D 35 18.39 -25.75 -25.80
C ALA D 35 18.33 -24.64 -24.76
N SER D 36 17.60 -24.85 -23.68
CA SER D 36 17.51 -23.91 -22.58
C SER D 36 18.20 -24.60 -21.41
N GLU D 37 19.44 -24.20 -21.12
CA GLU D 37 20.22 -24.80 -20.03
C GLU D 37 21.05 -23.69 -19.38
N VAL D 38 21.31 -23.84 -18.08
CA VAL D 38 22.01 -22.81 -17.32
C VAL D 38 23.37 -23.33 -16.82
N CYS D 39 23.50 -24.64 -16.62
CA CYS D 39 24.76 -25.25 -16.20
C CYS D 39 25.84 -25.04 -17.25
N GLU D 40 26.83 -24.19 -16.95
CA GLU D 40 27.86 -23.92 -17.94
C GLU D 40 28.70 -25.16 -18.26
N GLU D 41 28.78 -26.10 -17.31
CA GLU D 41 29.42 -27.39 -17.57
C GLU D 41 28.59 -28.24 -18.52
N SER D 42 27.26 -28.31 -18.29
CA SER D 42 26.40 -29.02 -19.23
C SER D 42 26.48 -28.40 -20.61
N ILE D 43 26.49 -27.06 -20.69
CA ILE D 43 26.57 -26.36 -21.96
C ILE D 43 27.86 -26.72 -22.68
N ALA D 44 28.95 -26.96 -21.95
CA ALA D 44 30.20 -27.29 -22.59
C ALA D 44 30.10 -28.62 -23.34
N VAL D 45 29.34 -29.59 -22.80
CA VAL D 45 29.28 -30.94 -23.36
C VAL D 45 28.57 -30.95 -24.71
N GLY D 46 27.43 -30.25 -24.83
CA GLY D 46 26.75 -30.19 -26.10
C GLY D 46 27.41 -29.30 -27.11
N THR D 47 28.09 -28.23 -26.66
CA THR D 47 28.76 -27.34 -27.59
C THR D 47 29.93 -28.06 -28.28
N VAL D 48 30.65 -28.89 -27.51
CA VAL D 48 31.83 -29.56 -28.06
C VAL D 48 31.42 -30.83 -28.81
N LYS D 49 30.68 -31.72 -28.15
CA LYS D 49 30.41 -33.05 -28.72
C LYS D 49 29.47 -33.00 -29.91
N HIS D 50 28.75 -31.89 -30.09
CA HIS D 50 27.90 -31.72 -31.26
C HIS D 50 28.30 -30.50 -32.07
N GLU D 51 29.50 -29.97 -31.83
CA GLU D 51 30.18 -29.06 -32.74
C GLU D 51 29.32 -27.84 -33.07
N GLY D 52 28.72 -27.27 -32.01
CA GLY D 52 28.00 -26.02 -32.11
C GLY D 52 26.81 -26.03 -33.04
N ASN D 53 26.15 -27.18 -33.21
CA ASN D 53 24.90 -27.18 -33.95
C ASN D 53 23.71 -26.83 -33.07
N ILE D 54 23.85 -27.02 -31.77
CA ILE D 54 22.80 -26.68 -30.83
C ILE D 54 22.79 -25.17 -30.61
N LYS D 55 21.64 -24.54 -30.80
CA LYS D 55 21.50 -23.12 -30.53
C LYS D 55 21.13 -22.99 -29.05
N TYR D 56 22.12 -22.71 -28.22
CA TYR D 56 21.89 -22.53 -26.80
C TYR D 56 21.27 -21.16 -26.57
N VAL D 57 20.31 -21.10 -25.65
CA VAL D 57 19.69 -19.84 -25.26
C VAL D 57 20.13 -19.42 -23.87
N ASN D 58 19.30 -19.68 -22.86
CA ASN D 58 19.55 -19.22 -21.49
C ASN D 58 18.45 -19.73 -20.59
N ASP D 59 18.46 -19.26 -19.35
CA ASP D 59 17.40 -19.56 -18.38
C ASP D 59 16.01 -19.55 -19.02
N VAL D 60 15.27 -20.64 -18.79
CA VAL D 60 13.97 -20.82 -19.40
C VAL D 60 12.97 -19.75 -18.94
N ARG D 61 13.20 -19.13 -17.78
CA ARG D 61 12.26 -18.13 -17.28
C ARG D 61 12.28 -16.83 -18.08
N ASN D 62 13.30 -16.61 -18.92
CA ASN D 62 13.39 -15.42 -19.75
C ASN D 62 13.00 -15.68 -21.21
N ILE D 63 12.38 -16.82 -21.50
CA ILE D 63 11.88 -17.10 -22.85
C ILE D 63 10.44 -16.60 -22.93
N THR D 64 10.13 -15.87 -24.00
CA THR D 64 8.84 -15.25 -24.19
C THR D 64 8.15 -15.85 -25.41
N LYS D 65 6.89 -15.45 -25.62
CA LYS D 65 6.20 -15.88 -26.83
C LYS D 65 6.90 -15.32 -28.06
N LYS D 66 7.34 -14.06 -28.00
CA LYS D 66 8.02 -13.46 -29.14
C LYS D 66 9.21 -14.29 -29.57
N ASN D 67 9.92 -14.91 -28.62
CA ASN D 67 11.04 -15.80 -28.94
C ASN D 67 10.54 -17.09 -29.58
N ILE D 68 9.53 -17.72 -28.98
CA ILE D 68 9.02 -18.97 -29.52
C ILE D 68 8.47 -18.76 -30.93
N GLU D 69 7.91 -17.59 -31.20
CA GLU D 69 7.39 -17.34 -32.53
C GLU D 69 8.51 -17.09 -33.54
N GLU D 70 9.65 -16.54 -33.09
CA GLU D 70 10.74 -16.24 -34.01
C GLU D 70 11.63 -17.45 -34.27
N TRP D 71 12.15 -18.07 -33.21
CA TRP D 71 13.00 -19.25 -33.37
C TRP D 71 12.25 -20.39 -34.06
N GLY D 72 10.94 -20.48 -33.85
CA GLY D 72 10.13 -21.55 -34.38
C GLY D 72 10.00 -21.51 -35.89
N PRO D 73 9.08 -22.29 -36.44
CA PRO D 73 8.21 -23.24 -35.71
C PRO D 73 8.97 -24.45 -35.15
N PHE D 74 8.40 -25.17 -34.21
CA PHE D 74 9.05 -26.35 -33.65
C PHE D 74 8.22 -27.58 -33.94
N ASP D 75 8.89 -28.67 -34.32
CA ASP D 75 8.24 -29.96 -34.51
C ASP D 75 8.24 -30.80 -33.25
N LEU D 76 9.17 -30.56 -32.34
CA LEU D 76 9.35 -31.34 -31.13
C LEU D 76 9.67 -30.40 -29.98
N VAL D 77 9.00 -30.60 -28.85
CA VAL D 77 9.26 -29.87 -27.62
C VAL D 77 9.45 -30.91 -26.52
N ILE D 78 10.62 -30.92 -25.89
CA ILE D 78 10.95 -31.92 -24.88
C ILE D 78 11.49 -31.22 -23.65
N GLY D 79 11.14 -31.75 -22.48
CA GLY D 79 11.69 -31.22 -21.25
C GLY D 79 11.80 -32.25 -20.15
N GLY D 80 12.90 -32.26 -19.41
CA GLY D 80 13.01 -33.11 -18.25
C GLY D 80 13.19 -32.31 -16.97
N SER D 81 12.22 -32.36 -16.07
CA SER D 81 12.24 -31.46 -14.93
C SER D 81 13.48 -31.70 -14.08
N PRO D 82 13.96 -30.67 -13.36
CA PRO D 82 15.12 -30.84 -12.47
C PRO D 82 14.81 -31.75 -11.28
N CYS D 83 15.53 -32.87 -11.19
CA CYS D 83 15.22 -33.99 -10.27
C CYS D 83 15.23 -33.57 -8.80
N LYS D 94 10.73 -30.32 -2.30
CA LYS D 94 9.75 -29.23 -2.21
C LYS D 94 8.50 -29.47 -3.09
N GLY D 95 8.56 -30.44 -4.02
CA GLY D 95 7.40 -30.76 -4.84
C GLY D 95 7.18 -29.78 -6.00
N LEU D 96 5.93 -29.72 -6.47
CA LEU D 96 5.61 -28.99 -7.71
C LEU D 96 5.61 -27.49 -7.50
N TYR D 97 4.73 -27.01 -6.63
CA TYR D 97 4.45 -25.58 -6.51
C TYR D 97 5.54 -24.83 -5.74
N GLU D 98 6.72 -25.43 -5.52
CA GLU D 98 7.77 -24.79 -4.74
C GLU D 98 9.09 -24.86 -5.50
N GLY D 99 9.67 -23.69 -5.77
CA GLY D 99 11.05 -23.63 -6.22
C GLY D 99 11.27 -24.27 -7.57
N THR D 100 12.12 -25.29 -7.60
CA THR D 100 12.55 -25.84 -8.88
C THR D 100 11.41 -26.58 -9.56
N GLY D 101 10.50 -27.17 -8.78
CA GLY D 101 9.39 -27.89 -9.38
C GLY D 101 8.49 -27.00 -10.21
N ARG D 102 8.27 -25.76 -9.78
CA ARG D 102 7.36 -24.89 -10.51
C ARG D 102 7.98 -24.36 -11.80
N LEU D 103 9.19 -24.80 -12.14
CA LEU D 103 9.70 -24.58 -13.48
C LEU D 103 8.89 -25.35 -14.52
N PHE D 104 8.15 -26.38 -14.10
CA PHE D 104 7.35 -27.12 -15.07
C PHE D 104 6.35 -26.21 -15.75
N PHE D 105 5.82 -25.21 -15.03
CA PHE D 105 4.89 -24.30 -15.66
C PHE D 105 5.54 -23.48 -16.75
N GLU D 106 6.85 -23.24 -16.65
CA GLU D 106 7.56 -22.60 -17.75
C GLU D 106 7.63 -23.52 -18.95
N PHE D 107 7.72 -24.84 -18.71
CA PHE D 107 7.58 -25.79 -19.81
C PHE D 107 6.15 -25.75 -20.36
N TYR D 108 5.16 -25.66 -19.46
CA TYR D 108 3.75 -25.67 -19.88
C TYR D 108 3.47 -24.54 -20.85
N HIS D 109 3.92 -23.32 -20.52
CA HIS D 109 3.58 -22.16 -21.33
C HIS D 109 4.30 -22.20 -22.68
N LEU D 110 5.61 -22.43 -22.66
CA LEU D 110 6.34 -22.51 -23.93
C LEU D 110 5.79 -23.62 -24.81
N LEU D 111 5.38 -24.74 -24.21
CA LEU D 111 4.77 -25.79 -25.01
C LEU D 111 3.50 -25.30 -25.70
N ASN D 112 2.64 -24.60 -24.97
CA ASN D 112 1.42 -24.05 -25.55
C ASN D 112 1.72 -22.97 -26.59
N TYR D 113 2.74 -22.13 -26.34
CA TYR D 113 3.11 -21.12 -27.33
C TYR D 113 3.60 -21.77 -28.61
N SER D 114 4.22 -22.96 -28.52
CA SER D 114 4.78 -23.65 -29.67
C SER D 114 3.75 -24.47 -30.44
N ARG D 115 2.70 -24.94 -29.79
CA ARG D 115 1.71 -25.77 -30.46
C ARG D 115 1.18 -25.06 -31.70
N PRO D 116 0.87 -25.81 -32.76
CA PRO D 116 0.32 -25.20 -33.97
C PRO D 116 -0.99 -24.46 -33.70
N LYS D 117 -1.18 -23.36 -34.43
CA LYS D 117 -2.39 -22.55 -34.30
C LYS D 117 -3.61 -23.33 -34.81
N GLU D 118 -4.80 -22.91 -34.38
CA GLU D 118 -6.05 -23.53 -34.86
C GLU D 118 -6.12 -23.41 -36.38
N GLY D 119 -6.19 -24.54 -37.06
CA GLY D 119 -6.16 -24.56 -38.52
C GLY D 119 -4.83 -24.94 -39.15
N ASP D 120 -3.88 -25.46 -38.37
CA ASP D 120 -2.61 -25.98 -38.86
C ASP D 120 -2.53 -27.45 -38.46
N ASP D 121 -2.82 -28.35 -39.40
CA ASP D 121 -2.82 -29.78 -39.13
C ASP D 121 -1.42 -30.40 -39.13
N ARG D 122 -0.36 -29.59 -39.25
CA ARG D 122 0.99 -30.14 -39.30
C ARG D 122 1.28 -30.94 -38.03
N PRO D 123 2.12 -31.97 -38.11
CA PRO D 123 2.42 -32.77 -36.93
C PRO D 123 3.23 -31.99 -35.90
N PHE D 124 2.97 -32.30 -34.63
CA PHE D 124 3.64 -31.65 -33.50
C PHE D 124 3.73 -32.64 -32.36
N PHE D 125 4.94 -32.94 -31.91
CA PHE D 125 5.19 -33.91 -30.86
C PHE D 125 5.84 -33.24 -29.66
N TRP D 126 5.63 -33.80 -28.48
CA TRP D 126 6.21 -33.25 -27.27
C TRP D 126 6.39 -34.36 -26.25
N MET D 127 7.07 -34.03 -25.15
CA MET D 127 7.34 -35.00 -24.11
C MET D 127 7.85 -34.26 -22.88
N PHE D 128 7.45 -34.74 -21.70
CA PHE D 128 7.92 -34.17 -20.44
C PHE D 128 8.19 -35.30 -19.45
N GLU D 129 9.44 -35.45 -19.05
CA GLU D 129 9.85 -36.46 -18.07
C GLU D 129 9.90 -35.85 -16.68
N ASN D 130 9.64 -36.70 -15.68
CA ASN D 130 9.80 -36.31 -14.29
C ASN D 130 10.06 -37.58 -13.49
N VAL D 131 10.66 -37.41 -12.31
CA VAL D 131 11.06 -38.55 -11.49
C VAL D 131 9.83 -39.29 -10.95
N VAL D 132 10.00 -40.60 -10.71
CA VAL D 132 8.88 -41.39 -10.18
C VAL D 132 8.58 -40.99 -8.74
N ALA D 133 9.62 -40.65 -7.97
CA ALA D 133 9.45 -40.22 -6.58
C ALA D 133 8.82 -38.84 -6.54
N MET D 134 7.50 -38.80 -6.34
CA MET D 134 6.74 -37.56 -6.51
C MET D 134 5.44 -37.72 -5.74
N LYS D 135 5.07 -36.69 -4.98
CA LYS D 135 3.78 -36.71 -4.28
C LYS D 135 2.64 -36.92 -5.29
N VAL D 136 1.75 -37.90 -5.02
CA VAL D 136 0.70 -38.29 -5.95
C VAL D 136 -0.26 -37.13 -6.26
N GLY D 137 -0.33 -36.13 -5.38
CA GLY D 137 -1.06 -34.92 -5.72
C GLY D 137 -0.45 -34.17 -6.88
N ASP D 138 0.89 -34.17 -6.98
CA ASP D 138 1.61 -33.54 -8.08
C ASP D 138 1.51 -34.32 -9.39
N LYS D 139 1.73 -35.64 -9.37
CA LYS D 139 1.59 -36.43 -10.59
C LYS D 139 0.18 -36.31 -11.13
N ARG D 140 -0.83 -36.35 -10.26
CA ARG D 140 -2.20 -36.15 -10.70
C ARG D 140 -2.40 -34.76 -11.30
N ASP D 141 -1.69 -33.75 -10.75
CA ASP D 141 -1.84 -32.36 -11.21
C ASP D 141 -1.25 -32.16 -12.60
N ILE D 142 0.01 -32.57 -12.79
CA ILE D 142 0.61 -32.45 -14.11
C ILE D 142 -0.27 -33.12 -15.15
N SER D 143 -0.76 -34.33 -14.83
CA SER D 143 -1.65 -35.03 -15.75
C SER D 143 -2.90 -34.21 -16.04
N ARG D 144 -3.34 -33.39 -15.10
CA ARG D 144 -4.46 -32.52 -15.38
C ARG D 144 -4.06 -31.36 -16.28
N PHE D 145 -2.87 -30.78 -16.07
CA PHE D 145 -2.41 -29.69 -16.93
C PHE D 145 -2.18 -30.17 -18.36
N LEU D 146 -1.51 -31.31 -18.51
CA LEU D 146 -1.12 -31.84 -19.81
C LEU D 146 -2.22 -32.67 -20.48
N GLU D 147 -3.32 -32.92 -19.76
CA GLU D 147 -4.46 -33.68 -20.27
C GLU D 147 -4.05 -35.06 -20.76
N CYS D 148 -3.20 -35.71 -19.97
CA CYS D 148 -2.47 -36.89 -20.44
C CYS D 148 -1.94 -37.62 -19.23
N ASN D 149 -1.96 -38.95 -19.28
CA ASN D 149 -1.43 -39.72 -18.15
C ASN D 149 -0.04 -40.28 -18.47
N PRO D 150 0.87 -40.28 -17.51
CA PRO D 150 2.23 -40.72 -17.78
C PRO D 150 2.32 -42.23 -17.94
N VAL D 151 3.42 -42.68 -18.52
CA VAL D 151 3.80 -44.09 -18.54
C VAL D 151 5.11 -44.23 -17.80
N MET D 152 5.21 -45.17 -16.89
CA MET D 152 6.50 -45.39 -16.24
C MET D 152 7.39 -46.25 -17.12
N ILE D 153 8.59 -45.75 -17.43
CA ILE D 153 9.61 -46.49 -18.19
C ILE D 153 10.83 -46.61 -17.29
N ASP D 154 11.18 -47.83 -16.92
CA ASP D 154 12.38 -48.09 -16.12
C ASP D 154 13.52 -48.55 -17.01
N ALA D 155 14.65 -47.84 -16.91
CA ALA D 155 15.82 -48.14 -17.73
C ALA D 155 16.38 -49.54 -17.46
N ILE D 156 16.01 -50.17 -16.35
CA ILE D 156 16.53 -51.50 -16.00
C ILE D 156 16.26 -52.49 -17.12
N LYS D 157 15.15 -52.33 -17.84
CA LYS D 157 14.85 -53.26 -18.93
C LYS D 157 15.82 -53.08 -20.11
N VAL D 158 16.52 -51.94 -20.20
CA VAL D 158 17.40 -51.66 -21.34
C VAL D 158 18.81 -51.28 -20.91
N SER D 159 19.10 -51.25 -19.62
CA SER D 159 20.40 -50.84 -19.12
C SER D 159 20.76 -51.71 -17.93
N ALA D 160 21.82 -51.31 -17.21
CA ALA D 160 22.26 -51.98 -16.00
C ALA D 160 21.98 -51.13 -14.77
N ALA D 161 20.94 -50.30 -14.82
CA ALA D 161 20.64 -49.37 -13.73
C ALA D 161 19.15 -49.26 -13.51
N HIS D 162 18.76 -49.14 -12.24
CA HIS D 162 17.38 -48.84 -11.86
C HIS D 162 17.17 -47.35 -12.07
N ARG D 163 16.30 -46.99 -13.01
CA ARG D 163 15.97 -45.59 -13.24
C ARG D 163 14.50 -45.50 -13.66
N ALA D 164 13.63 -45.34 -12.67
CA ALA D 164 12.20 -45.24 -12.90
C ALA D 164 11.82 -43.77 -13.12
N ARG D 165 11.19 -43.49 -14.26
CA ARG D 165 10.81 -42.12 -14.61
C ARG D 165 9.42 -42.13 -15.24
N TYR D 166 8.67 -41.05 -15.00
CA TYR D 166 7.36 -40.85 -15.60
C TYR D 166 7.53 -40.05 -16.87
N PHE D 167 6.79 -40.42 -17.91
CA PHE D 167 6.91 -39.78 -19.22
C PHE D 167 5.53 -39.37 -19.69
N TRP D 168 5.25 -38.07 -19.69
CA TRP D 168 4.10 -37.54 -20.39
C TRP D 168 4.48 -37.27 -21.84
N GLY D 169 3.48 -37.13 -22.68
CA GLY D 169 3.72 -36.71 -24.04
C GLY D 169 2.75 -37.38 -25.00
N ASN D 170 3.07 -37.24 -26.29
CA ASN D 170 2.24 -37.79 -27.34
C ASN D 170 3.06 -38.40 -28.47
N LEU D 171 4.30 -38.80 -28.19
CA LEU D 171 5.11 -39.43 -29.23
C LEU D 171 4.52 -40.78 -29.61
N PRO D 172 4.60 -41.16 -30.89
CA PRO D 172 4.05 -42.45 -31.32
C PRO D 172 4.61 -43.62 -30.53
N GLY D 173 3.70 -44.45 -30.02
CA GLY D 173 4.08 -45.65 -29.31
C GLY D 173 4.95 -45.40 -28.09
N MET D 174 4.58 -44.39 -27.30
CA MET D 174 5.23 -44.19 -26.01
C MET D 174 4.86 -45.30 -25.04
N ASN D 175 3.55 -45.47 -24.81
CA ASN D 175 3.01 -46.42 -23.85
C ASN D 175 3.27 -47.86 -24.24
N ARG D 176 3.76 -48.10 -25.45
CA ARG D 176 4.29 -49.40 -25.83
C ARG D 176 5.24 -49.91 -24.76
N PRO D 177 5.22 -51.19 -24.41
CA PRO D 177 6.16 -51.72 -23.43
C PRO D 177 7.59 -51.77 -23.97
N VAL D 178 8.55 -51.79 -23.06
CA VAL D 178 9.96 -51.63 -23.40
C VAL D 178 10.59 -52.99 -23.66
N ILE D 179 11.35 -53.11 -24.75
CA ILE D 179 12.08 -54.34 -25.09
C ILE D 179 13.54 -53.95 -25.34
N ALA D 180 14.47 -54.79 -24.88
CA ALA D 180 15.88 -54.45 -25.03
C ALA D 180 16.34 -54.68 -26.47
N SER D 181 17.47 -54.05 -26.81
CA SER D 181 18.14 -54.25 -28.08
C SER D 181 19.43 -55.05 -27.85
N LYS D 182 19.97 -55.61 -28.94
CA LYS D 182 21.14 -56.49 -28.84
C LYS D 182 22.43 -55.71 -28.57
N ASN D 183 22.42 -54.39 -28.71
CA ASN D 183 23.60 -53.57 -28.47
C ASN D 183 23.63 -52.95 -27.08
N ASP D 184 22.57 -53.10 -26.31
CA ASP D 184 22.45 -52.45 -25.01
C ASP D 184 23.25 -53.22 -23.96
N LYS D 185 24.16 -52.52 -23.27
CA LYS D 185 24.93 -53.11 -22.18
C LYS D 185 23.98 -53.42 -21.04
N LEU D 186 23.50 -54.66 -20.98
CA LEU D 186 22.35 -54.99 -20.15
C LEU D 186 22.71 -55.17 -18.69
N GLU D 187 23.89 -55.71 -18.40
CA GLU D 187 24.29 -55.93 -17.02
C GLU D 187 25.62 -55.23 -16.73
N LEU D 188 25.87 -55.02 -15.43
CA LEU D 188 26.96 -54.14 -15.00
C LEU D 188 28.31 -54.61 -15.53
N GLN D 189 28.50 -55.92 -15.65
CA GLN D 189 29.78 -56.43 -16.14
C GLN D 189 30.04 -56.03 -17.60
N ASP D 190 29.02 -55.59 -18.33
CA ASP D 190 29.19 -55.15 -19.70
C ASP D 190 29.63 -53.69 -19.80
N CYS D 191 29.41 -52.90 -18.74
CA CYS D 191 29.81 -51.49 -18.69
C CYS D 191 31.18 -51.28 -18.07
N LEU D 192 31.76 -52.30 -17.47
CA LEU D 192 33.02 -52.17 -16.75
C LEU D 192 34.21 -52.25 -17.70
N GLU D 193 35.32 -51.65 -17.26
CA GLU D 193 36.58 -51.70 -17.99
C GLU D 193 37.26 -53.06 -17.73
N TYR D 194 38.51 -53.20 -18.16
CA TYR D 194 39.20 -54.47 -18.04
C TYR D 194 39.56 -54.78 -16.59
N ASN D 195 39.61 -56.06 -16.26
CA ASN D 195 40.03 -56.60 -14.96
C ASN D 195 39.13 -56.13 -13.81
N ARG D 196 37.89 -55.76 -14.09
CA ARG D 196 36.96 -55.32 -13.07
C ARG D 196 35.80 -56.31 -13.00
N ILE D 197 35.55 -56.84 -11.80
CA ILE D 197 34.50 -57.83 -11.59
C ILE D 197 33.35 -57.14 -10.86
N ALA D 198 32.16 -57.20 -11.45
CA ALA D 198 30.99 -56.58 -10.85
C ALA D 198 30.41 -57.53 -9.81
N LYS D 199 30.38 -57.08 -8.56
CA LYS D 199 29.81 -57.89 -7.49
C LYS D 199 28.32 -58.12 -7.71
N LEU D 200 27.66 -57.26 -8.48
CA LEU D 200 26.22 -57.34 -8.74
C LEU D 200 25.95 -57.25 -10.24
N LYS D 201 24.68 -57.36 -10.61
CA LYS D 201 24.25 -57.28 -11.99
C LYS D 201 23.57 -55.97 -12.35
N LYS D 202 22.81 -55.39 -11.43
CA LYS D 202 22.10 -54.14 -11.65
C LYS D 202 22.35 -53.22 -10.46
N VAL D 203 22.84 -52.00 -10.75
CA VAL D 203 23.09 -51.04 -9.68
C VAL D 203 21.79 -50.39 -9.24
N GLN D 204 21.80 -49.79 -8.04
CA GLN D 204 20.63 -49.05 -7.57
C GLN D 204 20.57 -47.70 -8.27
N THR D 205 19.48 -46.97 -8.04
CA THR D 205 19.28 -45.68 -8.71
C THR D 205 20.44 -44.73 -8.40
N ILE D 206 20.85 -43.96 -9.42
CA ILE D 206 22.04 -43.12 -9.36
C ILE D 206 21.59 -41.66 -9.31
N THR D 207 21.88 -40.97 -8.20
CA THR D 207 21.68 -39.55 -8.07
C THR D 207 23.00 -38.84 -8.39
N THR D 208 23.05 -37.52 -8.14
CA THR D 208 24.29 -36.76 -8.38
C THR D 208 25.35 -37.07 -7.32
N LYS D 209 24.94 -37.35 -6.09
CA LYS D 209 25.88 -37.62 -5.00
C LYS D 209 26.48 -39.01 -5.11
N SER D 210 27.72 -39.15 -4.58
CA SER D 210 28.45 -40.41 -4.59
C SER D 210 27.81 -41.47 -3.70
N ASN D 211 26.88 -41.09 -2.82
CA ASN D 211 26.19 -42.07 -1.97
C ASN D 211 25.39 -43.07 -2.80
N SER D 212 25.00 -42.70 -4.02
CA SER D 212 24.19 -43.54 -4.90
C SER D 212 25.00 -44.61 -5.63
N ILE D 213 26.33 -44.62 -5.49
CA ILE D 213 27.17 -45.62 -6.15
C ILE D 213 27.38 -46.87 -5.28
N LYS D 214 26.99 -46.83 -4.02
CA LYS D 214 27.12 -47.98 -3.12
C LYS D 214 25.74 -48.55 -2.80
N GLN D 215 25.65 -49.88 -2.75
CA GLN D 215 24.37 -50.56 -2.54
C GLN D 215 23.71 -50.10 -1.24
N GLY D 216 22.38 -50.06 -1.24
CA GLY D 216 21.65 -49.31 -0.21
C GLY D 216 21.79 -49.86 1.19
N LYS D 217 21.83 -51.20 1.32
CA LYS D 217 21.75 -51.84 2.63
C LYS D 217 22.99 -51.57 3.50
N ASN D 218 24.20 -51.73 2.94
CA ASN D 218 25.43 -51.61 3.73
C ASN D 218 26.47 -50.66 3.12
N GLN D 219 26.10 -49.87 2.10
CA GLN D 219 27.01 -48.97 1.37
C GLN D 219 28.27 -49.71 0.88
N LEU D 220 28.05 -50.83 0.19
CA LEU D 220 29.11 -51.67 -0.36
C LEU D 220 29.47 -51.30 -1.80
N PHE D 221 30.77 -51.35 -2.12
CA PHE D 221 31.25 -51.02 -3.46
C PHE D 221 30.77 -52.08 -4.46
N PRO D 222 30.37 -51.67 -5.68
CA PRO D 222 29.86 -52.64 -6.66
C PRO D 222 30.92 -53.34 -7.50
N VAL D 223 32.15 -52.84 -7.52
CA VAL D 223 33.21 -53.36 -8.38
C VAL D 223 34.37 -53.85 -7.51
N VAL D 224 34.97 -54.97 -7.90
CA VAL D 224 36.09 -55.58 -7.19
C VAL D 224 37.22 -55.75 -8.20
N MET D 225 38.28 -54.95 -8.03
CA MET D 225 39.51 -55.04 -8.81
C MET D 225 40.67 -55.34 -7.87
N ASN D 226 41.40 -56.43 -8.18
CA ASN D 226 42.56 -56.85 -7.39
C ASN D 226 42.15 -57.15 -5.95
N GLY D 227 41.02 -57.87 -5.80
CA GLY D 227 40.50 -58.25 -4.49
C GLY D 227 40.04 -57.12 -3.60
N LYS D 228 40.25 -55.86 -3.99
CA LYS D 228 39.84 -54.69 -3.22
C LYS D 228 38.65 -54.01 -3.91
N GLU D 229 37.62 -53.72 -3.14
CA GLU D 229 36.40 -53.11 -3.65
C GLU D 229 36.67 -51.65 -4.04
N ASP D 230 35.90 -51.18 -5.04
CA ASP D 230 36.11 -49.85 -5.60
C ASP D 230 34.76 -49.32 -6.07
N VAL D 231 34.65 -47.98 -6.14
CA VAL D 231 33.50 -47.29 -6.71
C VAL D 231 33.59 -47.35 -8.22
N LEU D 232 32.51 -47.00 -8.90
CA LEU D 232 32.52 -46.99 -10.37
C LEU D 232 33.36 -45.83 -10.88
N TRP D 233 34.01 -46.05 -12.02
CA TRP D 233 34.72 -44.96 -12.69
C TRP D 233 33.76 -44.14 -13.55
N CYS D 234 34.22 -42.95 -13.94
CA CYS D 234 33.37 -42.06 -14.74
C CYS D 234 33.03 -42.67 -16.09
N THR D 235 34.01 -43.25 -16.78
CA THR D 235 33.73 -43.87 -18.07
C THR D 235 32.75 -45.03 -17.93
N GLU D 236 32.72 -45.67 -16.75
CA GLU D 236 31.77 -46.76 -16.55
C GLU D 236 30.35 -46.25 -16.33
N LEU D 237 30.19 -45.06 -15.72
CA LEU D 237 28.88 -44.43 -15.62
C LEU D 237 28.32 -44.10 -17.01
N GLU D 238 29.19 -43.65 -17.93
CA GLU D 238 28.74 -43.30 -19.27
C GLU D 238 28.18 -44.51 -20.02
N ARG D 239 28.74 -45.70 -19.80
CA ARG D 239 28.22 -46.91 -20.44
C ARG D 239 26.91 -47.36 -19.81
N ILE D 240 26.70 -47.04 -18.52
CA ILE D 240 25.48 -47.44 -17.83
C ILE D 240 24.28 -46.65 -18.34
N PHE D 241 24.48 -45.36 -18.62
CA PHE D 241 23.42 -44.50 -19.12
C PHE D 241 23.27 -44.53 -20.63
N GLY D 242 24.06 -45.34 -21.33
CA GLY D 242 23.98 -45.40 -22.78
C GLY D 242 24.67 -44.27 -23.51
N PHE D 243 25.43 -43.45 -22.80
CA PHE D 243 26.13 -42.40 -23.48
C PHE D 243 27.37 -42.96 -24.15
N PRO D 244 27.87 -42.31 -25.20
CA PRO D 244 29.17 -42.70 -25.74
C PRO D 244 30.25 -42.53 -24.69
N VAL D 245 31.27 -43.39 -24.75
CA VAL D 245 32.36 -43.28 -23.80
C VAL D 245 33.11 -41.98 -24.03
N HIS D 246 33.57 -41.35 -22.95
CA HIS D 246 34.24 -40.05 -23.00
C HIS D 246 33.33 -38.95 -23.55
N TYR D 247 32.02 -39.13 -23.40
CA TYR D 247 31.10 -38.06 -23.76
C TYR D 247 31.29 -36.86 -22.86
N THR D 248 31.59 -37.09 -21.58
CA THR D 248 31.71 -35.99 -20.63
C THR D 248 33.16 -35.59 -20.34
N ASP D 249 34.15 -36.20 -20.99
CA ASP D 249 35.53 -35.78 -20.81
C ASP D 249 35.74 -34.43 -21.49
N VAL D 250 35.24 -33.36 -20.87
CA VAL D 250 35.19 -32.04 -21.48
C VAL D 250 35.48 -31.00 -20.41
N SER D 251 36.33 -30.02 -20.75
CA SER D 251 36.51 -28.80 -19.98
C SER D 251 36.97 -29.10 -18.56
N ASN D 252 37.87 -30.09 -18.43
CA ASN D 252 38.57 -30.39 -17.18
C ASN D 252 37.62 -30.72 -16.03
N MET D 253 36.66 -31.62 -16.30
CA MET D 253 35.72 -32.06 -15.27
C MET D 253 36.24 -33.33 -14.60
N GLY D 254 36.17 -33.38 -13.26
CA GLY D 254 36.54 -34.56 -12.50
C GLY D 254 35.31 -35.35 -12.06
N ARG D 255 35.56 -36.34 -11.18
CA ARG D 255 34.44 -37.17 -10.69
C ARG D 255 33.28 -36.31 -10.21
N GLY D 256 33.58 -35.13 -9.66
CA GLY D 256 32.56 -34.23 -9.16
C GLY D 256 31.50 -33.86 -10.17
N ALA D 257 31.91 -33.16 -11.24
CA ALA D 257 30.95 -32.70 -12.23
C ALA D 257 30.40 -33.84 -13.06
N ARG D 258 31.27 -34.73 -13.54
CA ARG D 258 30.85 -35.80 -14.44
C ARG D 258 29.69 -36.60 -13.86
N GLN D 259 29.78 -36.92 -12.56
CA GLN D 259 28.71 -37.67 -11.92
C GLN D 259 27.46 -36.81 -11.71
N LYS D 260 27.63 -35.51 -11.53
CA LYS D 260 26.49 -34.59 -11.49
C LYS D 260 25.76 -34.54 -12.82
N LEU D 261 26.50 -34.34 -13.92
CA LEU D 261 25.85 -34.24 -15.22
C LEU D 261 25.17 -35.54 -15.61
N LEU D 262 25.78 -36.70 -15.30
CA LEU D 262 25.18 -37.98 -15.65
C LEU D 262 24.08 -38.37 -14.67
N GLY D 263 24.28 -38.09 -13.38
CA GLY D 263 23.27 -38.44 -12.39
C GLY D 263 21.92 -37.82 -12.66
N ARG D 264 21.91 -36.63 -13.29
CA ARG D 264 20.69 -35.91 -13.63
C ARG D 264 20.11 -36.32 -14.97
N SER D 265 20.83 -37.10 -15.77
CA SER D 265 20.55 -37.26 -17.19
C SER D 265 19.44 -38.26 -17.44
N TRP D 266 19.05 -38.38 -18.72
CA TRP D 266 18.18 -39.44 -19.17
C TRP D 266 18.99 -40.71 -19.46
N SER D 267 18.32 -41.85 -19.42
CA SER D 267 18.89 -43.08 -19.95
C SER D 267 18.75 -43.07 -21.47
N VAL D 268 19.88 -43.06 -22.18
CA VAL D 268 19.85 -42.91 -23.64
C VAL D 268 19.07 -44.03 -24.33
N PRO D 269 19.21 -45.30 -23.96
CA PRO D 269 18.38 -46.32 -24.62
C PRO D 269 16.89 -46.15 -24.37
N VAL D 270 16.50 -45.48 -23.29
CA VAL D 270 15.09 -45.18 -23.05
C VAL D 270 14.61 -44.10 -24.01
N ILE D 271 15.39 -43.02 -24.17
CA ILE D 271 14.98 -41.92 -25.03
C ILE D 271 14.98 -42.35 -26.48
N ARG D 272 15.93 -43.21 -26.87
CA ARG D 272 15.91 -43.74 -28.21
C ARG D 272 14.67 -44.59 -28.47
N HIS D 273 14.17 -45.25 -27.43
CA HIS D 273 12.93 -45.99 -27.57
C HIS D 273 11.75 -45.08 -27.90
N LEU D 274 11.78 -43.84 -27.42
CA LEU D 274 10.70 -42.88 -27.66
C LEU D 274 10.86 -42.13 -28.97
N PHE D 275 12.09 -41.81 -29.36
CA PHE D 275 12.36 -41.06 -30.58
C PHE D 275 12.47 -41.93 -31.83
N ALA D 276 12.54 -43.24 -31.66
CA ALA D 276 12.67 -44.13 -32.82
C ALA D 276 11.54 -43.98 -33.83
N PRO D 277 10.27 -43.82 -33.45
CA PRO D 277 9.23 -43.61 -34.47
C PRO D 277 9.25 -42.25 -35.15
N LEU D 278 10.09 -41.31 -34.71
CA LEU D 278 10.13 -40.00 -35.37
C LEU D 278 10.84 -40.06 -36.72
N LYS D 279 11.59 -41.13 -36.99
CA LYS D 279 12.14 -41.35 -38.32
C LYS D 279 11.04 -41.44 -39.38
N ASP D 280 9.81 -41.74 -38.97
CA ASP D 280 8.72 -41.84 -39.93
C ASP D 280 8.23 -40.48 -40.41
N TYR D 281 8.42 -39.42 -39.64
CA TYR D 281 7.75 -38.15 -39.90
C TYR D 281 8.71 -37.02 -40.32
N PHE D 282 10.03 -37.26 -40.32
CA PHE D 282 11.00 -36.22 -40.65
C PHE D 282 12.11 -36.83 -41.50
N ALA D 283 12.90 -35.95 -42.12
CA ALA D 283 13.99 -36.40 -42.98
C ALA D 283 15.02 -37.19 -42.20
N CYS D 284 15.59 -38.22 -42.84
CA CYS D 284 16.62 -39.08 -42.25
C CYS D 284 17.78 -39.24 -43.22
N GLU D 285 18.99 -39.30 -42.65
CA GLU D 285 20.25 -39.50 -43.37
C GLU D 285 21.43 -39.28 -42.41
N ALA E 1 -28.28 -13.89 -32.44
CA ALA E 1 -29.41 -14.59 -33.06
C ALA E 1 -30.76 -14.13 -32.45
N ALA E 2 -31.83 -14.96 -32.59
CA ALA E 2 -33.17 -14.72 -32.02
C ALA E 2 -33.71 -15.91 -31.23
N ARG E 3 -33.39 -17.15 -31.63
CA ARG E 3 -33.83 -18.36 -30.93
C ARG E 3 -32.82 -18.70 -29.82
N ARG E 4 -32.88 -17.92 -28.74
CA ARG E 4 -32.01 -18.06 -27.59
C ARG E 4 -32.69 -18.95 -26.54
N ARG E 5 -31.92 -19.33 -25.53
CA ARG E 5 -32.38 -20.22 -24.47
C ARG E 5 -31.93 -19.65 -23.13
N PRO E 6 -32.51 -20.13 -22.03
CA PRO E 6 -31.99 -19.79 -20.70
C PRO E 6 -30.52 -20.18 -20.56
N ILE E 7 -29.82 -19.47 -19.64
CA ILE E 7 -28.36 -19.58 -19.52
C ILE E 7 -28.01 -20.64 -18.48
N ARG E 8 -26.96 -21.42 -18.77
CA ARG E 8 -26.46 -22.46 -17.89
C ARG E 8 -25.08 -22.01 -17.42
N VAL E 9 -24.94 -21.77 -16.11
CA VAL E 9 -23.75 -21.14 -15.55
C VAL E 9 -23.20 -21.98 -14.40
N LEU E 10 -21.89 -22.18 -14.40
CA LEU E 10 -21.16 -22.76 -13.27
C LEU E 10 -20.37 -21.63 -12.62
N SER E 11 -20.59 -21.44 -11.33
CA SER E 11 -19.94 -20.39 -10.54
C SER E 11 -19.11 -21.05 -9.44
N LEU E 12 -17.80 -20.82 -9.48
CA LEU E 12 -16.86 -21.33 -8.50
C LEU E 12 -16.49 -20.22 -7.52
N PHE E 13 -16.26 -20.60 -6.26
CA PHE E 13 -16.09 -19.64 -5.15
C PHE E 13 -17.25 -18.64 -5.14
N ASP E 14 -18.46 -19.18 -5.02
CA ASP E 14 -19.64 -18.37 -5.34
C ASP E 14 -19.89 -17.31 -4.27
N GLY E 15 -19.56 -17.60 -3.02
CA GLY E 15 -19.86 -16.65 -1.96
C GLY E 15 -21.35 -16.50 -1.77
N ILE E 16 -21.83 -15.26 -1.78
CA ILE E 16 -23.22 -14.98 -1.45
C ILE E 16 -24.01 -14.84 -2.75
N ALA E 17 -23.55 -15.53 -3.79
CA ALA E 17 -24.32 -15.68 -5.03
C ALA E 17 -24.52 -14.35 -5.75
N THR E 18 -23.46 -13.56 -5.86
CA THR E 18 -23.59 -12.29 -6.59
C THR E 18 -23.91 -12.53 -8.05
N GLY E 19 -23.42 -13.64 -8.62
CA GLY E 19 -23.64 -13.87 -10.04
C GLY E 19 -25.10 -14.10 -10.38
N TYR E 20 -25.76 -14.99 -9.62
CA TYR E 20 -27.18 -15.23 -9.82
C TYR E 20 -28.00 -13.98 -9.56
N LEU E 21 -27.66 -13.26 -8.48
CA LEU E 21 -28.40 -12.06 -8.13
C LEU E 21 -28.34 -11.02 -9.26
N VAL E 22 -27.15 -10.78 -9.80
CA VAL E 22 -26.98 -9.84 -10.90
C VAL E 22 -27.72 -10.32 -12.15
N LEU E 23 -27.77 -11.65 -12.34
CA LEU E 23 -28.40 -12.18 -13.56
C LEU E 23 -29.91 -11.94 -13.55
N LYS E 24 -30.58 -12.29 -12.45
CA LYS E 24 -32.04 -12.12 -12.43
C LYS E 24 -32.41 -10.65 -12.47
N GLU E 25 -31.65 -9.77 -11.79
CA GLU E 25 -31.87 -8.34 -11.87
C GLU E 25 -31.70 -7.84 -13.30
N LEU E 26 -30.80 -8.45 -14.06
CA LEU E 26 -30.55 -8.04 -15.43
C LEU E 26 -31.71 -8.45 -16.35
N GLY E 27 -32.56 -9.36 -15.88
CA GLY E 27 -33.67 -9.82 -16.68
C GLY E 27 -33.39 -11.04 -17.53
N ILE E 28 -32.34 -11.79 -17.22
CA ILE E 28 -31.92 -12.94 -18.03
C ILE E 28 -32.45 -14.23 -17.40
N LYS E 29 -33.02 -15.10 -18.24
CA LYS E 29 -33.50 -16.39 -17.75
C LYS E 29 -32.32 -17.29 -17.36
N VAL E 30 -32.40 -17.90 -16.17
CA VAL E 30 -31.35 -18.79 -15.68
C VAL E 30 -31.93 -20.19 -15.58
N GLY E 31 -31.51 -21.08 -16.49
CA GLY E 31 -31.98 -22.44 -16.50
C GLY E 31 -31.30 -23.29 -15.44
N LYS E 32 -30.01 -23.03 -15.21
CA LYS E 32 -29.23 -23.74 -14.20
C LYS E 32 -28.16 -22.80 -13.66
N TYR E 33 -27.92 -22.89 -12.35
CA TYR E 33 -26.82 -22.17 -11.70
C TYR E 33 -26.17 -23.15 -10.72
N VAL E 34 -24.96 -23.59 -11.04
CA VAL E 34 -24.20 -24.54 -10.22
C VAL E 34 -23.14 -23.75 -9.45
N ALA E 35 -23.12 -23.89 -8.13
CA ALA E 35 -22.23 -23.11 -7.28
C ALA E 35 -21.32 -24.02 -6.47
N SER E 36 -20.05 -23.66 -6.38
CA SER E 36 -19.07 -24.37 -5.56
C SER E 36 -18.70 -23.45 -4.40
N GLU E 37 -19.10 -23.82 -3.19
CA GLU E 37 -18.87 -22.98 -2.03
C GLU E 37 -18.89 -23.86 -0.78
N VAL E 38 -18.05 -23.51 0.18
CA VAL E 38 -17.88 -24.33 1.38
C VAL E 38 -18.32 -23.62 2.66
N CYS E 39 -18.52 -22.31 2.61
CA CYS E 39 -19.01 -21.57 3.76
C CYS E 39 -20.51 -21.79 3.95
N GLU E 40 -20.88 -22.46 5.06
CA GLU E 40 -22.28 -22.76 5.32
C GLU E 40 -23.11 -21.49 5.48
N GLU E 41 -22.51 -20.45 6.06
CA GLU E 41 -23.20 -19.17 6.14
C GLU E 41 -23.39 -18.57 4.75
N SER E 42 -22.35 -18.61 3.91
CA SER E 42 -22.50 -18.12 2.54
C SER E 42 -23.47 -18.98 1.74
N ILE E 43 -23.40 -20.31 1.92
CA ILE E 43 -24.33 -21.20 1.24
C ILE E 43 -25.76 -20.84 1.58
N ALA E 44 -26.03 -20.56 2.86
CA ALA E 44 -27.37 -20.24 3.32
C ALA E 44 -27.93 -18.99 2.63
N VAL E 45 -27.08 -17.99 2.37
CA VAL E 45 -27.58 -16.73 1.80
C VAL E 45 -28.17 -16.93 0.42
N GLY E 46 -27.44 -17.62 -0.48
CA GLY E 46 -27.96 -17.88 -1.80
C GLY E 46 -29.07 -18.92 -1.83
N THR E 47 -29.05 -19.85 -0.87
CA THR E 47 -30.11 -20.86 -0.80
C THR E 47 -31.44 -20.25 -0.42
N VAL E 48 -31.44 -19.36 0.57
CA VAL E 48 -32.67 -18.73 1.05
C VAL E 48 -33.11 -17.61 0.12
N LYS E 49 -32.20 -16.71 -0.24
CA LYS E 49 -32.58 -15.54 -1.03
C LYS E 49 -32.93 -15.85 -2.47
N HIS E 50 -32.75 -17.10 -2.92
CA HIS E 50 -33.08 -17.46 -4.30
C HIS E 50 -33.91 -18.73 -4.39
N GLU E 51 -34.44 -19.20 -3.26
CA GLU E 51 -35.43 -20.28 -3.22
C GLU E 51 -34.92 -21.55 -3.91
N GLY E 52 -33.71 -21.95 -3.54
CA GLY E 52 -33.14 -23.20 -4.01
C GLY E 52 -32.89 -23.28 -5.49
N ASN E 53 -32.98 -22.17 -6.22
CA ASN E 53 -32.67 -22.19 -7.64
C ASN E 53 -31.19 -22.49 -7.89
N ILE E 54 -30.36 -22.35 -6.86
CA ILE E 54 -28.92 -22.51 -6.98
C ILE E 54 -28.56 -23.92 -6.55
N LYS E 55 -27.83 -24.64 -7.41
CA LYS E 55 -27.38 -26.00 -7.11
C LYS E 55 -25.98 -25.92 -6.50
N TYR E 56 -25.88 -26.18 -5.20
CA TYR E 56 -24.60 -26.17 -4.51
C TYR E 56 -23.94 -27.54 -4.62
N VAL E 57 -22.61 -27.56 -4.68
CA VAL E 57 -21.93 -28.85 -4.77
C VAL E 57 -21.06 -29.14 -3.55
N ASN E 58 -19.90 -28.49 -3.46
CA ASN E 58 -18.95 -28.75 -2.38
C ASN E 58 -17.68 -27.96 -2.63
N ASP E 59 -16.66 -28.21 -1.81
CA ASP E 59 -15.28 -27.85 -2.13
C ASP E 59 -14.94 -28.08 -3.60
N VAL E 60 -14.48 -27.02 -4.26
CA VAL E 60 -14.13 -27.07 -5.68
C VAL E 60 -13.05 -28.11 -5.96
N ARG E 61 -12.31 -28.53 -4.93
CA ARG E 61 -11.26 -29.51 -5.13
C ARG E 61 -11.82 -30.89 -5.48
N ASN E 62 -13.04 -31.19 -5.01
CA ASN E 62 -13.66 -32.49 -5.22
C ASN E 62 -14.50 -32.58 -6.49
N ILE E 63 -14.43 -31.57 -7.36
CA ILE E 63 -15.15 -31.56 -8.63
C ILE E 63 -14.28 -32.27 -9.66
N THR E 64 -14.83 -33.28 -10.34
CA THR E 64 -14.11 -34.05 -11.34
C THR E 64 -14.66 -33.73 -12.74
N LYS E 65 -14.05 -34.32 -13.77
CA LYS E 65 -14.54 -34.07 -15.13
C LYS E 65 -15.90 -34.72 -15.36
N LYS E 66 -16.13 -35.89 -14.76
CA LYS E 66 -17.43 -36.54 -14.90
C LYS E 66 -18.54 -35.64 -14.40
N ASN E 67 -18.31 -34.92 -13.30
CA ASN E 67 -19.30 -33.97 -12.82
C ASN E 67 -19.59 -32.90 -13.87
N ILE E 68 -18.55 -32.37 -14.51
CA ILE E 68 -18.75 -31.29 -15.47
C ILE E 68 -19.52 -31.78 -16.70
N GLU E 69 -19.35 -33.05 -17.07
CA GLU E 69 -20.14 -33.59 -18.17
C GLU E 69 -21.55 -33.95 -17.76
N GLU E 70 -21.78 -34.28 -16.48
CA GLU E 70 -23.13 -34.49 -15.98
C GLU E 70 -23.88 -33.18 -15.85
N TRP E 71 -23.34 -32.24 -15.07
CA TRP E 71 -24.02 -30.99 -14.78
C TRP E 71 -24.09 -30.06 -15.98
N GLY E 72 -23.18 -30.23 -16.93
CA GLY E 72 -23.13 -29.39 -18.11
C GLY E 72 -24.24 -29.70 -19.08
N PRO E 73 -24.21 -29.06 -20.26
CA PRO E 73 -23.19 -28.08 -20.63
C PRO E 73 -23.33 -26.74 -19.89
N PHE E 74 -22.33 -25.87 -20.01
CA PHE E 74 -22.34 -24.55 -19.39
C PHE E 74 -22.09 -23.48 -20.44
N ASP E 75 -22.78 -22.35 -20.28
CA ASP E 75 -22.59 -21.17 -21.11
C ASP E 75 -21.67 -20.14 -20.45
N LEU E 76 -21.60 -20.16 -19.12
CA LEU E 76 -20.85 -19.19 -18.33
C LEU E 76 -20.08 -19.91 -17.23
N VAL E 77 -18.78 -19.67 -17.13
CA VAL E 77 -17.96 -20.18 -16.03
C VAL E 77 -17.33 -18.96 -15.36
N ILE E 78 -17.72 -18.69 -14.12
CA ILE E 78 -17.26 -17.51 -13.40
C ILE E 78 -16.63 -17.94 -12.08
N GLY E 79 -15.58 -17.23 -11.67
CA GLY E 79 -14.88 -17.54 -10.44
C GLY E 79 -14.18 -16.33 -9.86
N GLY E 80 -14.11 -16.29 -8.54
CA GLY E 80 -13.42 -15.21 -7.86
C GLY E 80 -12.44 -15.74 -6.83
N SER E 81 -11.17 -15.39 -6.97
CA SER E 81 -10.16 -16.00 -6.12
C SER E 81 -10.35 -15.57 -4.66
N PRO E 82 -10.00 -16.45 -3.72
CA PRO E 82 -9.85 -16.03 -2.31
C PRO E 82 -8.60 -15.17 -2.08
N CYS E 83 -8.82 -13.92 -1.64
CA CYS E 83 -7.74 -12.95 -1.36
C CYS E 83 -6.91 -13.35 -0.12
N LYS E 94 0.19 -15.03 0.69
CA LYS E 94 1.20 -16.07 0.52
C LYS E 94 1.61 -16.24 -0.96
N GLY E 95 0.79 -15.68 -1.85
CA GLY E 95 1.05 -15.71 -3.29
C GLY E 95 0.14 -16.73 -3.99
N LEU E 96 0.47 -16.99 -5.26
CA LEU E 96 -0.37 -17.84 -6.09
C LEU E 96 -0.06 -19.31 -5.87
N TYR E 97 1.22 -19.68 -5.81
CA TYR E 97 1.61 -21.08 -5.79
C TYR E 97 1.56 -21.69 -4.39
N GLU E 98 1.05 -20.97 -3.40
CA GLU E 98 0.94 -21.51 -2.05
C GLU E 98 -0.46 -21.26 -1.49
N GLY E 99 -0.93 -22.24 -0.71
CA GLY E 99 -2.17 -22.07 0.02
C GLY E 99 -3.37 -21.84 -0.86
N THR E 100 -4.21 -20.91 -0.44
CA THR E 100 -5.49 -20.67 -1.11
C THR E 100 -5.33 -20.03 -2.48
N GLY E 101 -4.15 -19.49 -2.79
CA GLY E 101 -3.93 -18.97 -4.13
C GLY E 101 -3.98 -20.06 -5.18
N ARG E 102 -3.49 -21.26 -4.85
CA ARG E 102 -3.39 -22.34 -5.82
C ARG E 102 -4.74 -22.98 -6.12
N LEU E 103 -5.79 -22.57 -5.42
CA LEU E 103 -7.13 -22.97 -5.83
C LEU E 103 -7.47 -22.43 -7.22
N PHE E 104 -6.73 -21.42 -7.70
CA PHE E 104 -7.00 -20.90 -9.03
C PHE E 104 -6.84 -22.00 -10.08
N PHE E 105 -5.86 -22.88 -9.92
CA PHE E 105 -5.65 -23.94 -10.89
C PHE E 105 -6.84 -24.88 -10.96
N GLU E 106 -7.52 -25.10 -9.83
CA GLU E 106 -8.76 -25.86 -9.86
C GLU E 106 -9.78 -25.17 -10.75
N PHE E 107 -9.88 -23.84 -10.65
CA PHE E 107 -10.70 -23.10 -11.58
C PHE E 107 -10.20 -23.28 -13.00
N TYR E 108 -8.86 -23.31 -13.17
CA TYR E 108 -8.27 -23.41 -14.50
C TYR E 108 -8.66 -24.72 -15.17
N HIS E 109 -8.61 -25.83 -14.44
CA HIS E 109 -8.92 -27.12 -15.06
C HIS E 109 -10.43 -27.26 -15.31
N LEU E 110 -11.27 -26.87 -14.34
CA LEU E 110 -12.71 -26.95 -14.55
C LEU E 110 -13.18 -26.00 -15.65
N LEU E 111 -12.54 -24.84 -15.81
CA LEU E 111 -12.88 -23.98 -16.94
C LEU E 111 -12.57 -24.69 -18.26
N ASN E 112 -11.37 -25.27 -18.38
CA ASN E 112 -10.98 -25.97 -19.60
C ASN E 112 -11.81 -27.24 -19.80
N TYR E 113 -12.15 -27.95 -18.72
CA TYR E 113 -13.09 -29.07 -18.84
C TYR E 113 -14.41 -28.60 -19.45
N SER E 114 -14.92 -27.45 -18.98
CA SER E 114 -16.23 -26.94 -19.37
C SER E 114 -16.24 -26.27 -20.73
N ARG E 115 -15.09 -25.97 -21.31
CA ARG E 115 -15.05 -25.30 -22.61
C ARG E 115 -15.79 -26.15 -23.64
N PRO E 116 -16.49 -25.54 -24.59
CA PRO E 116 -17.19 -26.33 -25.60
C PRO E 116 -16.19 -27.19 -26.38
N LYS E 117 -16.69 -28.28 -26.95
CA LYS E 117 -15.87 -29.11 -27.82
C LYS E 117 -15.24 -28.27 -28.92
N GLU E 118 -13.99 -28.60 -29.30
CA GLU E 118 -13.28 -27.77 -30.27
C GLU E 118 -14.08 -27.65 -31.57
N GLY E 119 -14.19 -26.42 -32.07
CA GLY E 119 -14.99 -26.13 -33.24
C GLY E 119 -16.47 -25.96 -32.97
N ASP E 120 -16.93 -26.09 -31.71
CA ASP E 120 -18.35 -25.92 -31.38
C ASP E 120 -18.65 -24.42 -31.34
N ASP E 121 -19.53 -23.98 -32.22
CA ASP E 121 -19.76 -22.57 -32.42
C ASP E 121 -20.73 -21.99 -31.41
N ARG E 122 -21.21 -22.80 -30.46
CA ARG E 122 -22.09 -22.26 -29.43
C ARG E 122 -21.37 -21.15 -28.66
N PRO E 123 -22.11 -20.17 -28.15
CA PRO E 123 -21.50 -19.13 -27.32
C PRO E 123 -21.04 -19.70 -25.97
N PHE E 124 -19.90 -19.21 -25.49
CA PHE E 124 -19.34 -19.65 -24.22
C PHE E 124 -18.48 -18.53 -23.66
N PHE E 125 -18.77 -18.09 -22.44
CA PHE E 125 -18.07 -16.97 -21.83
C PHE E 125 -17.60 -17.35 -20.44
N TRP E 126 -16.46 -16.81 -20.05
CA TRP E 126 -15.90 -17.07 -18.73
C TRP E 126 -15.38 -15.75 -18.15
N MET E 127 -15.10 -15.79 -16.86
CA MET E 127 -14.58 -14.65 -16.13
C MET E 127 -13.87 -15.13 -14.87
N PHE E 128 -12.73 -14.51 -14.56
CA PHE E 128 -12.02 -14.74 -13.32
C PHE E 128 -11.63 -13.43 -12.70
N GLU E 129 -11.89 -13.29 -11.40
CA GLU E 129 -11.63 -12.10 -10.63
C GLU E 129 -10.46 -12.34 -9.67
N ASN E 130 -9.66 -11.29 -9.47
CA ASN E 130 -8.69 -11.29 -8.38
C ASN E 130 -8.37 -9.86 -8.01
N VAL E 131 -7.96 -9.66 -6.75
CA VAL E 131 -7.68 -8.32 -6.25
C VAL E 131 -6.42 -7.75 -6.90
N VAL E 132 -6.30 -6.42 -6.86
CA VAL E 132 -5.11 -5.75 -7.38
C VAL E 132 -3.93 -5.92 -6.43
N ALA E 133 -4.21 -6.10 -5.13
CA ALA E 133 -3.18 -6.36 -4.13
C ALA E 133 -2.62 -7.77 -4.36
N MET E 134 -1.82 -7.87 -5.42
CA MET E 134 -1.35 -9.15 -5.94
C MET E 134 0.06 -8.94 -6.49
N LYS E 135 0.94 -9.92 -6.25
CA LYS E 135 2.30 -9.84 -6.79
C LYS E 135 2.29 -9.79 -8.32
N VAL E 136 3.14 -8.92 -8.89
CA VAL E 136 3.18 -8.77 -10.35
C VAL E 136 3.63 -10.07 -11.00
N GLY E 137 4.40 -10.89 -10.29
CA GLY E 137 4.77 -12.18 -10.84
C GLY E 137 3.60 -13.13 -10.97
N ASP E 138 2.66 -13.08 -10.01
CA ASP E 138 1.47 -13.92 -10.09
C ASP E 138 0.48 -13.38 -11.11
N LYS E 139 0.32 -12.05 -11.16
CA LYS E 139 -0.57 -11.47 -12.16
C LYS E 139 -0.17 -11.88 -13.57
N ARG E 140 1.12 -11.85 -13.87
CA ARG E 140 1.56 -12.27 -15.19
C ARG E 140 1.32 -13.76 -15.40
N ASP E 141 1.61 -14.58 -14.39
CA ASP E 141 1.45 -16.02 -14.55
C ASP E 141 0.00 -16.38 -14.82
N ILE E 142 -0.95 -15.76 -14.11
CA ILE E 142 -2.36 -15.98 -14.41
C ILE E 142 -2.68 -15.53 -15.84
N SER E 143 -2.07 -14.44 -16.29
CA SER E 143 -2.27 -14.01 -17.68
C SER E 143 -1.71 -15.04 -18.65
N ARG E 144 -0.59 -15.67 -18.29
CA ARG E 144 -0.03 -16.70 -19.16
C ARG E 144 -0.90 -17.95 -19.19
N PHE E 145 -1.51 -18.31 -18.06
CA PHE E 145 -2.37 -19.49 -18.02
C PHE E 145 -3.65 -19.25 -18.82
N LEU E 146 -4.29 -18.12 -18.59
CA LEU E 146 -5.57 -17.85 -19.22
C LEU E 146 -5.43 -17.28 -20.63
N GLU E 147 -4.22 -16.91 -21.05
CA GLU E 147 -3.97 -16.35 -22.38
C GLU E 147 -4.78 -15.08 -22.60
N CYS E 148 -4.71 -14.17 -21.64
CA CYS E 148 -5.64 -13.07 -21.55
C CYS E 148 -5.09 -12.03 -20.59
N ASN E 149 -5.34 -10.76 -20.89
CA ASN E 149 -4.85 -9.72 -19.98
C ASN E 149 -6.01 -9.13 -19.18
N PRO E 150 -5.83 -8.91 -17.88
CA PRO E 150 -6.95 -8.43 -17.06
C PRO E 150 -7.38 -7.02 -17.43
N VAL E 151 -8.66 -6.73 -17.24
CA VAL E 151 -9.19 -5.37 -17.31
C VAL E 151 -9.50 -4.97 -15.87
N MET E 152 -8.89 -3.88 -15.41
CA MET E 152 -9.15 -3.40 -14.06
C MET E 152 -10.42 -2.56 -14.04
N ILE E 153 -11.28 -2.83 -13.05
CA ILE E 153 -12.52 -2.09 -12.85
C ILE E 153 -12.61 -1.76 -11.37
N ASP E 154 -12.67 -0.47 -11.03
CA ASP E 154 -12.87 -0.02 -9.66
C ASP E 154 -14.33 0.36 -9.47
N ALA E 155 -14.92 -0.10 -8.36
CA ALA E 155 -16.33 0.17 -8.08
C ALA E 155 -16.60 1.64 -7.77
N ILE E 156 -15.55 2.46 -7.60
CA ILE E 156 -15.73 3.85 -7.18
C ILE E 156 -16.65 4.60 -8.14
N LYS E 157 -16.68 4.21 -9.41
CA LYS E 157 -17.46 4.95 -10.40
C LYS E 157 -18.95 4.63 -10.35
N VAL E 158 -19.34 3.54 -9.67
CA VAL E 158 -20.72 3.04 -9.67
C VAL E 158 -21.27 2.82 -8.26
N SER E 159 -20.37 2.72 -7.27
CA SER E 159 -20.78 2.48 -5.89
C SER E 159 -20.19 3.55 -4.98
N ALA E 160 -20.28 3.37 -3.66
CA ALA E 160 -19.63 4.25 -2.71
C ALA E 160 -18.45 3.57 -2.05
N ALA E 161 -17.69 2.78 -2.82
CA ALA E 161 -16.65 1.96 -2.25
C ALA E 161 -15.40 1.97 -3.13
N HIS E 162 -14.25 1.77 -2.48
CA HIS E 162 -12.98 1.53 -3.17
C HIS E 162 -12.78 0.04 -3.27
N ARG E 163 -13.07 -0.52 -4.45
CA ARG E 163 -12.86 -1.94 -4.68
C ARG E 163 -12.29 -2.05 -6.09
N ALA E 164 -10.97 -1.93 -6.20
CA ALA E 164 -10.28 -2.14 -7.46
C ALA E 164 -9.98 -3.63 -7.59
N ARG E 165 -10.33 -4.21 -8.74
CA ARG E 165 -10.15 -5.65 -8.96
C ARG E 165 -9.80 -5.92 -10.42
N TYR E 166 -9.05 -7.01 -10.64
CA TYR E 166 -8.66 -7.45 -11.98
C TYR E 166 -9.67 -8.48 -12.49
N PHE E 167 -10.10 -8.32 -13.75
CA PHE E 167 -11.13 -9.17 -14.32
C PHE E 167 -10.58 -9.86 -15.58
N TRP E 168 -10.22 -11.14 -15.44
CA TRP E 168 -9.87 -11.97 -16.59
C TRP E 168 -11.13 -12.55 -17.18
N GLY E 169 -11.23 -12.53 -18.51
CA GLY E 169 -12.35 -13.18 -19.14
C GLY E 169 -12.49 -12.75 -20.59
N ASN E 170 -13.54 -13.29 -21.22
CA ASN E 170 -13.86 -13.01 -22.62
C ASN E 170 -15.27 -12.45 -22.78
N LEU E 171 -15.84 -11.86 -21.74
CA LEU E 171 -17.16 -11.26 -21.84
C LEU E 171 -17.16 -10.13 -22.86
N PRO E 172 -18.27 -9.93 -23.58
CA PRO E 172 -18.32 -8.87 -24.61
C PRO E 172 -18.12 -7.49 -24.01
N GLY E 173 -17.13 -6.77 -24.54
CA GLY E 173 -16.87 -5.40 -24.12
C GLY E 173 -16.54 -5.22 -22.65
N MET E 174 -15.42 -5.80 -22.23
CA MET E 174 -14.96 -5.64 -20.85
C MET E 174 -14.19 -4.34 -20.67
N ASN E 175 -13.47 -3.90 -21.69
CA ASN E 175 -12.81 -2.59 -21.68
C ASN E 175 -13.76 -1.44 -21.93
N ARG E 176 -15.02 -1.74 -22.23
CA ARG E 176 -16.07 -0.74 -22.32
C ARG E 176 -15.99 0.22 -21.13
N PRO E 177 -16.20 1.51 -21.34
CA PRO E 177 -16.11 2.48 -20.22
C PRO E 177 -17.20 2.25 -19.18
N VAL E 178 -16.83 2.42 -17.91
CA VAL E 178 -17.75 2.23 -16.80
C VAL E 178 -18.53 3.52 -16.53
N ILE E 179 -19.84 3.48 -16.74
CA ILE E 179 -20.72 4.62 -16.48
C ILE E 179 -21.69 4.20 -15.39
N ALA E 180 -22.16 5.18 -14.62
CA ALA E 180 -23.06 4.89 -13.51
C ALA E 180 -24.51 4.90 -13.99
N SER E 181 -25.37 4.22 -13.24
CA SER E 181 -26.81 4.22 -13.50
C SER E 181 -27.52 5.30 -12.68
N LYS E 182 -28.80 5.53 -13.01
CA LYS E 182 -29.63 6.46 -12.26
C LYS E 182 -29.90 5.97 -10.85
N ASN E 183 -29.92 4.66 -10.63
CA ASN E 183 -30.25 4.08 -9.34
C ASN E 183 -29.03 3.65 -8.55
N ASP E 184 -27.82 3.91 -9.06
CA ASP E 184 -26.61 3.55 -8.35
C ASP E 184 -26.38 4.50 -7.19
N LYS E 185 -26.34 3.97 -5.97
CA LYS E 185 -26.07 4.77 -4.78
C LYS E 185 -24.60 5.13 -4.77
N LEU E 186 -24.28 6.36 -5.21
CA LEU E 186 -22.92 6.77 -5.54
C LEU E 186 -22.09 7.17 -4.32
N GLU E 187 -22.66 7.99 -3.42
CA GLU E 187 -21.94 8.43 -2.24
C GLU E 187 -22.53 7.83 -0.98
N LEU E 188 -21.74 7.91 0.09
CA LEU E 188 -22.05 7.17 1.32
C LEU E 188 -23.36 7.64 1.93
N GLN E 189 -23.62 8.95 1.91
CA GLN E 189 -24.83 9.47 2.54
C GLN E 189 -26.09 8.89 1.94
N ASP E 190 -26.02 8.37 0.71
CA ASP E 190 -27.17 7.73 0.08
C ASP E 190 -27.43 6.32 0.62
N CYS E 191 -26.47 5.74 1.35
CA CYS E 191 -26.58 4.37 1.85
C CYS E 191 -26.80 4.29 3.36
N LEU E 192 -27.09 5.40 4.02
CA LEU E 192 -27.14 5.46 5.47
C LEU E 192 -28.57 5.38 6.00
N GLU E 193 -28.73 4.79 7.18
CA GLU E 193 -30.03 4.73 7.83
C GLU E 193 -30.41 6.10 8.41
N TYR E 194 -31.58 6.16 9.05
CA TYR E 194 -32.15 7.43 9.50
C TYR E 194 -31.28 8.07 10.58
N ASN E 195 -31.19 9.40 10.54
CA ASN E 195 -30.46 10.21 11.53
C ASN E 195 -28.98 9.87 11.60
N ARG E 196 -28.39 9.45 10.49
CA ARG E 196 -26.97 9.20 10.40
C ARG E 196 -26.39 10.03 9.27
N ILE E 197 -25.29 10.70 9.52
CA ILE E 197 -24.62 11.55 8.54
C ILE E 197 -23.22 10.99 8.31
N ALA E 198 -22.81 10.98 7.04
CA ALA E 198 -21.53 10.43 6.64
C ALA E 198 -20.47 11.52 6.68
N LYS E 199 -19.34 11.22 7.31
CA LYS E 199 -18.19 12.11 7.21
C LYS E 199 -17.63 12.12 5.78
N LEU E 200 -17.46 10.94 5.19
CA LEU E 200 -16.84 10.76 3.89
C LEU E 200 -17.89 10.71 2.78
N LYS E 201 -17.43 10.58 1.54
CA LYS E 201 -18.33 10.35 0.42
C LYS E 201 -18.04 9.06 -0.34
N LYS E 202 -16.86 8.47 -0.18
CA LYS E 202 -16.54 7.19 -0.80
C LYS E 202 -15.73 6.39 0.21
N VAL E 203 -16.27 5.26 0.67
CA VAL E 203 -15.61 4.46 1.71
C VAL E 203 -14.40 3.73 1.13
N GLN E 204 -13.29 3.76 1.87
CA GLN E 204 -12.10 3.02 1.48
C GLN E 204 -12.35 1.52 1.64
N THR E 205 -11.33 0.73 1.35
CA THR E 205 -11.52 -0.73 1.25
C THR E 205 -12.00 -1.31 2.59
N ILE E 206 -12.71 -2.45 2.48
CA ILE E 206 -13.26 -3.18 3.63
C ILE E 206 -12.76 -4.62 3.56
N THR E 207 -12.19 -5.12 4.66
CA THR E 207 -11.71 -6.52 4.75
C THR E 207 -12.52 -7.33 5.77
N GLN E 219 -7.42 6.45 11.71
CA GLN E 219 -8.52 5.48 11.72
C GLN E 219 -9.90 6.11 12.10
N LEU E 220 -10.32 7.16 11.38
CA LEU E 220 -11.54 7.89 11.71
C LEU E 220 -12.81 7.13 11.29
N PHE E 221 -13.85 7.25 12.13
CA PHE E 221 -15.15 6.64 11.86
C PHE E 221 -15.88 7.38 10.74
N PRO E 222 -16.67 6.68 9.90
CA PRO E 222 -17.29 7.32 8.73
C PRO E 222 -18.62 8.00 9.03
N VAL E 223 -19.34 7.50 10.03
CA VAL E 223 -20.71 7.89 10.31
C VAL E 223 -20.78 8.58 11.66
N VAL E 224 -21.55 9.66 11.72
CA VAL E 224 -21.82 10.38 12.97
C VAL E 224 -23.33 10.39 13.20
N MET E 225 -23.74 9.80 14.34
CA MET E 225 -25.13 9.71 14.76
C MET E 225 -25.25 10.27 16.18
N ASN E 226 -26.06 11.32 16.35
CA ASN E 226 -26.24 11.96 17.66
C ASN E 226 -24.93 12.57 18.14
N GLY E 227 -24.15 13.11 17.21
CA GLY E 227 -22.86 13.70 17.54
C GLY E 227 -21.83 12.74 18.12
N LYS E 228 -22.12 11.44 18.14
CA LYS E 228 -21.18 10.42 18.58
C LYS E 228 -20.76 9.59 17.36
N GLU E 229 -19.45 9.48 17.14
CA GLU E 229 -18.96 8.73 15.99
C GLU E 229 -19.43 7.28 16.08
N ASP E 230 -19.63 6.65 14.91
CA ASP E 230 -20.04 5.24 14.86
C ASP E 230 -19.64 4.66 13.51
N VAL E 231 -19.35 3.35 13.50
CA VAL E 231 -19.03 2.59 12.31
C VAL E 231 -20.29 2.38 11.48
N LEU E 232 -20.16 1.88 10.26
CA LEU E 232 -21.33 1.53 9.44
C LEU E 232 -22.05 0.32 10.04
N TRP E 233 -23.34 0.21 9.73
CA TRP E 233 -24.14 -0.96 10.10
C TRP E 233 -24.20 -1.97 8.97
N CYS E 234 -24.57 -3.21 9.31
CA CYS E 234 -24.65 -4.27 8.30
C CYS E 234 -25.57 -3.87 7.15
N THR E 235 -26.71 -3.26 7.46
CA THR E 235 -27.62 -2.85 6.39
C THR E 235 -27.01 -1.75 5.54
N GLU E 236 -26.10 -0.96 6.10
CA GLU E 236 -25.43 0.08 5.33
C GLU E 236 -24.32 -0.48 4.45
N LEU E 237 -23.62 -1.52 4.92
CA LEU E 237 -22.64 -2.20 4.08
C LEU E 237 -23.30 -2.82 2.87
N GLU E 238 -24.49 -3.39 3.06
CA GLU E 238 -25.20 -4.02 1.95
C GLU E 238 -25.51 -3.00 0.86
N ARG E 239 -25.89 -1.78 1.23
CA ARG E 239 -26.19 -0.78 0.20
C ARG E 239 -24.91 -0.27 -0.48
N ILE E 240 -23.77 -0.35 0.20
CA ILE E 240 -22.51 0.14 -0.35
C ILE E 240 -22.05 -0.72 -1.51
N PHE E 241 -22.09 -2.05 -1.32
CA PHE E 241 -21.70 -3.02 -2.33
C PHE E 241 -22.76 -3.20 -3.40
N GLY E 242 -23.91 -2.54 -3.27
CA GLY E 242 -24.99 -2.69 -4.23
C GLY E 242 -25.92 -3.85 -3.99
N PHE E 243 -25.80 -4.53 -2.84
CA PHE E 243 -26.69 -5.63 -2.54
C PHE E 243 -28.04 -5.11 -2.04
N PRO E 244 -29.10 -5.90 -2.21
CA PRO E 244 -30.38 -5.57 -1.56
C PRO E 244 -30.22 -5.48 -0.05
N VAL E 245 -30.96 -4.55 0.56
CA VAL E 245 -30.91 -4.42 2.02
C VAL E 245 -31.43 -5.70 2.67
N HIS E 246 -30.84 -6.04 3.82
CA HIS E 246 -31.18 -7.26 4.58
C HIS E 246 -30.90 -8.53 3.78
N TYR E 247 -29.95 -8.45 2.83
CA TYR E 247 -29.58 -9.60 2.01
C TYR E 247 -28.80 -10.63 2.81
N THR E 248 -28.10 -10.20 3.87
CA THR E 248 -27.27 -11.09 4.66
C THR E 248 -27.90 -11.48 6.01
N ASP E 249 -29.11 -11.00 6.31
CA ASP E 249 -29.79 -11.35 7.56
C ASP E 249 -30.34 -12.77 7.45
N VAL E 250 -29.44 -13.74 7.64
CA VAL E 250 -29.69 -15.17 7.42
C VAL E 250 -28.84 -15.96 8.41
N SER E 251 -29.40 -17.03 8.99
CA SER E 251 -28.65 -18.04 9.77
C SER E 251 -27.95 -17.43 10.99
N ASN E 252 -28.62 -16.48 11.64
CA ASN E 252 -28.21 -15.89 12.91
C ASN E 252 -26.86 -15.17 12.83
N MET E 253 -26.46 -14.77 11.64
CA MET E 253 -25.16 -14.13 11.47
C MET E 253 -25.17 -12.74 12.10
N GLY E 254 -24.20 -12.49 12.99
CA GLY E 254 -24.01 -11.17 13.57
C GLY E 254 -23.04 -10.34 12.74
N ARG E 255 -22.65 -9.19 13.30
CA ARG E 255 -21.77 -8.24 12.61
C ARG E 255 -20.52 -8.89 12.03
N GLY E 256 -20.00 -9.92 12.71
CA GLY E 256 -18.82 -10.62 12.24
C GLY E 256 -19.01 -11.25 10.88
N ALA E 257 -19.91 -12.23 10.78
CA ALA E 257 -20.09 -12.96 9.53
C ALA E 257 -20.58 -12.06 8.41
N ARG E 258 -21.59 -11.22 8.69
CA ARG E 258 -22.12 -10.34 7.64
C ARG E 258 -21.01 -9.49 7.02
N GLN E 259 -20.04 -9.04 7.84
CA GLN E 259 -19.00 -8.17 7.31
C GLN E 259 -17.97 -8.96 6.50
N LYS E 260 -17.59 -10.15 6.96
CA LYS E 260 -16.62 -10.91 6.19
C LYS E 260 -17.23 -11.44 4.88
N LEU E 261 -18.53 -11.74 4.86
CA LEU E 261 -19.14 -12.15 3.60
C LEU E 261 -19.19 -10.99 2.62
N LEU E 262 -19.58 -9.81 3.09
CA LEU E 262 -19.64 -8.64 2.21
C LEU E 262 -18.24 -8.13 1.92
N GLY E 263 -17.30 -8.34 2.84
CA GLY E 263 -15.93 -7.89 2.60
C GLY E 263 -15.26 -8.65 1.47
N ARG E 264 -15.50 -9.96 1.38
CA ARG E 264 -14.93 -10.82 0.34
C ARG E 264 -15.73 -10.81 -0.95
N SER E 265 -16.90 -10.19 -0.97
CA SER E 265 -17.83 -10.27 -2.09
C SER E 265 -17.51 -9.26 -3.18
N TRP E 266 -18.06 -9.49 -4.37
CA TRP E 266 -17.97 -8.55 -5.48
C TRP E 266 -18.87 -7.34 -5.23
N SER E 267 -18.64 -6.29 -6.00
CA SER E 267 -19.56 -5.17 -6.04
C SER E 267 -20.58 -5.45 -7.13
N VAL E 268 -21.87 -5.37 -6.77
CA VAL E 268 -22.93 -5.74 -7.71
C VAL E 268 -22.91 -4.90 -8.99
N PRO E 269 -22.86 -3.57 -8.94
CA PRO E 269 -22.90 -2.81 -10.20
C PRO E 269 -21.69 -3.07 -11.09
N VAL E 270 -20.55 -3.44 -10.52
CA VAL E 270 -19.40 -3.86 -11.34
C VAL E 270 -19.74 -5.12 -12.11
N ILE E 271 -20.38 -6.08 -11.45
CA ILE E 271 -20.74 -7.32 -12.13
C ILE E 271 -21.83 -7.06 -13.17
N ARG E 272 -22.86 -6.31 -12.79
CA ARG E 272 -23.92 -5.97 -13.74
C ARG E 272 -23.36 -5.25 -14.95
N HIS E 273 -22.30 -4.45 -14.75
CA HIS E 273 -21.61 -3.88 -15.89
C HIS E 273 -21.02 -4.97 -16.77
N LEU E 274 -20.38 -5.98 -16.16
CA LEU E 274 -19.73 -7.03 -16.94
C LEU E 274 -20.72 -7.96 -17.60
N PHE E 275 -21.79 -8.34 -16.89
CA PHE E 275 -22.76 -9.30 -17.40
C PHE E 275 -23.81 -8.67 -18.32
N ALA E 276 -23.92 -7.35 -18.35
CA ALA E 276 -24.94 -6.68 -19.15
C ALA E 276 -24.97 -7.12 -20.61
N PRO E 277 -23.86 -7.20 -21.34
CA PRO E 277 -23.95 -7.56 -22.77
C PRO E 277 -24.36 -9.02 -23.03
N LEU E 278 -24.53 -9.84 -22.01
CA LEU E 278 -25.03 -11.21 -22.20
C LEU E 278 -26.50 -11.26 -22.58
N LYS E 279 -27.26 -10.16 -22.38
CA LYS E 279 -28.67 -10.14 -22.75
C LYS E 279 -28.87 -10.36 -24.25
N ASP E 280 -27.93 -9.84 -25.07
CA ASP E 280 -27.91 -10.04 -26.51
C ASP E 280 -27.38 -11.41 -26.92
N TYR E 281 -27.22 -12.35 -25.98
CA TYR E 281 -26.83 -13.72 -26.29
C TYR E 281 -27.74 -14.78 -25.68
N PHE E 282 -28.46 -14.50 -24.61
CA PHE E 282 -29.36 -15.49 -24.00
C PHE E 282 -30.75 -14.88 -23.84
N ALA E 283 -31.65 -15.68 -23.27
CA ALA E 283 -33.06 -15.33 -23.12
C ALA E 283 -33.22 -14.12 -22.19
N CYS E 284 -34.47 -13.67 -22.06
CA CYS E 284 -34.79 -12.57 -21.15
C CYS E 284 -36.18 -12.82 -20.56
N GLU E 285 -36.50 -12.06 -19.51
CA GLU E 285 -37.70 -12.30 -18.69
C GLU E 285 -37.72 -13.74 -18.14
N ALA F 2 -74.51 22.28 62.24
CA ALA F 2 -75.56 22.34 63.25
C ALA F 2 -76.17 20.94 63.54
N ARG F 3 -76.71 20.27 62.51
CA ARG F 3 -77.27 18.92 62.65
C ARG F 3 -76.18 17.90 62.28
N ARG F 4 -75.30 17.65 63.24
CA ARG F 4 -74.20 16.69 63.11
C ARG F 4 -74.56 15.40 63.82
N ARG F 5 -73.75 14.38 63.59
CA ARG F 5 -74.00 13.09 64.19
C ARG F 5 -72.71 12.55 64.83
N PRO F 6 -72.77 11.49 65.64
CA PRO F 6 -71.53 10.84 66.10
C PRO F 6 -70.64 10.38 64.96
N ILE F 7 -69.35 10.15 65.29
CA ILE F 7 -68.30 9.90 64.30
C ILE F 7 -68.09 8.39 64.16
N ARG F 8 -67.95 7.93 62.92
CA ARG F 8 -67.75 6.52 62.62
C ARG F 8 -66.31 6.38 62.14
N VAL F 9 -65.50 5.64 62.87
CA VAL F 9 -64.06 5.59 62.65
C VAL F 9 -63.59 4.15 62.52
N LEU F 10 -62.67 3.92 61.59
CA LEU F 10 -61.91 2.69 61.45
C LEU F 10 -60.45 3.02 61.75
N SER F 11 -59.90 2.40 62.80
CA SER F 11 -58.50 2.59 63.20
C SER F 11 -57.75 1.30 62.95
N LEU F 12 -56.76 1.37 62.06
CA LEU F 12 -55.90 0.25 61.71
C LEU F 12 -54.60 0.31 62.50
N PHE F 13 -54.11 -0.85 62.93
CA PHE F 13 -52.97 -0.97 63.85
C PHE F 13 -53.26 -0.17 65.14
N ASP F 14 -54.39 -0.49 65.75
CA ASP F 14 -54.95 0.41 66.76
C ASP F 14 -54.06 0.50 67.99
N GLY F 15 -53.31 -0.56 68.31
CA GLY F 15 -52.51 -0.54 69.52
C GLY F 15 -53.39 -0.54 70.76
N ILE F 16 -53.16 0.43 71.65
CA ILE F 16 -53.88 0.48 72.92
C ILE F 16 -54.99 1.51 72.80
N ALA F 17 -55.49 1.70 71.57
CA ALA F 17 -56.72 2.47 71.33
C ALA F 17 -56.55 3.93 71.69
N THR F 18 -55.44 4.52 71.23
CA THR F 18 -55.20 5.92 71.56
C THR F 18 -56.26 6.82 70.92
N GLY F 19 -56.78 6.41 69.75
CA GLY F 19 -57.75 7.25 69.07
C GLY F 19 -59.05 7.39 69.83
N TYR F 20 -59.63 6.26 70.28
CA TYR F 20 -60.89 6.30 71.02
C TYR F 20 -60.73 7.03 72.34
N LEU F 21 -59.56 6.88 72.99
CA LEU F 21 -59.29 7.61 74.21
C LEU F 21 -59.31 9.11 73.97
N VAL F 22 -58.58 9.57 72.95
CA VAL F 22 -58.49 11.00 72.66
C VAL F 22 -59.86 11.57 72.28
N LEU F 23 -60.69 10.78 71.59
CA LEU F 23 -61.97 11.29 71.13
C LEU F 23 -62.91 11.59 72.30
N LYS F 24 -63.04 10.64 73.24
CA LYS F 24 -63.91 10.89 74.39
C LYS F 24 -63.35 11.98 75.30
N GLU F 25 -62.03 11.96 75.54
CA GLU F 25 -61.39 13.06 76.27
C GLU F 25 -61.59 14.39 75.57
N LEU F 26 -61.76 14.36 74.25
CA LEU F 26 -62.00 15.58 73.52
C LEU F 26 -63.44 16.04 73.61
N GLY F 27 -64.32 15.17 74.10
CA GLY F 27 -65.74 15.48 74.21
C GLY F 27 -66.58 15.10 73.03
N ILE F 28 -66.00 14.43 72.03
CA ILE F 28 -66.68 14.07 70.78
C ILE F 28 -67.45 12.77 70.99
N LYS F 29 -68.67 12.73 70.44
CA LYS F 29 -69.53 11.57 70.56
C LYS F 29 -69.10 10.52 69.52
N VAL F 30 -68.72 9.33 69.97
CA VAL F 30 -68.28 8.26 69.09
C VAL F 30 -69.40 7.26 68.95
N GLY F 31 -69.88 7.06 67.72
CA GLY F 31 -70.96 6.13 67.45
C GLY F 31 -70.46 4.76 67.06
N LYS F 32 -69.27 4.68 66.46
CA LYS F 32 -68.67 3.40 66.10
C LYS F 32 -67.16 3.55 65.99
N TYR F 33 -66.44 2.57 66.53
CA TYR F 33 -64.97 2.56 66.46
C TYR F 33 -64.56 1.12 66.14
N VAL F 34 -64.10 0.89 64.92
CA VAL F 34 -63.68 -0.42 64.45
C VAL F 34 -62.15 -0.45 64.43
N ALA F 35 -61.56 -1.42 65.13
CA ALA F 35 -60.12 -1.50 65.32
C ALA F 35 -59.59 -2.81 64.77
N SER F 36 -58.45 -2.74 64.07
CA SER F 36 -57.75 -3.92 63.57
C SER F 36 -56.43 -4.02 64.33
N GLU F 37 -56.33 -5.05 65.18
CA GLU F 37 -55.17 -5.25 66.04
C GLU F 37 -55.07 -6.73 66.35
N VAL F 38 -53.84 -7.23 66.46
CA VAL F 38 -53.61 -8.65 66.68
C VAL F 38 -52.94 -8.96 68.02
N CYS F 39 -52.39 -7.95 68.70
CA CYS F 39 -51.78 -8.18 70.00
C CYS F 39 -52.86 -8.41 71.05
N GLU F 40 -52.89 -9.62 71.62
CA GLU F 40 -53.95 -9.94 72.58
C GLU F 40 -53.86 -9.07 73.82
N GLU F 41 -52.64 -8.72 74.25
CA GLU F 41 -52.51 -7.80 75.38
C GLU F 41 -52.91 -6.39 74.97
N SER F 42 -52.55 -5.94 73.77
CA SER F 42 -53.02 -4.64 73.31
C SER F 42 -54.53 -4.64 73.20
N ILE F 43 -55.11 -5.71 72.61
CA ILE F 43 -56.55 -5.81 72.48
C ILE F 43 -57.22 -5.72 73.85
N ALA F 44 -56.60 -6.33 74.85
CA ALA F 44 -57.17 -6.35 76.19
C ALA F 44 -57.32 -4.95 76.78
N VAL F 45 -56.39 -4.03 76.48
CA VAL F 45 -56.44 -2.71 77.11
C VAL F 45 -57.66 -1.92 76.65
N GLY F 46 -57.86 -1.81 75.33
CA GLY F 46 -59.01 -1.05 74.84
C GLY F 46 -60.33 -1.75 75.08
N THR F 47 -60.32 -3.07 75.21
CA THR F 47 -61.55 -3.81 75.52
C THR F 47 -62.02 -3.55 76.93
N VAL F 48 -61.07 -3.48 77.88
CA VAL F 48 -61.39 -3.27 79.30
C VAL F 48 -61.52 -1.79 79.62
N LYS F 49 -60.57 -0.97 79.19
CA LYS F 49 -60.60 0.46 79.54
C LYS F 49 -61.71 1.23 78.83
N HIS F 50 -62.49 0.59 77.94
CA HIS F 50 -63.55 1.28 77.23
C HIS F 50 -64.86 0.47 77.17
N GLU F 51 -64.96 -0.63 77.92
CA GLU F 51 -66.22 -1.37 78.10
C GLU F 51 -66.80 -1.84 76.78
N GLY F 52 -65.93 -2.33 75.89
CA GLY F 52 -66.37 -2.99 74.69
C GLY F 52 -67.02 -2.12 73.64
N ASN F 53 -66.89 -0.79 73.73
CA ASN F 53 -67.36 0.05 72.64
C ASN F 53 -66.52 -0.09 71.38
N ILE F 54 -65.29 -0.55 71.52
CA ILE F 54 -64.39 -0.72 70.38
C ILE F 54 -64.67 -2.08 69.76
N LYS F 55 -64.95 -2.09 68.46
CA LYS F 55 -65.21 -3.31 67.70
C LYS F 55 -63.90 -3.83 67.12
N TYR F 56 -63.33 -4.86 67.75
CA TYR F 56 -62.09 -5.45 67.25
C TYR F 56 -62.43 -6.48 66.17
N VAL F 57 -61.61 -6.55 65.13
CA VAL F 57 -61.87 -7.56 64.10
C VAL F 57 -60.74 -8.57 63.90
N ASN F 58 -59.55 -8.20 63.42
CA ASN F 58 -58.46 -9.14 63.20
C ASN F 58 -57.27 -8.45 62.54
N ASP F 59 -56.23 -9.23 62.25
CA ASP F 59 -55.21 -8.87 61.27
C ASP F 59 -55.81 -8.14 60.07
N VAL F 60 -55.18 -7.00 59.73
CA VAL F 60 -55.69 -6.12 58.69
C VAL F 60 -55.64 -6.82 57.34
N ARG F 61 -54.74 -7.80 57.17
CA ARG F 61 -54.58 -8.46 55.88
C ARG F 61 -55.82 -9.28 55.49
N ASN F 62 -56.69 -9.60 56.44
CA ASN F 62 -57.90 -10.37 56.18
C ASN F 62 -59.15 -9.49 56.08
N ILE F 63 -58.98 -8.20 55.83
CA ILE F 63 -60.11 -7.26 55.72
C ILE F 63 -60.38 -7.03 54.24
N THR F 64 -61.58 -7.38 53.78
CA THR F 64 -61.94 -7.26 52.37
C THR F 64 -62.83 -6.03 52.17
N LYS F 65 -63.14 -5.73 50.90
CA LYS F 65 -64.03 -4.60 50.65
C LYS F 65 -65.44 -4.88 51.16
N LYS F 66 -65.87 -6.14 51.11
CA LYS F 66 -67.19 -6.50 51.62
C LYS F 66 -67.32 -6.14 53.10
N ASN F 67 -66.22 -6.26 53.85
CA ASN F 67 -66.22 -5.82 55.24
C ASN F 67 -66.37 -4.30 55.34
N ILE F 68 -65.58 -3.55 54.55
CA ILE F 68 -65.61 -2.09 54.66
C ILE F 68 -66.98 -1.53 54.29
N GLU F 69 -67.73 -2.23 53.42
CA GLU F 69 -69.09 -1.78 53.15
C GLU F 69 -70.03 -2.17 54.27
N GLU F 70 -69.81 -3.33 54.90
CA GLU F 70 -70.67 -3.78 56.00
C GLU F 70 -70.54 -2.87 57.20
N TRP F 71 -69.34 -2.79 57.77
CA TRP F 71 -69.09 -2.05 59.01
C TRP F 71 -69.16 -0.54 58.81
N GLY F 72 -68.94 -0.07 57.58
CA GLY F 72 -69.04 1.33 57.29
C GLY F 72 -70.47 1.82 57.30
N PRO F 73 -70.71 3.05 56.83
CA PRO F 73 -69.65 3.95 56.37
C PRO F 73 -68.77 4.47 57.52
N PHE F 74 -67.63 5.07 57.18
CA PHE F 74 -66.68 5.62 58.14
C PHE F 74 -66.50 7.11 57.88
N ASP F 75 -66.35 7.88 58.95
CA ASP F 75 -66.02 9.29 58.88
C ASP F 75 -64.55 9.57 59.09
N LEU F 76 -63.83 8.63 59.72
CA LEU F 76 -62.42 8.77 60.06
C LEU F 76 -61.71 7.45 59.81
N VAL F 77 -60.62 7.47 59.06
CA VAL F 77 -59.78 6.28 58.86
C VAL F 77 -58.38 6.68 59.29
N ILE F 78 -57.85 6.02 60.33
CA ILE F 78 -56.54 6.34 60.89
C ILE F 78 -55.71 5.08 61.02
N GLY F 79 -54.39 5.25 60.93
CA GLY F 79 -53.46 4.15 61.09
C GLY F 79 -52.04 4.57 61.44
N GLY F 80 -51.42 3.89 62.39
CA GLY F 80 -50.01 4.10 62.72
C GLY F 80 -49.19 2.92 62.25
N SER F 81 -48.12 3.21 61.51
CA SER F 81 -47.30 2.15 60.94
C SER F 81 -46.56 1.40 62.06
N PRO F 82 -46.41 0.09 61.94
CA PRO F 82 -45.50 -0.66 62.83
C PRO F 82 -44.04 -0.27 62.61
N CYS F 83 -43.40 0.17 63.68
CA CYS F 83 -42.00 0.62 63.68
C CYS F 83 -41.03 -0.54 63.92
N ARG F 93 -33.67 -1.82 59.79
CA ARG F 93 -35.04 -1.73 59.30
C ARG F 93 -35.12 -2.11 57.80
N LYS F 94 -35.99 -3.08 57.50
CA LYS F 94 -36.10 -3.54 56.12
C LYS F 94 -36.68 -2.48 55.19
N GLY F 95 -37.35 -1.47 55.74
CA GLY F 95 -37.90 -0.39 54.94
C GLY F 95 -39.36 -0.61 54.60
N LEU F 96 -39.81 0.06 53.55
CA LEU F 96 -41.22 0.00 53.18
C LEU F 96 -41.53 -1.34 52.52
N TYR F 97 -40.90 -1.63 51.38
CA TYR F 97 -41.34 -2.72 50.53
C TYR F 97 -41.01 -4.10 51.08
N GLU F 98 -40.47 -4.20 52.30
CA GLU F 98 -40.12 -5.47 52.89
C GLU F 98 -40.75 -5.59 54.27
N GLY F 99 -41.29 -6.78 54.55
CA GLY F 99 -41.71 -7.10 55.91
C GLY F 99 -42.81 -6.20 56.42
N THR F 100 -42.68 -5.82 57.69
CA THR F 100 -43.74 -5.08 58.37
C THR F 100 -43.98 -3.72 57.75
N GLY F 101 -43.06 -3.24 56.91
CA GLY F 101 -43.29 -1.98 56.25
C GLY F 101 -44.44 -2.01 55.27
N ARG F 102 -44.61 -3.13 54.56
CA ARG F 102 -45.62 -3.22 53.51
C ARG F 102 -47.02 -3.39 54.05
N LEU F 103 -47.19 -3.51 55.37
CA LEU F 103 -48.54 -3.45 55.91
C LEU F 103 -49.17 -2.10 55.68
N PHE F 104 -48.37 -1.10 55.29
CA PHE F 104 -48.93 0.19 54.89
C PHE F 104 -49.86 0.04 53.70
N PHE F 105 -49.52 -0.86 52.76
CA PHE F 105 -50.34 -0.99 51.56
C PHE F 105 -51.71 -1.57 51.89
N GLU F 106 -51.79 -2.45 52.90
CA GLU F 106 -53.11 -2.86 53.36
C GLU F 106 -53.88 -1.66 53.89
N PHE F 107 -53.19 -0.75 54.59
CA PHE F 107 -53.84 0.49 54.99
C PHE F 107 -54.24 1.29 53.76
N TYR F 108 -53.42 1.26 52.70
CA TYR F 108 -53.69 2.05 51.52
C TYR F 108 -55.05 1.70 50.92
N HIS F 109 -55.28 0.42 50.63
CA HIS F 109 -56.50 0.04 49.91
C HIS F 109 -57.75 0.20 50.79
N LEU F 110 -57.68 -0.26 52.05
CA LEU F 110 -58.82 -0.07 52.95
C LEU F 110 -59.17 1.39 53.12
N LEU F 111 -58.18 2.29 53.08
CA LEU F 111 -58.51 3.71 53.11
C LEU F 111 -59.30 4.12 51.87
N ASN F 112 -58.79 3.78 50.68
CA ASN F 112 -59.47 4.14 49.43
C ASN F 112 -60.78 3.38 49.26
N TYR F 113 -60.90 2.18 49.81
CA TYR F 113 -62.19 1.49 49.87
C TYR F 113 -63.21 2.32 50.65
N SER F 114 -62.77 3.01 51.71
CA SER F 114 -63.65 3.69 52.64
C SER F 114 -64.01 5.10 52.22
N ARG F 115 -63.28 5.70 51.27
CA ARG F 115 -63.55 7.05 50.85
C ARG F 115 -64.94 7.13 50.23
N PRO F 116 -65.62 8.27 50.33
CA PRO F 116 -66.98 8.38 49.81
C PRO F 116 -67.03 8.15 48.30
N LYS F 117 -68.24 7.90 47.79
CA LYS F 117 -68.43 7.83 46.34
C LYS F 117 -67.92 9.12 45.68
N GLU F 118 -67.26 8.98 44.53
CA GLU F 118 -66.60 10.12 43.89
C GLU F 118 -67.61 11.23 43.54
N GLY F 119 -67.46 12.37 44.21
CA GLY F 119 -68.44 13.45 44.15
C GLY F 119 -69.34 13.61 45.38
N ASP F 120 -69.21 12.75 46.40
CA ASP F 120 -70.04 12.84 47.61
C ASP F 120 -69.46 13.90 48.55
N ASP F 121 -70.33 14.79 49.01
CA ASP F 121 -69.86 15.96 49.74
C ASP F 121 -69.63 15.69 51.23
N ARG F 122 -70.02 14.52 51.74
CA ARG F 122 -69.92 14.31 53.17
C ARG F 122 -68.47 14.38 53.62
N PRO F 123 -68.21 14.84 54.85
CA PRO F 123 -66.84 14.97 55.33
C PRO F 123 -66.20 13.61 55.55
N PHE F 124 -64.93 13.49 55.17
CA PHE F 124 -64.18 12.25 55.36
C PHE F 124 -62.75 12.63 55.65
N PHE F 125 -62.21 12.13 56.76
CA PHE F 125 -60.87 12.51 57.20
C PHE F 125 -60.03 11.26 57.43
N TRP F 126 -58.76 11.36 57.11
CA TRP F 126 -57.84 10.25 57.32
C TRP F 126 -56.53 10.77 57.89
N MET F 127 -55.74 9.84 58.44
CA MET F 127 -54.44 10.17 58.99
C MET F 127 -53.57 8.93 59.02
N PHE F 128 -52.34 9.05 58.57
CA PHE F 128 -51.35 7.98 58.67
C PHE F 128 -50.10 8.52 59.37
N GLU F 129 -49.59 7.73 60.31
CA GLU F 129 -48.43 8.10 61.10
C GLU F 129 -47.29 7.14 60.82
N ASN F 130 -46.07 7.68 60.76
CA ASN F 130 -44.88 6.84 60.69
C ASN F 130 -43.74 7.60 61.35
N VAL F 131 -42.76 6.84 61.82
CA VAL F 131 -41.62 7.40 62.55
C VAL F 131 -40.80 8.31 61.66
N VAL F 132 -40.05 9.24 62.27
CA VAL F 132 -39.10 10.05 61.52
C VAL F 132 -37.87 9.22 61.15
N ALA F 133 -37.53 8.22 61.95
CA ALA F 133 -36.43 7.31 61.62
C ALA F 133 -36.86 6.43 60.46
N MET F 134 -36.86 7.03 59.27
CA MET F 134 -37.38 6.42 58.07
C MET F 134 -36.44 6.71 56.90
N LYS F 135 -36.35 5.78 55.96
CA LYS F 135 -35.60 6.02 54.74
C LYS F 135 -36.29 7.10 53.90
N VAL F 136 -35.48 8.05 53.38
CA VAL F 136 -36.06 9.15 52.61
C VAL F 136 -36.77 8.64 51.38
N GLY F 137 -36.31 7.53 50.80
CA GLY F 137 -37.00 6.96 49.65
C GLY F 137 -38.39 6.45 49.98
N ASP F 138 -38.56 5.88 51.17
CA ASP F 138 -39.88 5.40 51.59
C ASP F 138 -40.78 6.55 52.00
N LYS F 139 -40.21 7.59 52.62
CA LYS F 139 -40.98 8.80 52.88
C LYS F 139 -41.51 9.40 51.59
N ARG F 140 -40.67 9.43 50.56
CA ARG F 140 -41.09 9.97 49.26
C ARG F 140 -42.14 9.09 48.62
N ASP F 141 -41.96 7.76 48.70
CA ASP F 141 -42.92 6.85 48.09
C ASP F 141 -44.28 6.96 48.77
N ILE F 142 -44.31 6.96 50.10
CA ILE F 142 -45.59 7.11 50.81
C ILE F 142 -46.28 8.41 50.42
N SER F 143 -45.51 9.48 50.22
CA SER F 143 -46.12 10.73 49.79
C SER F 143 -46.69 10.62 48.38
N ARG F 144 -46.00 9.92 47.47
CA ARG F 144 -46.56 9.70 46.14
C ARG F 144 -47.85 8.89 46.18
N PHE F 145 -47.90 7.87 47.02
CA PHE F 145 -49.11 7.07 47.12
C PHE F 145 -50.27 7.89 47.65
N LEU F 146 -50.05 8.58 48.75
CA LEU F 146 -51.11 9.30 49.45
C LEU F 146 -51.42 10.66 48.83
N GLU F 147 -50.59 11.13 47.91
CA GLU F 147 -50.77 12.43 47.26
C GLU F 147 -50.77 13.56 48.28
N CYS F 148 -49.75 13.55 49.15
CA CYS F 148 -49.83 14.32 50.38
C CYS F 148 -48.44 14.39 50.99
N ASN F 149 -48.15 15.51 51.65
CA ASN F 149 -46.84 15.61 52.30
C ASN F 149 -47.00 15.56 53.82
N PRO F 150 -46.10 14.87 54.53
CA PRO F 150 -46.26 14.73 55.98
C PRO F 150 -45.94 16.02 56.71
N VAL F 151 -46.62 16.23 57.83
CA VAL F 151 -46.28 17.31 58.76
C VAL F 151 -45.63 16.66 59.98
N MET F 152 -44.44 17.13 60.34
CA MET F 152 -43.71 16.58 61.48
C MET F 152 -44.13 17.26 62.77
N ILE F 153 -44.51 16.45 63.76
CA ILE F 153 -44.94 16.93 65.06
C ILE F 153 -44.16 16.15 66.11
N ASP F 154 -43.33 16.85 66.89
CA ASP F 154 -42.62 16.21 68.00
C ASP F 154 -43.43 16.41 69.27
N ALA F 155 -43.59 15.33 70.03
CA ALA F 155 -44.29 15.41 71.31
C ALA F 155 -43.55 16.26 72.33
N ILE F 156 -42.33 16.69 72.02
CA ILE F 156 -41.51 17.45 72.95
C ILE F 156 -42.19 18.75 73.37
N LYS F 157 -43.08 19.30 72.52
CA LYS F 157 -43.71 20.58 72.82
C LYS F 157 -44.81 20.46 73.87
N VAL F 158 -45.40 19.27 74.04
CA VAL F 158 -46.61 19.05 74.84
C VAL F 158 -46.46 17.92 75.87
N SER F 159 -45.40 17.13 75.76
CA SER F 159 -45.14 16.06 76.74
C SER F 159 -43.75 16.23 77.32
N ALA F 160 -43.29 15.24 78.07
CA ALA F 160 -41.92 15.22 78.57
C ALA F 160 -41.09 14.17 77.82
N ALA F 161 -41.26 14.08 76.51
CA ALA F 161 -40.58 13.05 75.75
C ALA F 161 -40.19 13.56 74.38
N HIS F 162 -39.15 12.96 73.80
CA HIS F 162 -38.81 13.16 72.39
C HIS F 162 -39.54 12.09 71.59
N ARG F 163 -40.54 12.52 70.82
CA ARG F 163 -41.28 11.61 69.95
C ARG F 163 -41.63 12.39 68.70
N ALA F 164 -40.72 12.38 67.74
CA ALA F 164 -40.95 13.02 66.46
C ALA F 164 -41.51 11.99 65.49
N ARG F 165 -42.66 12.30 64.87
CA ARG F 165 -43.31 11.41 63.94
C ARG F 165 -43.95 12.21 62.81
N TYR F 166 -43.98 11.61 61.60
CA TYR F 166 -44.67 12.22 60.46
C TYR F 166 -46.15 11.86 60.46
N PHE F 167 -46.98 12.82 60.06
CA PHE F 167 -48.43 12.64 60.04
C PHE F 167 -48.97 13.01 58.66
N TRP F 168 -49.23 11.99 57.83
CA TRP F 168 -49.92 12.20 56.57
C TRP F 168 -51.42 12.28 56.83
N GLY F 169 -52.09 13.19 56.16
CA GLY F 169 -53.54 13.20 56.25
C GLY F 169 -54.13 14.50 55.73
N ASN F 170 -55.44 14.61 55.93
CA ASN F 170 -56.24 15.75 55.48
C ASN F 170 -57.03 16.38 56.61
N LEU F 171 -56.58 16.21 57.84
CA LEU F 171 -57.28 16.78 58.99
C LEU F 171 -57.19 18.31 58.96
N PRO F 172 -58.19 19.00 59.53
CA PRO F 172 -58.15 20.49 59.55
C PRO F 172 -57.02 21.03 60.40
N GLY F 173 -56.19 21.87 59.78
CA GLY F 173 -55.07 22.50 60.46
C GLY F 173 -54.07 21.53 61.04
N MET F 174 -53.46 20.71 60.20
CA MET F 174 -52.39 19.82 60.64
C MET F 174 -51.08 20.58 60.79
N ASN F 175 -50.88 21.63 60.00
CA ASN F 175 -49.72 22.51 60.16
C ASN F 175 -49.93 23.55 61.25
N ARG F 176 -51.11 23.59 61.84
CA ARG F 176 -51.38 24.47 62.96
C ARG F 176 -50.23 24.42 63.98
N PRO F 177 -49.84 25.56 64.55
CA PRO F 177 -48.72 25.55 65.50
C PRO F 177 -49.06 24.81 66.80
N VAL F 178 -48.13 23.96 67.23
CA VAL F 178 -48.35 23.13 68.43
C VAL F 178 -48.18 24.00 69.68
N ILE F 179 -49.25 24.11 70.46
CA ILE F 179 -49.26 24.83 71.73
C ILE F 179 -49.57 23.82 72.83
N ALA F 180 -49.02 24.05 74.02
CA ALA F 180 -49.29 23.17 75.16
C ALA F 180 -50.48 23.69 75.96
N SER F 181 -51.23 22.78 76.57
CA SER F 181 -52.36 23.16 77.40
C SER F 181 -51.96 23.29 78.87
N LYS F 182 -52.86 23.82 79.69
CA LYS F 182 -52.56 24.08 81.10
C LYS F 182 -52.34 22.79 81.89
N ASN F 183 -52.98 21.70 81.46
CA ASN F 183 -52.92 20.42 82.17
C ASN F 183 -51.89 19.45 81.59
N ASP F 184 -51.15 19.84 80.56
CA ASP F 184 -50.15 18.96 79.98
C ASP F 184 -48.97 18.83 80.94
N LYS F 185 -48.63 17.61 81.31
CA LYS F 185 -47.49 17.34 82.17
C LYS F 185 -46.24 17.46 81.31
N LEU F 186 -45.55 18.61 81.42
CA LEU F 186 -44.53 19.02 80.47
C LEU F 186 -43.13 18.50 80.79
N GLU F 187 -42.74 18.43 82.06
CA GLU F 187 -41.41 17.99 82.43
C GLU F 187 -41.46 16.69 83.22
N LEU F 188 -40.31 16.03 83.29
CA LEU F 188 -40.27 14.67 83.83
C LEU F 188 -40.66 14.65 85.31
N GLN F 189 -40.30 15.70 86.05
CA GLN F 189 -40.61 15.69 87.48
C GLN F 189 -42.12 15.66 87.72
N ASP F 190 -42.92 16.13 86.77
CA ASP F 190 -44.37 16.14 86.91
C ASP F 190 -45.02 14.78 86.70
N CYS F 191 -44.27 13.79 86.19
CA CYS F 191 -44.77 12.45 85.91
C CYS F 191 -44.33 11.39 86.92
N LEU F 192 -43.61 11.77 87.96
CA LEU F 192 -42.95 10.80 88.83
C LEU F 192 -43.72 10.57 90.13
N GLU F 193 -43.59 9.37 90.66
CA GLU F 193 -44.24 9.03 91.92
C GLU F 193 -43.55 9.74 93.09
N TYR F 194 -44.05 9.50 94.30
CA TYR F 194 -43.53 10.16 95.50
C TYR F 194 -42.07 9.80 95.75
N ASN F 195 -41.32 10.75 96.31
CA ASN F 195 -39.94 10.60 96.76
C ASN F 195 -38.95 10.40 95.62
N ARG F 196 -39.40 10.50 94.37
CA ARG F 196 -38.54 10.30 93.22
C ARG F 196 -38.21 11.64 92.58
N ILE F 197 -36.93 11.86 92.26
CA ILE F 197 -36.46 13.09 91.64
C ILE F 197 -35.86 12.75 90.30
N ALA F 198 -36.24 13.53 89.28
CA ALA F 198 -35.78 13.36 87.91
C ALA F 198 -34.51 14.17 87.70
N LYS F 199 -33.48 13.51 87.16
CA LYS F 199 -32.25 14.23 86.79
C LYS F 199 -32.47 15.06 85.52
N LEU F 200 -33.26 14.55 84.57
CA LEU F 200 -33.51 15.20 83.30
C LEU F 200 -34.79 16.03 83.37
N LYS F 201 -35.05 16.77 82.28
CA LYS F 201 -36.30 17.50 82.11
C LYS F 201 -37.20 16.89 81.06
N LYS F 202 -36.65 16.21 80.07
CA LYS F 202 -37.42 15.54 79.04
C LYS F 202 -36.68 14.28 78.63
N VAL F 203 -37.41 13.16 78.54
CA VAL F 203 -36.82 11.86 78.25
C VAL F 203 -36.61 11.71 76.74
N GLN F 204 -35.46 11.13 76.35
CA GLN F 204 -35.22 10.79 74.96
C GLN F 204 -36.15 9.65 74.54
N THR F 205 -36.21 9.41 73.23
CA THR F 205 -37.18 8.48 72.64
C THR F 205 -37.10 7.10 73.33
N ILE F 206 -38.23 6.36 73.28
CA ILE F 206 -38.32 5.04 73.94
C ILE F 206 -38.45 3.90 72.91
N GLN F 219 -24.84 5.58 79.33
CA GLN F 219 -26.29 5.45 79.42
C GLN F 219 -26.83 5.63 80.87
N LEU F 220 -27.06 6.87 81.29
CA LEU F 220 -27.44 7.19 82.67
C LEU F 220 -28.95 7.01 82.91
N PHE F 221 -29.28 6.74 84.20
CA PHE F 221 -30.62 6.53 84.74
C PHE F 221 -31.31 7.89 84.93
N PRO F 222 -32.63 7.98 84.65
CA PRO F 222 -33.32 9.27 84.71
C PRO F 222 -33.81 9.66 86.09
N VAL F 223 -34.10 8.67 86.94
CA VAL F 223 -34.74 8.87 88.24
C VAL F 223 -33.75 8.54 89.35
N VAL F 224 -33.79 9.34 90.42
CA VAL F 224 -33.01 9.10 91.63
C VAL F 224 -33.98 9.08 92.82
N MET F 225 -34.17 7.90 93.41
CA MET F 225 -35.03 7.70 94.58
C MET F 225 -34.17 7.34 95.77
N ASN F 226 -34.16 8.21 96.78
CA ASN F 226 -33.39 8.00 98.01
C ASN F 226 -31.89 7.92 97.70
N GLY F 227 -31.40 8.86 96.91
CA GLY F 227 -29.99 8.88 96.53
C GLY F 227 -29.49 7.69 95.75
N LYS F 228 -30.38 6.85 95.22
CA LYS F 228 -30.03 5.68 94.42
C LYS F 228 -30.67 5.82 93.04
N GLU F 229 -29.90 5.52 92.00
CA GLU F 229 -30.41 5.62 90.63
C GLU F 229 -31.42 4.53 90.33
N ASP F 230 -32.41 4.85 89.51
CA ASP F 230 -33.45 3.91 89.15
C ASP F 230 -34.10 4.35 87.84
N VAL F 231 -34.60 3.38 87.08
CA VAL F 231 -35.31 3.59 85.81
C VAL F 231 -36.73 4.07 86.11
N LEU F 232 -37.45 4.47 85.07
CA LEU F 232 -38.85 4.88 85.23
C LEU F 232 -39.74 3.67 85.50
N TRP F 233 -40.83 3.88 86.23
CA TRP F 233 -41.85 2.85 86.47
C TRP F 233 -42.93 2.91 85.39
N CYS F 234 -43.69 1.81 85.27
CA CYS F 234 -44.75 1.77 84.26
C CYS F 234 -45.74 2.91 84.44
N THR F 235 -46.04 3.27 85.68
CA THR F 235 -46.97 4.37 85.89
C THR F 235 -46.37 5.70 85.44
N GLU F 236 -45.04 5.83 85.50
CA GLU F 236 -44.40 7.07 85.08
C GLU F 236 -44.36 7.18 83.55
N LEU F 237 -44.15 6.04 82.87
CA LEU F 237 -44.27 6.02 81.41
C LEU F 237 -45.65 6.45 80.95
N GLU F 238 -46.69 6.02 81.68
CA GLU F 238 -48.06 6.37 81.31
C GLU F 238 -48.31 7.88 81.40
N ARG F 239 -47.63 8.58 82.31
CA ARG F 239 -47.81 10.03 82.37
C ARG F 239 -46.96 10.73 81.31
N ILE F 240 -45.90 10.08 80.86
CA ILE F 240 -44.98 10.67 79.88
C ILE F 240 -45.65 10.78 78.51
N PHE F 241 -46.33 9.71 78.08
CA PHE F 241 -47.04 9.69 76.81
C PHE F 241 -48.40 10.35 76.89
N GLY F 242 -48.81 10.83 78.07
CA GLY F 242 -50.09 11.48 78.22
C GLY F 242 -51.25 10.56 78.49
N PHE F 243 -50.99 9.29 78.78
CA PHE F 243 -52.07 8.36 79.05
C PHE F 243 -52.57 8.52 80.48
N PRO F 244 -53.80 8.09 80.75
CA PRO F 244 -54.27 7.99 82.14
C PRO F 244 -53.36 7.08 82.94
N VAL F 245 -53.18 7.41 84.23
CA VAL F 245 -52.38 6.55 85.09
C VAL F 245 -53.04 5.17 85.19
N HIS F 246 -52.21 4.13 85.29
CA HIS F 246 -52.66 2.73 85.39
C HIS F 246 -53.50 2.31 84.19
N TYR F 247 -53.28 2.98 83.05
CA TYR F 247 -54.00 2.66 81.81
C TYR F 247 -53.58 1.32 81.23
N THR F 248 -52.37 0.83 81.55
CA THR F 248 -51.89 -0.42 81.02
C THR F 248 -51.88 -1.56 82.05
N ASP F 249 -52.36 -1.32 83.27
CA ASP F 249 -52.41 -2.36 84.30
C ASP F 249 -53.55 -3.32 83.99
N VAL F 250 -53.27 -4.24 83.06
CA VAL F 250 -54.26 -5.12 82.45
C VAL F 250 -53.57 -6.45 82.12
N SER F 251 -54.26 -7.56 82.41
CA SER F 251 -53.89 -8.88 81.87
C SER F 251 -52.48 -9.32 82.32
N ASN F 252 -52.17 -9.09 83.59
CA ASN F 252 -50.94 -9.56 84.24
C ASN F 252 -49.66 -9.07 83.55
N MET F 253 -49.76 -7.95 82.84
CA MET F 253 -48.62 -7.45 82.08
C MET F 253 -47.53 -6.95 83.02
N GLY F 254 -46.32 -7.49 82.87
CA GLY F 254 -45.19 -7.06 83.66
C GLY F 254 -44.51 -5.83 83.09
N ARG F 255 -43.31 -5.54 83.62
CA ARG F 255 -42.50 -4.40 83.14
C ARG F 255 -42.29 -4.44 81.62
N GLY F 256 -42.06 -5.63 81.08
CA GLY F 256 -41.77 -5.78 79.66
C GLY F 256 -42.91 -5.39 78.76
N ALA F 257 -44.08 -6.03 78.94
CA ALA F 257 -45.19 -5.83 78.03
C ALA F 257 -45.70 -4.39 78.06
N ARG F 258 -45.83 -3.82 79.26
CA ARG F 258 -46.34 -2.46 79.39
C ARG F 258 -45.46 -1.47 78.64
N GLN F 259 -44.13 -1.59 78.80
CA GLN F 259 -43.21 -0.72 78.09
C GLN F 259 -43.26 -0.96 76.58
N LYS F 260 -43.43 -2.22 76.16
CA LYS F 260 -43.59 -2.50 74.74
C LYS F 260 -44.80 -1.77 74.17
N LEU F 261 -45.98 -1.95 74.78
CA LEU F 261 -47.17 -1.28 74.27
C LEU F 261 -47.02 0.23 74.32
N LEU F 262 -46.47 0.76 75.42
CA LEU F 262 -46.31 2.21 75.54
C LEU F 262 -45.18 2.71 74.64
N GLY F 263 -44.17 1.88 74.38
CA GLY F 263 -43.10 2.31 73.49
C GLY F 263 -43.56 2.50 72.06
N ARG F 264 -44.50 1.66 71.60
CA ARG F 264 -45.04 1.70 70.25
C ARG F 264 -46.23 2.64 70.09
N SER F 265 -46.71 3.25 71.18
CA SER F 265 -47.96 4.00 71.17
C SER F 265 -47.75 5.41 70.59
N TRP F 266 -48.86 6.12 70.37
CA TRP F 266 -48.83 7.54 70.08
C TRP F 266 -48.68 8.34 71.37
N SER F 267 -48.41 9.62 71.22
CA SER F 267 -48.46 10.53 72.36
C SER F 267 -49.85 11.16 72.39
N VAL F 268 -50.56 10.97 73.51
CA VAL F 268 -51.95 11.43 73.60
C VAL F 268 -52.11 12.91 73.31
N PRO F 269 -51.28 13.81 73.85
CA PRO F 269 -51.46 15.24 73.51
C PRO F 269 -51.24 15.56 72.05
N VAL F 270 -50.35 14.85 71.36
CA VAL F 270 -50.14 15.06 69.93
C VAL F 270 -51.41 14.74 69.15
N ILE F 271 -52.04 13.61 69.47
CA ILE F 271 -53.26 13.23 68.77
C ILE F 271 -54.39 14.21 69.09
N ARG F 272 -54.52 14.59 70.36
CA ARG F 272 -55.52 15.59 70.72
C ARG F 272 -55.33 16.87 69.92
N HIS F 273 -54.08 17.27 69.69
CA HIS F 273 -53.82 18.41 68.81
C HIS F 273 -54.40 18.16 67.43
N LEU F 274 -54.05 17.00 66.83
CA LEU F 274 -54.57 16.69 65.50
C LEU F 274 -56.09 16.59 65.49
N PHE F 275 -56.68 15.92 66.49
CA PHE F 275 -58.12 15.64 66.46
C PHE F 275 -58.98 16.82 66.94
N ALA F 276 -58.40 17.81 67.62
CA ALA F 276 -59.18 18.93 68.15
C ALA F 276 -60.14 19.56 67.15
N PRO F 277 -59.76 19.85 65.90
CA PRO F 277 -60.69 20.51 64.98
C PRO F 277 -61.85 19.64 64.51
N LEU F 278 -61.91 18.35 64.87
CA LEU F 278 -63.05 17.52 64.51
C LEU F 278 -64.32 17.89 65.27
N LYS F 279 -64.21 18.63 66.39
CA LYS F 279 -65.38 18.98 67.17
C LYS F 279 -66.37 19.82 66.37
N ASP F 280 -65.87 20.63 65.43
CA ASP F 280 -66.71 21.47 64.59
C ASP F 280 -67.34 20.71 63.43
N TYR F 281 -67.16 19.38 63.35
CA TYR F 281 -67.76 18.56 62.32
C TYR F 281 -68.65 17.44 62.85
N PHE F 282 -68.47 17.00 64.09
CA PHE F 282 -69.28 15.91 64.65
C PHE F 282 -69.89 16.35 65.98
N ALA F 283 -70.74 15.49 66.53
CA ALA F 283 -71.51 15.81 67.73
C ALA F 283 -70.65 15.69 68.98
N CYS F 284 -70.74 16.69 69.87
CA CYS F 284 -69.91 16.76 71.08
C CYS F 284 -70.78 16.76 72.33
N GLU F 285 -70.56 15.77 73.20
CA GLU F 285 -71.23 15.63 74.48
C GLU F 285 -70.69 14.40 75.24
N ALA G 1 34.91 4.05 -63.08
CA ALA G 1 34.18 3.04 -62.33
C ALA G 1 32.65 3.28 -62.38
N ALA G 2 31.93 2.53 -63.23
CA ALA G 2 30.50 2.77 -63.43
C ALA G 2 29.64 1.99 -62.43
N ARG G 3 29.64 0.66 -62.52
CA ARG G 3 28.82 -0.20 -61.65
C ARG G 3 29.68 -0.72 -60.49
N ARG G 4 29.31 -0.34 -59.26
CA ARG G 4 30.08 -0.59 -58.04
C ARG G 4 29.24 -1.42 -57.07
N ARG G 5 29.73 -1.59 -55.85
CA ARG G 5 29.12 -2.42 -54.83
C ARG G 5 29.21 -1.72 -53.49
N PRO G 6 28.38 -2.11 -52.51
CA PRO G 6 28.50 -1.53 -51.16
C PRO G 6 29.84 -1.84 -50.50
N ILE G 7 30.21 -0.95 -49.55
CA ILE G 7 31.52 -0.99 -48.93
C ILE G 7 31.53 -2.02 -47.80
N ARG G 8 32.68 -2.63 -47.55
CA ARG G 8 32.87 -3.57 -46.45
C ARG G 8 33.94 -3.00 -45.54
N VAL G 9 33.57 -2.72 -44.29
CA VAL G 9 34.42 -1.98 -43.36
C VAL G 9 34.88 -2.90 -42.26
N LEU G 10 36.14 -2.75 -41.85
CA LEU G 10 36.64 -3.28 -40.59
C LEU G 10 37.05 -2.08 -39.74
N SER G 11 36.38 -1.90 -38.61
CA SER G 11 36.67 -0.78 -37.71
C SER G 11 37.16 -1.35 -36.38
N LEU G 12 38.45 -1.19 -36.13
CA LEU G 12 39.06 -1.56 -34.86
C LEU G 12 38.97 -0.38 -33.91
N PHE G 13 38.74 -0.68 -32.62
CA PHE G 13 38.54 0.33 -31.57
C PHE G 13 37.37 1.25 -31.90
N ASP G 14 36.22 0.63 -32.19
CA ASP G 14 35.15 1.33 -32.89
C ASP G 14 34.48 2.39 -32.04
N GLY G 15 34.46 2.22 -30.72
CA GLY G 15 33.77 3.19 -29.88
C GLY G 15 32.28 3.22 -30.17
N ILE G 16 31.77 4.42 -30.43
CA ILE G 16 30.34 4.62 -30.64
C ILE G 16 29.99 4.61 -32.12
N ALA G 17 30.83 3.96 -32.95
CA ALA G 17 30.53 3.69 -34.35
C ALA G 17 30.48 4.95 -35.19
N THR G 18 31.42 5.87 -34.92
CA THR G 18 31.48 7.08 -35.73
C THR G 18 31.61 6.73 -37.20
N GLY G 19 32.35 5.66 -37.50
CA GLY G 19 32.49 5.25 -38.88
C GLY G 19 31.17 4.91 -39.54
N TYR G 20 30.39 3.99 -38.93
CA TYR G 20 29.09 3.67 -39.48
C TYR G 20 28.21 4.91 -39.57
N LEU G 21 28.28 5.78 -38.55
CA LEU G 21 27.47 6.98 -38.57
C LEU G 21 27.84 7.88 -39.75
N VAL G 22 29.14 8.14 -39.95
CA VAL G 22 29.58 9.03 -41.02
C VAL G 22 29.29 8.43 -42.39
N LEU G 23 29.51 7.13 -42.56
CA LEU G 23 29.30 6.53 -43.89
C LEU G 23 27.84 6.68 -44.33
N LYS G 24 26.89 6.43 -43.44
CA LYS G 24 25.49 6.50 -43.86
C LYS G 24 25.04 7.94 -44.15
N GLU G 25 25.63 8.93 -43.47
CA GLU G 25 25.33 10.34 -43.76
C GLU G 25 25.80 10.72 -45.14
N LEU G 26 26.86 10.08 -45.63
CA LEU G 26 27.35 10.28 -46.99
C LEU G 26 26.53 9.50 -48.00
N GLY G 27 25.57 8.70 -47.54
CA GLY G 27 24.76 7.91 -48.41
C GLY G 27 25.43 6.69 -48.99
N ILE G 28 26.65 6.37 -48.56
CA ILE G 28 27.31 5.15 -49.01
C ILE G 28 26.54 3.94 -48.50
N LYS G 29 26.29 2.98 -49.37
CA LYS G 29 25.63 1.75 -48.94
C LYS G 29 26.63 0.92 -48.15
N VAL G 30 26.34 0.63 -46.89
CA VAL G 30 27.24 -0.14 -46.04
C VAL G 30 26.80 -1.61 -46.06
N GLY G 31 27.56 -2.45 -46.75
CA GLY G 31 27.27 -3.87 -46.82
C GLY G 31 27.62 -4.64 -45.55
N LYS G 32 28.76 -4.31 -44.94
CA LYS G 32 29.18 -4.95 -43.71
C LYS G 32 30.05 -3.98 -42.91
N TYR G 33 29.88 -4.01 -41.59
CA TYR G 33 30.62 -3.16 -40.67
C TYR G 33 31.00 -4.05 -39.49
N VAL G 34 32.25 -4.51 -39.47
CA VAL G 34 32.77 -5.36 -38.40
C VAL G 34 33.52 -4.46 -37.43
N ALA G 35 33.07 -4.42 -36.17
CA ALA G 35 33.55 -3.50 -35.16
C ALA G 35 34.19 -4.28 -34.01
N SER G 36 35.44 -3.97 -33.71
CA SER G 36 36.10 -4.52 -32.53
C SER G 36 36.00 -3.46 -31.43
N GLU G 37 35.35 -3.81 -30.33
CA GLU G 37 35.18 -2.88 -29.22
C GLU G 37 34.81 -3.69 -27.99
N VAL G 38 35.26 -3.23 -26.83
CA VAL G 38 35.12 -3.98 -25.59
C VAL G 38 34.33 -3.24 -24.53
N CYS G 39 34.17 -1.93 -24.64
CA CYS G 39 33.34 -1.17 -23.71
C CYS G 39 31.87 -1.50 -23.95
N GLU G 40 31.22 -2.09 -22.95
CA GLU G 40 29.84 -2.53 -23.11
C GLU G 40 28.92 -1.34 -23.38
N GLU G 41 29.21 -0.18 -22.80
CA GLU G 41 28.39 1.00 -23.05
C GLU G 41 28.54 1.48 -24.49
N SER G 42 29.77 1.52 -25.01
CA SER G 42 29.95 1.90 -26.42
C SER G 42 29.23 0.92 -27.34
N ILE G 43 29.31 -0.36 -27.04
CA ILE G 43 28.61 -1.35 -27.85
C ILE G 43 27.11 -1.09 -27.84
N ALA G 44 26.58 -0.63 -26.70
CA ALA G 44 25.16 -0.33 -26.61
C ALA G 44 24.77 0.81 -27.55
N VAL G 45 25.65 1.81 -27.70
CA VAL G 45 25.34 2.95 -28.56
C VAL G 45 25.28 2.54 -30.03
N GLY G 46 26.21 1.69 -30.47
CA GLY G 46 26.19 1.27 -31.85
C GLY G 46 25.15 0.22 -32.16
N THR G 47 24.85 -0.65 -31.19
CA THR G 47 23.85 -1.68 -31.40
C THR G 47 22.46 -1.07 -31.53
N VAL G 48 22.12 -0.13 -30.66
CA VAL G 48 20.78 0.45 -30.67
C VAL G 48 20.64 1.48 -31.78
N LYS G 49 21.51 2.50 -31.79
CA LYS G 49 21.34 3.62 -32.72
C LYS G 49 21.42 3.17 -34.18
N HIS G 50 22.04 2.02 -34.44
CA HIS G 50 22.17 1.51 -35.80
C HIS G 50 21.49 0.15 -35.95
N GLU G 51 20.61 -0.20 -35.01
CA GLU G 51 19.71 -1.35 -35.12
C GLU G 51 20.45 -2.64 -35.46
N GLY G 52 21.65 -2.78 -34.90
CA GLY G 52 22.38 -4.03 -35.00
C GLY G 52 22.85 -4.39 -36.38
N ASN G 53 22.91 -3.42 -37.30
CA ASN G 53 23.57 -3.66 -38.58
C ASN G 53 25.06 -3.87 -38.40
N ILE G 54 25.63 -3.25 -37.36
CA ILE G 54 27.04 -3.44 -37.02
C ILE G 54 27.25 -4.83 -36.47
N LYS G 55 28.28 -5.50 -36.96
CA LYS G 55 28.72 -6.77 -36.36
C LYS G 55 29.81 -6.48 -35.36
N TYR G 56 29.54 -6.75 -34.09
CA TYR G 56 30.52 -6.55 -33.04
C TYR G 56 31.30 -7.85 -32.87
N VAL G 57 32.59 -7.73 -32.51
CA VAL G 57 33.36 -8.94 -32.26
C VAL G 57 33.85 -9.04 -30.81
N ASN G 58 34.94 -8.36 -30.48
CA ASN G 58 35.51 -8.46 -29.14
C ASN G 58 36.86 -7.75 -29.12
N ASP G 59 37.57 -7.89 -28.00
CA ASP G 59 38.99 -7.54 -27.91
C ASP G 59 39.71 -7.82 -29.22
N VAL G 60 40.48 -6.82 -29.67
CA VAL G 60 41.15 -6.91 -30.95
C VAL G 60 42.24 -7.98 -30.91
N ARG G 61 42.74 -8.31 -29.72
CA ARG G 61 43.86 -9.24 -29.59
C ARG G 61 43.47 -10.68 -29.87
N ASN G 62 42.18 -10.98 -29.99
CA ASN G 62 41.67 -12.31 -30.35
C ASN G 62 41.09 -12.33 -31.76
N ILE G 63 41.61 -11.51 -32.64
CA ILE G 63 41.24 -11.49 -34.05
C ILE G 63 42.40 -12.10 -34.81
N THR G 64 42.17 -13.25 -35.41
CA THR G 64 43.22 -14.01 -36.08
C THR G 64 43.09 -13.85 -37.59
N LYS G 65 44.10 -14.34 -38.30
CA LYS G 65 44.04 -14.32 -39.76
C LYS G 65 42.82 -15.06 -40.29
N LYS G 66 42.43 -16.16 -39.62
CA LYS G 66 41.29 -16.93 -40.07
C LYS G 66 40.00 -16.13 -39.95
N ASN G 67 39.87 -15.32 -38.88
CA ASN G 67 38.70 -14.46 -38.74
C ASN G 67 38.61 -13.45 -39.88
N ILE G 68 39.76 -12.92 -40.32
CA ILE G 68 39.72 -11.90 -41.37
C ILE G 68 39.24 -12.48 -42.69
N GLU G 69 39.60 -13.72 -43.01
CA GLU G 69 39.19 -14.26 -44.30
C GLU G 69 37.70 -14.61 -44.31
N GLU G 70 37.16 -15.10 -43.19
CA GLU G 70 35.74 -15.41 -43.13
C GLU G 70 34.91 -14.13 -43.15
N TRP G 71 35.30 -13.12 -42.37
CA TRP G 71 34.52 -11.89 -42.29
C TRP G 71 34.73 -11.01 -43.53
N GLY G 72 35.92 -11.05 -44.11
CA GLY G 72 36.26 -10.27 -45.28
C GLY G 72 35.54 -10.74 -46.54
N PRO G 73 35.99 -10.25 -47.70
CA PRO G 73 37.05 -9.25 -47.83
C PRO G 73 36.65 -7.86 -47.28
N PHE G 74 37.62 -6.97 -47.09
CA PHE G 74 37.35 -5.63 -46.56
C PHE G 74 37.80 -4.57 -47.55
N ASP G 75 36.97 -3.55 -47.74
CA ASP G 75 37.27 -2.40 -48.58
C ASP G 75 37.88 -1.27 -47.79
N LEU G 76 37.62 -1.21 -46.49
CA LEU G 76 38.04 -0.10 -45.64
C LEU G 76 38.41 -0.66 -44.27
N VAL G 77 39.62 -0.35 -43.80
CA VAL G 77 40.10 -0.80 -42.50
C VAL G 77 40.55 0.43 -41.74
N ILE G 78 39.83 0.79 -40.68
CA ILE G 78 40.07 2.04 -39.97
C ILE G 78 40.32 1.72 -38.51
N GLY G 79 41.05 2.60 -37.84
CA GLY G 79 41.24 2.45 -36.41
C GLY G 79 41.57 3.78 -35.76
N GLY G 80 41.18 3.91 -34.49
CA GLY G 80 41.60 5.04 -33.68
C GLY G 80 42.23 4.57 -32.38
N SER G 81 43.40 5.11 -32.02
CA SER G 81 44.07 4.54 -30.87
C SER G 81 43.49 5.06 -29.56
N PRO G 82 43.63 4.30 -28.47
CA PRO G 82 43.30 4.81 -27.13
C PRO G 82 44.25 5.93 -26.71
N CYS G 83 43.67 7.11 -26.47
CA CYS G 83 44.42 8.35 -26.17
C CYS G 83 45.17 8.32 -24.83
N LYS G 94 51.86 6.71 -21.67
CA LYS G 94 53.02 5.85 -21.46
C LYS G 94 53.77 5.62 -22.79
N GLY G 95 53.28 6.25 -23.87
CA GLY G 95 53.90 6.13 -25.18
C GLY G 95 53.35 4.99 -26.02
N LEU G 96 54.08 4.69 -27.11
CA LEU G 96 53.67 3.67 -28.07
C LEU G 96 54.01 2.26 -27.57
N TYR G 97 55.30 1.97 -27.38
CA TYR G 97 55.75 0.61 -27.06
C TYR G 97 55.37 0.18 -25.66
N GLU G 98 54.60 0.97 -24.92
CA GLU G 98 54.23 0.66 -23.55
C GLU G 98 52.72 0.68 -23.40
N GLY G 99 52.17 -0.36 -22.76
CA GLY G 99 50.78 -0.36 -22.35
C GLY G 99 49.79 -0.33 -23.50
N THR G 100 48.77 0.51 -23.34
CA THR G 100 47.66 0.55 -24.29
C THR G 100 48.09 1.08 -25.66
N GLY G 101 49.20 1.80 -25.72
CA GLY G 101 49.65 2.34 -27.00
C GLY G 101 50.05 1.28 -28.00
N ARG G 102 50.60 0.15 -27.53
CA ARG G 102 51.10 -0.89 -28.42
C ARG G 102 49.97 -1.73 -29.02
N LEU G 103 48.70 -1.41 -28.75
CA LEU G 103 47.60 -2.02 -29.47
C LEU G 103 47.59 -1.61 -30.94
N PHE G 104 48.32 -0.56 -31.29
CA PHE G 104 48.51 -0.20 -32.69
C PHE G 104 49.06 -1.38 -33.50
N PHE G 105 49.89 -2.22 -32.87
CA PHE G 105 50.46 -3.34 -33.59
C PHE G 105 49.40 -4.39 -33.92
N GLU G 106 48.42 -4.60 -33.04
CA GLU G 106 47.30 -5.46 -33.38
C GLU G 106 46.54 -4.91 -34.58
N PHE G 107 46.42 -3.58 -34.67
CA PHE G 107 45.84 -2.96 -35.87
C PHE G 107 46.76 -3.16 -37.08
N TYR G 108 48.08 -3.02 -36.87
CA TYR G 108 49.04 -3.19 -37.97
C TYR G 108 48.94 -4.57 -38.60
N HIS G 109 48.83 -5.63 -37.77
CA HIS G 109 48.74 -6.99 -38.31
C HIS G 109 47.41 -7.26 -39.00
N LEU G 110 46.30 -6.85 -38.38
CA LEU G 110 45.00 -7.02 -39.02
C LEU G 110 44.90 -6.23 -40.33
N LEU G 111 45.52 -5.06 -40.39
CA LEU G 111 45.55 -4.31 -41.65
C LEU G 111 46.26 -5.11 -42.73
N ASN G 112 47.43 -5.68 -42.41
CA ASN G 112 48.18 -6.42 -43.42
C ASN G 112 47.50 -7.74 -43.76
N TYR G 113 46.84 -8.38 -42.78
CA TYR G 113 46.10 -9.61 -43.08
C TYR G 113 44.97 -9.34 -44.06
N SER G 114 44.43 -8.12 -44.07
CA SER G 114 43.28 -7.78 -44.90
C SER G 114 43.65 -7.19 -46.25
N ARG G 115 44.91 -6.77 -46.45
CA ARG G 115 45.31 -6.16 -47.70
C ARG G 115 45.06 -7.12 -48.85
N PRO G 116 44.74 -6.60 -50.03
CA PRO G 116 44.57 -7.48 -51.19
C PRO G 116 45.91 -8.09 -51.57
N LYS G 117 45.85 -9.33 -52.08
CA LYS G 117 47.06 -10.06 -52.44
C LYS G 117 47.82 -9.33 -53.56
N GLU G 118 49.06 -9.76 -53.80
CA GLU G 118 49.87 -9.21 -54.88
C GLU G 118 49.20 -9.51 -56.22
N GLY G 119 48.90 -8.46 -56.98
CA GLY G 119 48.20 -8.57 -58.24
C GLY G 119 46.71 -8.29 -58.20
N ASP G 120 46.11 -8.10 -57.02
CA ASP G 120 44.68 -7.77 -56.91
C ASP G 120 44.54 -6.25 -56.93
N ASP G 121 43.98 -5.72 -58.02
CA ASP G 121 43.83 -4.28 -58.17
C ASP G 121 42.47 -3.79 -57.68
N ARG G 122 41.78 -4.57 -56.86
CA ARG G 122 40.54 -4.12 -56.26
C ARG G 122 40.83 -2.99 -55.28
N PRO G 123 39.91 -2.03 -55.15
CA PRO G 123 40.15 -0.90 -54.25
C PRO G 123 40.24 -1.36 -52.80
N PHE G 124 41.06 -0.64 -52.03
CA PHE G 124 41.29 -1.01 -50.63
C PHE G 124 41.86 0.21 -49.92
N PHE G 125 41.15 0.71 -48.92
CA PHE G 125 41.54 1.93 -48.22
C PHE G 125 41.67 1.64 -46.73
N TRP G 126 42.47 2.47 -46.07
CA TRP G 126 42.68 2.33 -44.65
C TRP G 126 43.02 3.68 -44.04
N MET G 127 42.97 3.73 -42.72
CA MET G 127 43.17 4.94 -41.95
C MET G 127 43.49 4.59 -40.50
N PHE G 128 44.34 5.39 -39.87
CA PHE G 128 44.65 5.25 -38.46
C PHE G 128 44.79 6.62 -37.82
N GLU G 129 44.02 6.87 -36.76
CA GLU G 129 44.04 8.13 -36.03
C GLU G 129 44.81 7.96 -34.73
N ASN G 130 45.65 8.94 -34.40
CA ASN G 130 46.31 8.99 -33.09
C ASN G 130 46.36 10.45 -32.64
N VAL G 131 46.69 10.67 -31.37
CA VAL G 131 46.71 12.02 -30.81
C VAL G 131 48.01 12.74 -31.19
N VAL G 132 47.94 14.06 -31.30
CA VAL G 132 49.13 14.88 -31.55
C VAL G 132 50.01 14.93 -30.30
N ALA G 133 49.41 14.88 -29.10
CA ALA G 133 50.17 14.84 -27.86
C ALA G 133 50.90 13.50 -27.75
N MET G 134 51.92 13.34 -28.58
CA MET G 134 52.62 12.09 -28.79
C MET G 134 54.10 12.39 -28.91
N LYS G 135 54.93 11.47 -28.40
CA LYS G 135 56.37 11.59 -28.60
C LYS G 135 56.71 11.61 -30.09
N VAL G 136 57.54 12.58 -30.49
CA VAL G 136 57.97 12.67 -31.89
C VAL G 136 58.81 11.45 -32.26
N GLY G 137 59.43 10.80 -31.28
CA GLY G 137 60.04 9.51 -31.56
C GLY G 137 59.03 8.46 -31.96
N ASP G 138 57.86 8.45 -31.30
CA ASP G 138 56.81 7.50 -31.63
C ASP G 138 56.14 7.85 -32.95
N LYS G 139 55.82 9.13 -33.14
CA LYS G 139 55.12 9.52 -34.36
C LYS G 139 55.94 9.19 -35.60
N ARG G 140 57.26 9.34 -35.52
CA ARG G 140 58.11 8.96 -36.66
C ARG G 140 58.08 7.45 -36.87
N ASP G 141 58.02 6.67 -35.78
CA ASP G 141 57.97 5.21 -35.88
C ASP G 141 56.70 4.73 -36.58
N ILE G 142 55.53 5.30 -36.22
CA ILE G 142 54.27 4.88 -36.84
C ILE G 142 54.29 5.16 -38.34
N SER G 143 54.86 6.31 -38.72
CA SER G 143 55.01 6.61 -40.14
C SER G 143 55.90 5.57 -40.81
N ARG G 144 56.89 5.05 -40.09
CA ARG G 144 57.76 4.04 -40.70
C ARG G 144 57.03 2.72 -40.91
N PHE G 145 56.14 2.33 -39.98
CA PHE G 145 55.39 1.09 -40.16
C PHE G 145 54.38 1.22 -41.29
N LEU G 146 53.57 2.28 -41.25
CA LEU G 146 52.50 2.46 -42.22
C LEU G 146 53.02 2.94 -43.57
N GLU G 147 54.29 3.33 -43.67
CA GLU G 147 54.90 3.81 -44.91
C GLU G 147 54.14 5.02 -45.47
N CYS G 148 53.91 5.99 -44.59
CA CYS G 148 53.05 7.12 -44.91
C CYS G 148 53.25 8.18 -43.83
N ASN G 149 53.17 9.42 -44.22
CA ASN G 149 53.28 10.47 -43.22
C ASN G 149 51.89 10.92 -42.78
N PRO G 150 51.69 11.30 -41.52
CA PRO G 150 50.36 11.69 -41.07
C PRO G 150 49.96 13.04 -41.63
N VAL G 151 48.64 13.30 -41.66
CA VAL G 151 48.12 14.64 -41.91
C VAL G 151 47.39 15.07 -40.65
N MET G 152 47.72 16.26 -40.15
CA MET G 152 47.09 16.78 -38.95
C MET G 152 45.81 17.52 -39.32
N ILE G 153 44.74 17.23 -38.61
CA ILE G 153 43.47 17.90 -38.82
C ILE G 153 42.93 18.28 -37.44
N ASP G 154 42.84 19.58 -37.18
CA ASP G 154 42.29 20.09 -35.94
C ASP G 154 40.81 20.38 -36.16
N ALA G 155 39.95 19.72 -35.39
CA ALA G 155 38.52 19.85 -35.58
C ALA G 155 38.03 21.27 -35.38
N ILE G 156 38.88 22.17 -34.88
CA ILE G 156 38.50 23.57 -34.69
C ILE G 156 38.12 24.23 -36.02
N LYS G 157 38.69 23.76 -37.14
CA LYS G 157 38.28 24.29 -38.44
C LYS G 157 36.84 23.93 -38.78
N VAL G 158 36.28 22.87 -38.19
CA VAL G 158 34.96 22.39 -38.57
C VAL G 158 34.02 22.19 -37.38
N SER G 159 34.47 22.44 -36.16
CA SER G 159 33.64 22.27 -34.97
C SER G 159 33.95 23.41 -34.00
N ALA G 160 33.30 23.36 -32.83
CA ALA G 160 33.50 24.36 -31.79
C ALA G 160 34.47 23.89 -30.71
N ALA G 161 35.40 22.99 -31.06
CA ALA G 161 36.34 22.47 -30.08
C ALA G 161 37.72 22.31 -30.68
N HIS G 162 38.73 22.57 -29.86
CA HIS G 162 40.11 22.21 -30.19
C HIS G 162 40.24 20.70 -30.06
N ARG G 163 40.70 20.04 -31.12
CA ARG G 163 40.99 18.62 -31.05
C ARG G 163 41.93 18.31 -32.21
N ALA G 164 43.23 18.26 -31.93
CA ALA G 164 44.24 18.01 -32.94
C ALA G 164 44.57 16.53 -32.95
N ARG G 165 44.38 15.87 -34.09
CA ARG G 165 44.67 14.45 -34.25
C ARG G 165 45.48 14.22 -35.52
N TYR G 166 46.33 13.19 -35.49
CA TYR G 166 47.09 12.74 -36.64
C TYR G 166 46.30 11.68 -37.40
N PHE G 167 46.39 11.70 -38.72
CA PHE G 167 45.65 10.76 -39.57
C PHE G 167 46.56 10.13 -40.62
N TRP G 168 46.97 8.89 -40.36
CA TRP G 168 47.65 8.09 -41.37
C TRP G 168 46.61 7.43 -42.26
N GLY G 169 46.99 7.12 -43.48
CA GLY G 169 46.08 6.38 -44.34
C GLY G 169 46.37 6.64 -45.80
N ASN G 170 45.61 5.95 -46.65
CA ASN G 170 45.72 6.09 -48.09
C ASN G 170 44.40 6.53 -48.70
N LEU G 171 43.50 7.12 -47.92
CA LEU G 171 42.24 7.59 -48.45
C LEU G 171 42.48 8.63 -49.54
N PRO G 172 41.64 8.68 -50.56
CA PRO G 172 41.84 9.66 -51.64
C PRO G 172 41.75 11.08 -51.12
N GLY G 173 42.70 11.90 -51.54
CA GLY G 173 42.74 13.28 -51.12
C GLY G 173 42.66 13.46 -49.62
N MET G 174 43.63 12.87 -48.91
CA MET G 174 43.75 13.12 -47.48
C MET G 174 44.38 14.48 -47.23
N ASN G 175 45.40 14.83 -48.02
CA ASN G 175 46.11 16.09 -47.90
C ASN G 175 45.36 17.26 -48.52
N ARG G 176 44.19 16.99 -49.10
CA ARG G 176 43.28 18.03 -49.54
C ARG G 176 43.02 19.01 -48.39
N PRO G 177 43.00 20.32 -48.67
CA PRO G 177 42.76 21.29 -47.59
C PRO G 177 41.37 21.12 -46.95
N VAL G 178 41.31 21.37 -45.65
CA VAL G 178 40.09 21.17 -44.88
C VAL G 178 39.21 22.41 -44.96
N ILE G 179 38.01 22.24 -45.50
CA ILE G 179 37.05 23.34 -45.67
C ILE G 179 35.74 22.95 -45.00
N ALA G 180 35.21 23.84 -44.16
CA ALA G 180 34.02 23.53 -43.40
C ALA G 180 32.77 23.62 -44.28
N SER G 181 31.76 22.84 -43.92
CA SER G 181 30.51 22.86 -44.66
C SER G 181 29.65 24.05 -44.24
N LYS G 182 28.68 24.37 -45.08
CA LYS G 182 27.78 25.46 -44.76
C LYS G 182 26.86 25.15 -43.59
N ASN G 183 26.80 23.91 -43.13
CA ASN G 183 25.92 23.55 -42.02
C ASN G 183 26.67 23.20 -40.75
N ASP G 184 27.99 23.31 -40.71
CA ASP G 184 28.76 22.93 -39.55
C ASP G 184 28.62 23.96 -38.43
N LYS G 185 28.37 23.48 -37.21
CA LYS G 185 28.28 24.34 -36.03
C LYS G 185 29.69 24.74 -35.63
N LEU G 186 30.15 25.90 -36.11
CA LEU G 186 31.57 26.25 -35.99
C LEU G 186 31.91 26.85 -34.64
N GLU G 187 30.98 27.56 -34.00
CA GLU G 187 31.27 28.19 -32.73
C GLU G 187 30.28 27.75 -31.67
N LEU G 188 30.65 27.99 -30.40
CA LEU G 188 29.97 27.34 -29.28
C LEU G 188 28.51 27.75 -29.19
N GLN G 189 28.20 29.01 -29.46
CA GLN G 189 26.82 29.47 -29.25
C GLN G 189 25.82 28.70 -30.10
N ASP G 190 26.28 28.08 -31.20
CA ASP G 190 25.39 27.28 -32.03
C ASP G 190 25.10 25.92 -31.43
N CYS G 191 26.04 25.37 -30.64
CA CYS G 191 25.86 24.06 -30.03
C CYS G 191 24.99 24.08 -28.77
N LEU G 192 24.70 25.26 -28.22
CA LEU G 192 23.96 25.32 -26.97
C LEU G 192 22.46 25.29 -27.22
N GLU G 193 21.71 24.96 -26.15
CA GLU G 193 20.26 24.93 -26.18
C GLU G 193 19.72 26.34 -25.93
N TYR G 194 18.41 26.47 -25.75
CA TYR G 194 17.81 27.79 -25.57
C TYR G 194 18.23 28.41 -24.24
N ASN G 195 18.25 29.74 -24.21
CA ASN G 195 18.51 30.53 -22.99
C ASN G 195 19.88 30.24 -22.39
N ARG G 196 20.83 29.83 -23.23
CA ARG G 196 22.19 29.56 -22.76
C ARG G 196 23.15 30.36 -23.62
N ILE G 197 23.95 31.20 -22.98
CA ILE G 197 24.89 32.07 -23.68
C ILE G 197 26.29 31.54 -23.42
N ALA G 198 27.13 31.59 -24.45
CA ALA G 198 28.50 31.10 -24.38
C ALA G 198 29.45 32.22 -23.97
N LYS G 199 30.30 31.92 -22.99
CA LYS G 199 31.38 32.81 -22.59
C LYS G 199 32.59 32.69 -23.51
N LEU G 200 32.60 31.69 -24.39
CA LEU G 200 33.71 31.44 -25.31
C LEU G 200 33.19 31.26 -26.73
N LYS G 201 34.14 31.34 -27.67
CA LYS G 201 33.89 31.01 -29.07
C LYS G 201 34.25 29.57 -29.36
N LYS G 202 35.48 29.17 -29.03
CA LYS G 202 35.99 27.84 -29.30
C LYS G 202 36.41 27.22 -27.98
N VAL G 203 35.81 26.08 -27.64
CA VAL G 203 36.14 25.36 -26.41
C VAL G 203 37.47 24.66 -26.59
N GLN G 204 38.35 24.77 -25.59
CA GLN G 204 39.65 24.09 -25.59
C GLN G 204 39.44 22.57 -25.60
N THR G 205 40.53 21.84 -25.86
CA THR G 205 40.47 20.38 -26.05
C THR G 205 39.70 19.70 -24.93
N ILE G 206 38.93 18.66 -25.29
CA ILE G 206 38.05 17.98 -24.36
C ILE G 206 38.49 16.52 -24.23
N THR G 207 38.55 16.04 -22.99
CA THR G 207 38.88 14.64 -22.74
C THR G 207 37.79 13.99 -21.92
N THR G 208 38.04 12.77 -21.45
CA THR G 208 37.06 12.00 -20.68
C THR G 208 36.82 12.58 -19.29
N LYS G 209 37.76 13.37 -18.76
CA LYS G 209 37.65 13.97 -17.44
C LYS G 209 36.66 15.13 -17.42
N SER G 210 35.96 15.28 -16.28
CA SER G 210 35.04 16.41 -16.09
C SER G 210 35.77 17.75 -16.08
N ASN G 211 37.06 17.75 -15.73
CA ASN G 211 37.92 18.93 -15.67
C ASN G 211 38.23 19.52 -17.05
N SER G 212 37.90 18.83 -18.15
CA SER G 212 38.13 19.35 -19.49
C SER G 212 37.10 20.39 -19.93
N ILE G 213 35.91 20.40 -19.33
CA ILE G 213 34.89 21.40 -19.67
C ILE G 213 35.26 22.76 -19.08
N LYS G 214 36.02 22.76 -17.99
CA LYS G 214 36.48 23.99 -17.34
C LYS G 214 37.79 24.44 -17.99
N GLN G 215 37.76 25.64 -18.58
CA GLN G 215 38.86 26.15 -19.42
C GLN G 215 39.92 26.83 -18.54
N GLY G 216 41.05 26.17 -18.34
CA GLY G 216 42.12 26.66 -17.49
C GLY G 216 42.73 27.97 -17.98
N GLN G 219 40.04 28.10 -14.56
CA GLN G 219 39.15 27.07 -15.09
C GLN G 219 37.68 27.50 -15.01
N LEU G 220 37.30 28.51 -15.79
CA LEU G 220 35.96 29.07 -15.74
C LEU G 220 34.96 28.17 -16.48
N PHE G 221 33.64 28.37 -16.15
CA PHE G 221 32.50 27.69 -16.77
C PHE G 221 32.22 28.29 -18.15
N PRO G 222 31.94 27.46 -19.15
CA PRO G 222 31.71 28.01 -20.50
C PRO G 222 30.35 28.67 -20.68
N VAL G 223 29.30 28.08 -20.13
CA VAL G 223 27.97 28.60 -20.36
C VAL G 223 27.59 29.51 -19.19
N VAL G 224 26.65 30.42 -19.45
CA VAL G 224 26.04 31.27 -18.44
C VAL G 224 24.53 31.26 -18.70
N MET G 225 23.78 30.75 -17.73
CA MET G 225 22.33 30.56 -17.86
C MET G 225 21.62 31.24 -16.70
N ASN G 226 20.70 32.15 -17.01
CA ASN G 226 19.93 32.91 -16.02
C ASN G 226 20.87 33.60 -15.03
N GLY G 227 22.00 34.11 -15.54
CA GLY G 227 22.97 34.82 -14.72
C GLY G 227 23.99 33.96 -13.99
N LYS G 228 23.69 32.70 -13.72
CA LYS G 228 24.63 31.81 -13.04
C LYS G 228 25.46 31.01 -14.04
N GLU G 229 26.74 30.83 -13.72
CA GLU G 229 27.67 30.06 -14.55
C GLU G 229 27.36 28.57 -14.46
N ASP G 230 27.51 27.90 -15.60
CA ASP G 230 27.07 26.51 -15.75
C ASP G 230 28.04 25.79 -16.66
N VAL G 231 27.94 24.46 -16.67
CA VAL G 231 28.79 23.61 -17.49
C VAL G 231 28.01 23.13 -18.71
N LEU G 232 28.70 22.51 -19.66
CA LEU G 232 28.05 21.99 -20.85
C LEU G 232 27.18 20.79 -20.49
N TRP G 233 26.00 20.70 -21.12
CA TRP G 233 25.17 19.52 -20.94
C TRP G 233 25.59 18.43 -21.92
N CYS G 234 25.04 17.24 -21.74
CA CYS G 234 25.40 16.12 -22.62
C CYS G 234 24.96 16.36 -24.05
N THR G 235 23.77 16.94 -24.24
CA THR G 235 23.30 17.18 -25.60
C THR G 235 24.16 18.21 -26.31
N GLU G 236 24.75 19.15 -25.57
CA GLU G 236 25.61 20.15 -26.18
C GLU G 236 27.01 19.61 -26.48
N LEU G 237 27.50 18.67 -25.69
CA LEU G 237 28.74 17.98 -26.05
C LEU G 237 28.57 17.18 -27.33
N GLU G 238 27.40 16.56 -27.51
CA GLU G 238 27.15 15.81 -28.73
C GLU G 238 27.26 16.70 -29.97
N ARG G 239 26.73 17.93 -29.89
CA ARG G 239 26.78 18.84 -31.03
C ARG G 239 28.20 19.32 -31.32
N ILE G 240 28.95 19.64 -30.26
CA ILE G 240 30.33 20.11 -30.44
C ILE G 240 31.13 19.08 -31.24
N PHE G 241 30.90 17.80 -30.98
CA PHE G 241 31.59 16.72 -31.68
C PHE G 241 30.94 16.35 -33.01
N GLY G 242 29.86 17.01 -33.40
CA GLY G 242 29.20 16.67 -34.65
C GLY G 242 28.38 15.41 -34.61
N PHE G 243 28.05 14.90 -33.42
CA PHE G 243 27.14 13.76 -33.33
C PHE G 243 25.70 14.25 -33.35
N PRO G 244 24.80 13.46 -33.94
CA PRO G 244 23.37 13.69 -33.74
C PRO G 244 23.04 13.85 -32.27
N VAL G 245 22.09 14.75 -31.96
CA VAL G 245 21.71 14.94 -30.56
C VAL G 245 21.02 13.68 -30.05
N HIS G 246 21.23 13.38 -28.76
CA HIS G 246 20.74 12.17 -28.11
C HIS G 246 21.34 10.90 -28.69
N TYR G 247 22.50 11.01 -29.35
CA TYR G 247 23.15 9.81 -29.88
C TYR G 247 23.57 8.86 -28.78
N THR G 248 23.85 9.40 -27.59
CA THR G 248 24.38 8.62 -26.49
C THR G 248 23.35 8.35 -25.38
N ASP G 249 22.11 8.81 -25.53
CA ASP G 249 21.06 8.57 -24.54
C ASP G 249 20.60 7.11 -24.67
N VAL G 250 21.38 6.22 -24.06
CA VAL G 250 21.23 4.78 -24.22
C VAL G 250 21.69 4.08 -22.95
N SER G 251 20.96 3.04 -22.53
CA SER G 251 21.38 2.15 -21.45
C SER G 251 21.60 2.90 -20.14
N ASN G 252 20.73 3.87 -19.86
CA ASN G 252 20.73 4.62 -18.60
C ASN G 252 22.04 5.35 -18.35
N MET G 253 22.76 5.73 -19.40
CA MET G 253 24.02 6.43 -19.24
C MET G 253 23.77 7.87 -18.78
N GLY G 254 24.51 8.30 -17.76
CA GLY G 254 24.46 9.66 -17.26
C GLY G 254 25.68 10.46 -17.66
N ARG G 255 25.83 11.64 -17.03
CA ARG G 255 26.94 12.54 -17.38
C ARG G 255 28.27 11.80 -17.48
N GLY G 256 28.66 11.07 -16.43
CA GLY G 256 29.99 10.51 -16.39
C GLY G 256 30.29 9.61 -17.58
N ALA G 257 29.35 8.72 -17.92
CA ALA G 257 29.58 7.78 -19.00
C ALA G 257 29.57 8.47 -20.36
N ARG G 258 28.53 9.25 -20.64
CA ARG G 258 28.41 9.88 -21.95
C ARG G 258 29.62 10.75 -22.24
N GLN G 259 30.12 11.46 -21.22
CA GLN G 259 31.28 12.31 -21.43
C GLN G 259 32.55 11.49 -21.65
N LYS G 260 32.62 10.29 -21.05
CA LYS G 260 33.75 9.42 -21.32
C LYS G 260 33.76 8.96 -22.78
N LEU G 261 32.61 8.51 -23.28
CA LEU G 261 32.57 8.02 -24.66
C LEU G 261 32.82 9.14 -25.65
N LEU G 262 32.26 10.33 -25.41
CA LEU G 262 32.46 11.45 -26.33
C LEU G 262 33.89 11.99 -26.24
N GLY G 263 34.46 12.02 -25.04
CA GLY G 263 35.81 12.55 -24.89
C GLY G 263 36.86 11.71 -25.61
N ARG G 264 36.56 10.44 -25.87
CA ARG G 264 37.42 9.59 -26.67
C ARG G 264 37.02 9.55 -28.15
N SER G 265 35.91 10.18 -28.52
CA SER G 265 35.31 9.96 -29.83
C SER G 265 36.06 10.72 -30.92
N TRP G 266 35.70 10.40 -32.16
CA TRP G 266 36.12 11.18 -33.31
C TRP G 266 35.24 12.42 -33.47
N SER G 267 35.78 13.43 -34.11
CA SER G 267 34.98 14.58 -34.50
C SER G 267 34.31 14.27 -35.84
N VAL G 268 32.97 14.09 -35.84
CA VAL G 268 32.27 13.61 -37.04
C VAL G 268 32.62 14.42 -38.30
N PRO G 269 32.60 15.75 -38.28
CA PRO G 269 32.98 16.47 -39.52
C PRO G 269 34.37 16.16 -40.00
N VAL G 270 35.33 15.96 -39.09
CA VAL G 270 36.68 15.58 -39.51
C VAL G 270 36.65 14.24 -40.23
N ILE G 271 35.93 13.27 -39.67
CA ILE G 271 35.82 11.96 -40.31
C ILE G 271 35.07 12.04 -41.62
N ARG G 272 33.99 12.84 -41.65
CA ARG G 272 33.29 13.06 -42.92
C ARG G 272 34.23 13.62 -43.97
N HIS G 273 35.12 14.55 -43.57
CA HIS G 273 36.05 15.14 -44.52
C HIS G 273 36.90 14.07 -45.17
N LEU G 274 37.39 13.10 -44.38
CA LEU G 274 38.28 12.07 -44.89
C LEU G 274 37.53 11.02 -45.70
N PHE G 275 36.27 10.73 -45.36
CA PHE G 275 35.52 9.66 -46.00
C PHE G 275 34.78 10.11 -47.27
N ALA G 276 34.56 11.42 -47.44
CA ALA G 276 33.76 11.93 -48.55
C ALA G 276 34.18 11.43 -49.91
N PRO G 277 35.47 11.43 -50.29
CA PRO G 277 35.84 10.90 -51.61
C PRO G 277 35.49 9.43 -51.84
N LEU G 278 35.20 8.65 -50.78
CA LEU G 278 34.88 7.24 -50.99
C LEU G 278 33.57 7.06 -51.74
N LYS G 279 32.72 8.08 -51.78
CA LYS G 279 31.50 8.01 -52.60
C LYS G 279 31.83 7.68 -54.05
N ASP G 280 33.02 8.08 -54.53
CA ASP G 280 33.42 7.85 -55.90
C ASP G 280 33.90 6.42 -56.15
N TYR G 281 33.97 5.58 -55.12
CA TYR G 281 34.51 4.24 -55.28
C TYR G 281 33.53 3.14 -54.87
N PHE G 282 32.44 3.47 -54.18
CA PHE G 282 31.48 2.46 -53.76
C PHE G 282 30.06 2.98 -54.00
N ALA G 283 29.11 2.08 -53.80
CA ALA G 283 27.70 2.38 -54.05
C ALA G 283 27.19 3.46 -53.09
N CYS G 284 26.28 4.31 -53.59
CA CYS G 284 25.73 5.41 -52.82
C CYS G 284 24.21 5.46 -52.97
N GLU G 285 23.50 5.34 -51.85
CA GLU G 285 22.02 5.42 -51.80
C GLU G 285 21.51 5.44 -50.35
N ARG H 3 74.61 -17.88 -64.58
CA ARG H 3 74.91 -16.44 -64.69
C ARG H 3 74.83 -15.75 -63.32
N ARG H 4 75.39 -16.39 -62.29
CA ARG H 4 75.31 -15.90 -60.92
C ARG H 4 76.33 -14.78 -60.70
N ARG H 5 76.17 -14.09 -59.56
CA ARG H 5 77.06 -12.96 -59.24
C ARG H 5 77.49 -13.05 -57.78
N PRO H 6 78.43 -12.22 -57.32
CA PRO H 6 78.71 -12.16 -55.88
C PRO H 6 77.52 -11.64 -55.09
N ILE H 7 77.49 -12.02 -53.81
CA ILE H 7 76.36 -11.73 -52.93
C ILE H 7 76.54 -10.34 -52.30
N ARG H 8 75.44 -9.60 -52.21
CA ARG H 8 75.43 -8.32 -51.51
C ARG H 8 74.58 -8.48 -50.26
N VAL H 9 75.17 -8.27 -49.09
CA VAL H 9 74.52 -8.54 -47.82
C VAL H 9 74.56 -7.31 -46.92
N LEU H 10 73.45 -7.04 -46.25
CA LEU H 10 73.35 -6.04 -45.19
C LEU H 10 73.13 -6.83 -43.90
N SER H 11 74.13 -6.77 -43.01
CA SER H 11 74.09 -7.47 -41.72
C SER H 11 73.92 -6.43 -40.62
N LEU H 12 72.76 -6.42 -39.99
CA LEU H 12 72.46 -5.54 -38.88
C LEU H 12 72.82 -6.23 -37.58
N PHE H 13 73.34 -5.47 -36.62
CA PHE H 13 73.85 -6.01 -35.36
C PHE H 13 74.92 -7.06 -35.62
N ASP H 14 75.93 -6.65 -36.37
CA ASP H 14 76.87 -7.60 -36.96
C ASP H 14 77.80 -8.21 -35.92
N GLY H 15 78.03 -7.53 -34.81
CA GLY H 15 78.94 -8.08 -33.82
C GLY H 15 80.34 -8.25 -34.38
N ILE H 16 80.84 -9.48 -34.31
CA ILE H 16 82.22 -9.75 -34.70
C ILE H 16 82.23 -10.33 -36.11
N ALA H 17 81.20 -10.01 -36.90
CA ALA H 17 81.14 -10.34 -38.32
C ALA H 17 81.19 -11.85 -38.56
N THR H 18 80.38 -12.58 -37.80
CA THR H 18 80.29 -14.02 -38.01
C THR H 18 79.73 -14.33 -39.40
N GLY H 19 78.91 -13.44 -39.95
CA GLY H 19 78.37 -13.70 -41.28
C GLY H 19 79.42 -13.67 -42.37
N TYR H 20 80.21 -12.58 -42.43
CA TYR H 20 81.24 -12.47 -43.45
C TYR H 20 82.26 -13.59 -43.32
N LEU H 21 82.55 -14.00 -42.08
CA LEU H 21 83.46 -15.12 -41.86
C LEU H 21 82.92 -16.41 -42.49
N VAL H 22 81.62 -16.68 -42.33
CA VAL H 22 81.05 -17.93 -42.83
C VAL H 22 80.94 -17.94 -44.35
N LEU H 23 80.57 -16.80 -44.94
CA LEU H 23 80.44 -16.74 -46.40
C LEU H 23 81.79 -16.92 -47.09
N LYS H 24 82.80 -16.16 -46.65
CA LYS H 24 84.13 -16.32 -47.24
C LYS H 24 84.67 -17.73 -47.03
N GLU H 25 84.47 -18.28 -45.83
CA GLU H 25 84.87 -19.65 -45.53
C GLU H 25 84.09 -20.68 -46.32
N LEU H 26 82.88 -20.33 -46.74
CA LEU H 26 82.07 -21.19 -47.59
C LEU H 26 82.47 -21.10 -49.05
N GLY H 27 83.34 -20.16 -49.39
CA GLY H 27 83.77 -19.95 -50.76
C GLY H 27 82.96 -18.95 -51.56
N ILE H 28 81.87 -18.42 -50.99
CA ILE H 28 80.99 -17.52 -51.74
C ILE H 28 81.68 -16.20 -52.01
N LYS H 29 81.45 -15.64 -53.19
CA LYS H 29 82.00 -14.32 -53.50
C LYS H 29 81.13 -13.25 -52.84
N VAL H 30 81.75 -12.37 -52.06
CA VAL H 30 81.04 -11.32 -51.35
C VAL H 30 81.37 -9.98 -52.02
N GLY H 31 80.35 -9.33 -52.57
CA GLY H 31 80.53 -8.06 -53.26
C GLY H 31 80.36 -6.82 -52.39
N LYS H 32 79.57 -6.93 -51.33
CA LYS H 32 79.41 -5.83 -50.39
C LYS H 32 78.89 -6.38 -49.06
N TYR H 33 79.47 -5.91 -47.96
CA TYR H 33 79.04 -6.30 -46.61
C TYR H 33 78.82 -5.03 -45.81
N VAL H 34 77.57 -4.58 -45.70
CA VAL H 34 77.23 -3.38 -44.94
C VAL H 34 76.81 -3.81 -43.55
N ALA H 35 77.59 -3.45 -42.54
CA ALA H 35 77.41 -3.90 -41.18
C ALA H 35 77.04 -2.72 -40.29
N SER H 36 76.05 -2.93 -39.42
CA SER H 36 75.62 -1.91 -38.46
C SER H 36 76.01 -2.39 -37.07
N GLU H 37 76.89 -1.66 -36.40
CA GLU H 37 77.41 -2.11 -35.13
C GLU H 37 78.08 -0.93 -34.43
N VAL H 38 77.97 -0.88 -33.10
CA VAL H 38 78.45 0.26 -32.32
C VAL H 38 79.53 -0.12 -31.31
N CYS H 39 79.68 -1.40 -30.97
CA CYS H 39 80.74 -1.84 -30.07
C CYS H 39 82.10 -1.62 -30.73
N GLU H 40 82.89 -0.69 -30.18
CA GLU H 40 84.17 -0.36 -30.78
C GLU H 40 85.08 -1.58 -30.86
N GLU H 41 84.99 -2.48 -29.86
CA GLU H 41 85.78 -3.70 -29.87
C GLU H 41 85.27 -4.66 -30.94
N SER H 42 83.95 -4.85 -31.01
CA SER H 42 83.38 -5.69 -32.06
C SER H 42 83.67 -5.14 -33.45
N ILE H 43 83.59 -3.81 -33.60
CA ILE H 43 83.89 -3.20 -34.89
C ILE H 43 85.32 -3.53 -35.32
N ALA H 44 86.26 -3.45 -34.39
CA ALA H 44 87.66 -3.68 -34.73
C ALA H 44 87.92 -5.12 -35.15
N VAL H 45 87.09 -6.06 -34.70
CA VAL H 45 87.33 -7.46 -35.07
C VAL H 45 87.13 -7.67 -36.57
N GLY H 46 86.05 -7.12 -37.12
CA GLY H 46 85.85 -7.23 -38.56
C GLY H 46 86.72 -6.29 -39.37
N THR H 47 87.10 -5.14 -38.78
CA THR H 47 88.03 -4.23 -39.43
C THR H 47 89.38 -4.89 -39.66
N VAL H 48 89.85 -5.62 -38.66
CA VAL H 48 91.19 -6.21 -38.66
C VAL H 48 91.22 -7.55 -39.39
N LYS H 49 90.29 -8.44 -39.09
CA LYS H 49 90.33 -9.78 -39.63
C LYS H 49 89.89 -9.86 -41.09
N HIS H 50 89.41 -8.78 -41.69
CA HIS H 50 88.85 -8.85 -43.04
C HIS H 50 89.31 -7.71 -43.93
N GLU H 51 90.27 -6.89 -43.49
CA GLU H 51 91.04 -5.98 -44.35
C GLU H 51 90.16 -4.95 -45.06
N GLY H 52 89.01 -4.62 -44.49
CA GLY H 52 88.14 -3.60 -45.04
C GLY H 52 87.14 -4.05 -46.08
N ASN H 53 87.02 -5.37 -46.34
CA ASN H 53 85.91 -5.85 -47.16
C ASN H 53 84.56 -5.57 -46.51
N ILE H 54 84.54 -5.33 -45.21
CA ILE H 54 83.32 -4.97 -44.49
C ILE H 54 83.21 -3.45 -44.49
N LYS H 55 82.02 -2.94 -44.81
CA LYS H 55 81.70 -1.52 -44.78
C LYS H 55 80.89 -1.22 -43.52
N TYR H 56 81.53 -0.65 -42.50
CA TYR H 56 80.84 -0.35 -41.25
C TYR H 56 80.06 0.94 -41.40
N VAL H 57 78.87 1.00 -40.81
CA VAL H 57 78.15 2.26 -40.87
C VAL H 57 78.12 2.93 -39.50
N ASN H 58 77.22 2.50 -38.63
CA ASN H 58 77.07 3.04 -37.28
C ASN H 58 75.78 2.51 -36.69
N ASP H 59 75.40 3.07 -35.55
CA ASP H 59 74.09 2.83 -34.93
C ASP H 59 72.99 2.66 -35.98
N VAL H 60 72.24 1.58 -35.83
CA VAL H 60 71.20 1.24 -36.81
C VAL H 60 70.06 2.26 -36.78
N ARG H 61 69.89 2.98 -35.66
CA ARG H 61 68.79 3.93 -35.53
C ARG H 61 68.99 5.18 -36.38
N ASN H 62 70.13 5.34 -37.03
CA ASN H 62 70.41 6.47 -37.93
C ASN H 62 70.56 6.03 -39.38
N ILE H 63 69.87 4.97 -39.80
CA ILE H 63 69.94 4.45 -41.16
C ILE H 63 68.62 4.81 -41.85
N THR H 64 68.69 5.68 -42.86
CA THR H 64 67.50 6.12 -43.57
C THR H 64 67.21 5.18 -44.74
N LYS H 65 66.03 5.34 -45.32
CA LYS H 65 65.72 4.58 -46.53
C LYS H 65 66.65 4.99 -47.67
N LYS H 66 67.03 6.27 -47.69
CA LYS H 66 67.93 6.78 -48.72
C LYS H 66 69.25 6.02 -48.72
N ASN H 67 69.73 5.60 -47.55
CA ASN H 67 70.92 4.77 -47.49
C ASN H 67 70.69 3.40 -48.14
N ILE H 68 69.57 2.76 -47.83
CA ILE H 68 69.36 1.40 -48.36
C ILE H 68 69.29 1.40 -49.88
N GLU H 69 68.87 2.52 -50.48
CA GLU H 69 68.86 2.58 -51.94
C GLU H 69 70.23 2.97 -52.50
N GLU H 70 71.05 3.68 -51.73
CA GLU H 70 72.42 4.00 -52.16
C GLU H 70 73.35 2.81 -51.98
N TRP H 71 73.31 2.17 -50.79
CA TRP H 71 74.13 1.00 -50.50
C TRP H 71 73.61 -0.25 -51.20
N GLY H 72 72.31 -0.30 -51.49
CA GLY H 72 71.72 -1.42 -52.16
C GLY H 72 72.11 -1.49 -53.62
N PRO H 73 71.56 -2.48 -54.34
CA PRO H 73 70.60 -3.45 -53.78
C PRO H 73 71.28 -4.42 -52.81
N PHE H 74 70.48 -5.21 -52.09
CA PHE H 74 70.98 -6.24 -51.17
C PHE H 74 70.36 -7.57 -51.54
N ASP H 75 71.15 -8.64 -51.41
CA ASP H 75 70.69 -9.99 -51.66
C ASP H 75 70.42 -10.78 -50.38
N LEU H 76 70.99 -10.34 -49.27
CA LEU H 76 70.85 -10.99 -47.98
C LEU H 76 70.77 -9.92 -46.90
N VAL H 77 69.79 -10.02 -46.03
CA VAL H 77 69.64 -9.13 -44.88
C VAL H 77 69.55 -10.00 -43.64
N ILE H 78 70.55 -9.91 -42.76
CA ILE H 78 70.58 -10.76 -41.58
C ILE H 78 70.65 -9.88 -40.34
N GLY H 79 70.30 -10.46 -39.20
CA GLY H 79 70.42 -9.78 -37.93
C GLY H 79 70.25 -10.66 -36.71
N GLY H 80 71.14 -10.53 -35.73
CA GLY H 80 70.96 -11.15 -34.44
C GLY H 80 70.47 -10.12 -33.44
N SER H 81 69.72 -10.59 -32.40
CA SER H 81 69.23 -9.48 -31.61
C SER H 81 70.00 -9.37 -30.29
N PRO H 82 70.06 -8.19 -29.68
CA PRO H 82 70.64 -8.10 -28.33
C PRO H 82 69.71 -8.70 -27.28
N CYS H 83 70.29 -9.55 -26.41
CA CYS H 83 69.53 -10.25 -25.36
C CYS H 83 69.64 -9.55 -23.98
N LYS H 94 64.05 -6.97 -20.10
CA LYS H 94 62.81 -6.19 -20.02
C LYS H 94 61.81 -6.54 -21.13
N GLY H 95 62.29 -7.15 -22.21
CA GLY H 95 61.43 -7.65 -23.26
C GLY H 95 61.61 -6.91 -24.57
N LEU H 96 60.72 -7.25 -25.52
CA LEU H 96 60.80 -6.69 -26.87
C LEU H 96 60.53 -5.19 -26.84
N TYR H 97 59.34 -4.81 -26.38
CA TYR H 97 58.88 -3.44 -26.48
C TYR H 97 59.60 -2.49 -25.53
N GLU H 98 60.62 -2.92 -24.79
CA GLU H 98 61.36 -2.03 -23.91
C GLU H 98 62.86 -2.15 -24.16
N GLY H 99 63.55 -1.00 -24.15
CA GLY H 99 65.00 -1.01 -24.16
C GLY H 99 65.59 -1.59 -25.43
N THR H 100 66.57 -2.49 -25.25
CA THR H 100 67.38 -2.98 -26.37
C THR H 100 66.61 -3.91 -27.29
N GLY H 101 65.53 -4.53 -26.82
CA GLY H 101 64.77 -5.40 -27.69
C GLY H 101 64.06 -4.67 -28.81
N ARG H 102 63.57 -3.45 -28.55
CA ARG H 102 62.83 -2.70 -29.56
C ARG H 102 63.72 -2.23 -30.69
N LEU H 103 65.02 -2.45 -30.60
CA LEU H 103 65.87 -2.31 -31.76
C LEU H 103 65.52 -3.33 -32.83
N PHE H 104 64.79 -4.39 -32.47
CA PHE H 104 64.38 -5.35 -33.48
C PHE H 104 63.60 -4.66 -34.58
N PHE H 105 62.78 -3.66 -34.24
CA PHE H 105 61.93 -3.04 -35.25
C PHE H 105 62.75 -2.26 -36.27
N GLU H 106 63.90 -1.71 -35.87
CA GLU H 106 64.79 -1.07 -36.83
C GLU H 106 65.20 -2.07 -37.91
N PHE H 107 65.46 -3.32 -37.50
CA PHE H 107 65.69 -4.39 -38.48
C PHE H 107 64.47 -4.64 -39.36
N TYR H 108 63.27 -4.52 -38.79
CA TYR H 108 62.05 -4.78 -39.55
C TYR H 108 61.86 -3.76 -40.67
N HIS H 109 62.13 -2.49 -40.40
CA HIS H 109 61.95 -1.46 -41.42
C HIS H 109 63.02 -1.55 -42.50
N LEU H 110 64.28 -1.67 -42.11
CA LEU H 110 65.35 -1.77 -43.10
C LEU H 110 65.20 -3.02 -43.96
N LEU H 111 64.70 -4.11 -43.38
CA LEU H 111 64.44 -5.29 -44.20
C LEU H 111 63.38 -5.00 -45.27
N ASN H 112 62.31 -4.28 -44.88
CA ASN H 112 61.23 -3.98 -45.83
C ASN H 112 61.65 -2.94 -46.87
N TYR H 113 62.52 -1.99 -46.48
CA TYR H 113 63.12 -1.09 -47.47
C TYR H 113 63.99 -1.86 -48.46
N SER H 114 64.65 -2.93 -48.01
CA SER H 114 65.58 -3.68 -48.85
C SER H 114 64.90 -4.70 -49.75
N ARG H 115 63.66 -5.10 -49.46
CA ARG H 115 62.98 -6.10 -50.27
C ARG H 115 62.86 -5.63 -51.72
N PRO H 116 62.93 -6.55 -52.68
CA PRO H 116 62.75 -6.17 -54.08
C PRO H 116 61.34 -5.66 -54.33
N LYS H 117 61.23 -4.72 -55.29
CA LYS H 117 59.92 -4.20 -55.67
C LYS H 117 59.01 -5.34 -56.11
N GLU H 118 57.70 -5.16 -55.90
CA GLU H 118 56.73 -6.19 -56.31
C GLU H 118 56.74 -6.33 -57.84
N GLY H 119 56.93 -7.55 -58.32
CA GLY H 119 57.24 -7.81 -59.71
C GLY H 119 58.71 -8.01 -60.03
N ASP H 120 59.60 -7.87 -59.04
CA ASP H 120 61.04 -8.12 -59.16
C ASP H 120 61.34 -9.49 -58.55
N ASP H 121 61.59 -10.48 -59.42
CA ASP H 121 61.75 -11.88 -59.02
C ASP H 121 63.20 -12.26 -58.78
N ARG H 122 64.08 -11.28 -58.56
CA ARG H 122 65.45 -11.59 -58.21
C ARG H 122 65.50 -12.29 -56.85
N PRO H 123 66.48 -13.15 -56.62
CA PRO H 123 66.58 -13.83 -55.33
C PRO H 123 66.89 -12.84 -54.21
N PHE H 124 66.20 -13.02 -53.08
CA PHE H 124 66.39 -12.18 -51.90
C PHE H 124 66.12 -13.02 -50.66
N PHE H 125 67.07 -13.00 -49.73
CA PHE H 125 67.03 -13.81 -48.52
C PHE H 125 67.26 -12.95 -47.30
N TRP H 126 66.68 -13.37 -46.18
CA TRP H 126 66.81 -12.66 -44.91
C TRP H 126 66.80 -13.67 -43.78
N MET H 127 67.25 -13.23 -42.61
CA MET H 127 67.33 -14.10 -41.44
C MET H 127 67.32 -13.24 -40.18
N PHE H 128 66.67 -13.74 -39.13
CA PHE H 128 66.69 -13.07 -37.83
C PHE H 128 66.88 -14.09 -36.72
N GLU H 129 67.84 -13.83 -35.82
CA GLU H 129 68.19 -14.74 -34.74
C GLU H 129 67.83 -14.11 -33.41
N ASN H 130 67.20 -14.89 -32.53
CA ASN H 130 66.98 -14.46 -31.15
C ASN H 130 67.12 -15.67 -30.25
N VAL H 131 67.51 -15.42 -28.99
CA VAL H 131 67.75 -16.49 -28.01
C VAL H 131 66.45 -17.20 -27.66
N VAL H 132 66.54 -18.51 -27.37
CA VAL H 132 65.35 -19.28 -27.00
C VAL H 132 64.80 -18.80 -25.65
N ALA H 133 65.68 -18.30 -24.77
CA ALA H 133 65.28 -17.74 -23.48
C ALA H 133 64.57 -16.41 -23.70
N MET H 134 63.29 -16.51 -24.09
CA MET H 134 62.56 -15.37 -24.62
C MET H 134 61.10 -15.50 -24.23
N LYS H 135 60.46 -14.36 -23.94
CA LYS H 135 59.05 -14.37 -23.56
C LYS H 135 58.20 -14.90 -24.72
N VAL H 136 57.19 -15.72 -24.38
CA VAL H 136 56.31 -16.28 -25.40
C VAL H 136 55.48 -15.18 -26.07
N GLY H 137 55.08 -14.16 -25.31
CA GLY H 137 54.37 -13.04 -25.91
C GLY H 137 55.20 -12.29 -26.94
N ASP H 138 56.52 -12.27 -26.76
CA ASP H 138 57.42 -11.66 -27.74
C ASP H 138 57.72 -12.61 -28.90
N LYS H 139 57.96 -13.89 -28.62
CA LYS H 139 58.15 -14.86 -29.70
C LYS H 139 56.94 -14.92 -30.61
N ARG H 140 55.73 -14.91 -30.02
CA ARG H 140 54.51 -14.85 -30.83
C ARG H 140 54.46 -13.57 -31.65
N ASP H 141 54.83 -12.44 -31.06
CA ASP H 141 54.75 -11.15 -31.74
C ASP H 141 55.74 -11.05 -32.91
N ILE H 142 56.99 -11.45 -32.68
CA ILE H 142 57.97 -11.39 -33.78
C ILE H 142 57.54 -12.28 -34.93
N SER H 143 56.99 -13.47 -34.64
CA SER H 143 56.47 -14.30 -35.71
C SER H 143 55.30 -13.63 -36.41
N ARG H 144 54.63 -12.70 -35.74
CA ARG H 144 53.55 -11.97 -36.40
C ARG H 144 54.09 -10.91 -37.37
N PHE H 145 55.25 -10.32 -37.08
CA PHE H 145 55.83 -9.31 -37.97
C PHE H 145 56.46 -9.94 -39.20
N LEU H 146 57.21 -11.03 -39.00
CA LEU H 146 57.98 -11.65 -40.07
C LEU H 146 57.15 -12.61 -40.92
N GLU H 147 55.91 -12.89 -40.55
CA GLU H 147 55.03 -13.85 -41.23
C GLU H 147 55.75 -15.17 -41.44
N CYS H 148 56.28 -15.69 -40.33
CA CYS H 148 57.25 -16.77 -40.35
C CYS H 148 57.37 -17.34 -38.94
N ASN H 149 57.44 -18.68 -38.82
CA ASN H 149 57.69 -19.34 -37.54
C ASN H 149 59.14 -19.76 -37.44
N PRO H 150 59.79 -19.52 -36.30
CA PRO H 150 61.24 -19.78 -36.21
C PRO H 150 61.53 -21.26 -36.10
N VAL H 151 62.77 -21.62 -36.41
CA VAL H 151 63.29 -22.96 -36.19
C VAL H 151 64.28 -22.89 -35.04
N MET H 152 64.28 -23.92 -34.19
CA MET H 152 65.23 -23.98 -33.09
C MET H 152 66.42 -24.81 -33.54
N ILE H 153 67.62 -24.25 -33.42
CA ILE H 153 68.85 -24.93 -33.78
C ILE H 153 69.81 -24.83 -32.60
N ASP H 154 70.32 -25.97 -32.17
CA ASP H 154 71.28 -26.03 -31.08
C ASP H 154 72.64 -26.43 -31.66
N ALA H 155 73.69 -25.66 -31.32
CA ALA H 155 75.07 -25.95 -31.71
C ALA H 155 75.65 -27.22 -31.03
N ILE H 156 74.85 -27.93 -30.23
CA ILE H 156 75.36 -29.02 -29.39
C ILE H 156 75.84 -30.20 -30.25
N LYS H 157 75.25 -30.40 -31.43
CA LYS H 157 75.68 -31.47 -32.31
C LYS H 157 76.79 -31.06 -33.27
N VAL H 158 77.18 -29.79 -33.28
CA VAL H 158 78.26 -29.32 -34.15
C VAL H 158 79.40 -28.65 -33.39
N SER H 159 79.20 -28.23 -32.14
CA SER H 159 80.29 -27.61 -31.37
C SER H 159 80.40 -28.31 -30.04
N ALA H 160 81.16 -27.72 -29.12
CA ALA H 160 81.24 -28.23 -27.75
C ALA H 160 80.33 -27.46 -26.81
N ALA H 161 79.30 -26.82 -27.33
CA ALA H 161 78.55 -25.82 -26.59
C ALA H 161 77.06 -26.05 -26.69
N HIS H 162 76.35 -25.75 -25.59
CA HIS H 162 74.90 -25.62 -25.61
C HIS H 162 74.55 -24.22 -26.09
N ARG H 163 73.96 -24.11 -27.27
CA ARG H 163 73.59 -22.80 -27.78
C ARG H 163 72.36 -23.00 -28.67
N ALA H 164 71.19 -22.88 -28.07
CA ALA H 164 69.92 -22.95 -28.79
C ALA H 164 69.46 -21.55 -29.10
N ARG H 165 69.15 -21.29 -30.37
CA ARG H 165 68.62 -20.00 -30.79
C ARG H 165 67.44 -20.23 -31.72
N TYR H 166 66.59 -19.21 -31.84
CA TYR H 166 65.48 -19.19 -32.79
C TYR H 166 65.95 -18.48 -34.05
N PHE H 167 65.63 -19.05 -35.21
CA PHE H 167 66.06 -18.51 -36.50
C PHE H 167 64.83 -18.30 -37.37
N TRP H 168 64.39 -17.05 -37.49
CA TRP H 168 63.41 -16.67 -38.48
C TRP H 168 64.13 -16.33 -39.79
N GLY H 169 63.52 -16.71 -40.90
CA GLY H 169 64.07 -16.37 -42.19
C GLY H 169 63.40 -17.14 -43.31
N ASN H 170 63.95 -16.95 -44.51
CA ASN H 170 63.48 -17.59 -45.74
C ASN H 170 64.59 -18.35 -46.45
N LEU H 171 65.70 -18.60 -45.77
CA LEU H 171 66.82 -19.32 -46.38
C LEU H 171 66.37 -20.73 -46.77
N PRO H 172 66.92 -21.27 -47.85
CA PRO H 172 66.54 -22.62 -48.29
C PRO H 172 66.85 -23.67 -47.24
N GLY H 173 65.85 -24.48 -46.90
CA GLY H 173 66.03 -25.59 -45.99
C GLY H 173 66.63 -25.24 -44.63
N MET H 174 65.98 -24.31 -43.94
CA MET H 174 66.33 -24.02 -42.56
C MET H 174 65.85 -25.12 -41.62
N ASN H 175 64.89 -25.94 -42.05
CA ASN H 175 64.48 -27.12 -41.31
C ASN H 175 65.27 -28.36 -41.69
N ARG H 176 66.13 -28.26 -42.69
CA ARG H 176 67.02 -29.35 -43.05
C ARG H 176 67.77 -29.84 -41.81
N PRO H 177 67.93 -31.15 -41.63
CA PRO H 177 68.56 -31.65 -40.40
C PRO H 177 70.03 -31.25 -40.33
N VAL H 178 70.44 -30.82 -39.13
CA VAL H 178 71.82 -30.42 -38.87
C VAL H 178 72.69 -31.66 -38.74
N ILE H 179 73.77 -31.71 -39.51
CA ILE H 179 74.74 -32.79 -39.43
C ILE H 179 76.11 -32.21 -39.20
N ALA H 180 76.93 -32.91 -38.43
CA ALA H 180 78.26 -32.43 -38.05
C ALA H 180 79.25 -32.65 -39.19
N SER H 181 80.13 -31.68 -39.40
CA SER H 181 81.15 -31.79 -40.43
C SER H 181 82.26 -32.74 -39.99
N LYS H 182 83.20 -33.01 -40.90
CA LYS H 182 84.33 -33.86 -40.58
C LYS H 182 85.31 -33.17 -39.63
N ASN H 183 85.42 -31.85 -39.71
CA ASN H 183 86.38 -31.07 -38.93
C ASN H 183 85.77 -30.35 -37.74
N ASP H 184 84.48 -30.54 -37.48
CA ASP H 184 83.85 -29.92 -36.32
C ASP H 184 84.42 -30.49 -35.03
N LYS H 185 84.92 -29.60 -34.16
CA LYS H 185 85.44 -29.98 -32.85
C LYS H 185 84.27 -30.17 -31.90
N LEU H 186 83.89 -31.42 -31.67
CA LEU H 186 82.60 -31.74 -31.04
C LEU H 186 82.68 -31.83 -29.52
N GLU H 187 83.83 -32.17 -28.96
CA GLU H 187 83.99 -32.25 -27.51
C GLU H 187 84.98 -31.20 -27.01
N LEU H 188 84.84 -30.85 -25.71
CA LEU H 188 85.61 -29.75 -25.16
C LEU H 188 87.10 -30.02 -25.25
N GLN H 189 87.50 -31.29 -25.08
CA GLN H 189 88.91 -31.62 -25.14
C GLN H 189 89.54 -31.23 -26.48
N ASP H 190 88.78 -31.32 -27.57
CA ASP H 190 89.31 -30.97 -28.88
C ASP H 190 89.63 -29.48 -28.97
N CYS H 191 89.08 -28.65 -28.07
CA CYS H 191 89.31 -27.22 -28.05
C CYS H 191 90.37 -26.78 -27.05
N LEU H 192 90.92 -27.69 -26.25
CA LEU H 192 91.81 -27.32 -25.16
C LEU H 192 93.24 -27.10 -25.64
N GLU H 193 93.97 -26.25 -24.93
CA GLU H 193 95.37 -25.98 -25.23
C GLU H 193 96.23 -27.11 -24.66
N TYR H 194 97.55 -26.89 -24.62
CA TYR H 194 98.51 -27.93 -24.28
C TYR H 194 98.41 -28.34 -22.81
N ASN H 195 98.59 -29.64 -22.55
CA ASN H 195 98.66 -30.19 -21.19
C ASN H 195 97.42 -29.84 -20.38
N ARG H 196 96.25 -29.87 -21.04
CA ARG H 196 95.01 -29.55 -20.37
C ARG H 196 94.02 -30.70 -20.56
N ILE H 197 93.35 -31.10 -19.49
CA ILE H 197 92.38 -32.18 -19.54
C ILE H 197 91.00 -31.56 -19.32
N ALA H 198 89.99 -32.12 -20.00
CA ALA H 198 88.63 -31.64 -19.91
C ALA H 198 87.81 -32.61 -19.06
N LYS H 199 87.04 -32.07 -18.11
CA LYS H 199 86.09 -32.85 -17.31
C LYS H 199 84.69 -32.92 -17.92
N LEU H 200 84.40 -32.12 -18.93
CA LEU H 200 83.12 -32.12 -19.63
C LEU H 200 83.34 -32.38 -21.11
N LYS H 201 82.32 -32.92 -21.77
CA LYS H 201 82.34 -33.04 -23.23
C LYS H 201 81.67 -31.85 -23.92
N LYS H 202 80.58 -31.34 -23.37
CA LYS H 202 79.92 -30.15 -23.92
C LYS H 202 79.89 -29.09 -22.82
N VAL H 203 80.01 -27.83 -23.21
CA VAL H 203 80.12 -26.73 -22.24
C VAL H 203 78.82 -25.94 -22.32
N GLN H 204 77.95 -26.11 -21.34
CA GLN H 204 76.82 -25.20 -21.23
C GLN H 204 77.33 -23.82 -20.84
N THR H 205 76.63 -22.79 -21.32
CA THR H 205 77.13 -21.42 -21.14
C THR H 205 77.30 -21.04 -19.66
N ILE H 206 76.78 -21.86 -18.74
CA ILE H 206 76.98 -21.63 -17.30
C ILE H 206 78.47 -21.71 -16.95
N THR H 207 79.14 -22.74 -17.46
CA THR H 207 80.56 -23.00 -17.17
C THR H 207 81.51 -22.12 -17.98
N THR H 208 81.02 -21.42 -19.02
CA THR H 208 81.84 -20.49 -19.80
C THR H 208 81.77 -19.09 -19.18
N LYS H 209 82.27 -18.99 -17.95
CA LYS H 209 82.18 -17.73 -17.21
C LYS H 209 83.32 -17.65 -16.19
N SER H 210 83.41 -16.48 -15.55
CA SER H 210 84.33 -16.16 -14.44
C SER H 210 83.86 -14.85 -13.78
N GLN H 219 79.18 -25.46 -10.21
CA GLN H 219 80.24 -24.87 -9.39
C GLN H 219 81.59 -25.52 -9.66
N LEU H 220 81.66 -26.48 -10.58
CA LEU H 220 82.88 -27.19 -10.92
C LEU H 220 83.51 -26.60 -12.18
N PHE H 221 84.88 -26.53 -12.18
CA PHE H 221 85.65 -25.96 -13.27
C PHE H 221 85.84 -27.00 -14.37
N PRO H 222 85.74 -26.59 -15.64
CA PRO H 222 85.72 -27.57 -16.73
C PRO H 222 87.08 -28.16 -17.09
N VAL H 223 88.19 -27.52 -16.72
CA VAL H 223 89.52 -27.91 -17.15
C VAL H 223 90.40 -28.19 -15.94
N VAL H 224 91.21 -29.26 -16.03
CA VAL H 224 92.24 -29.58 -15.06
C VAL H 224 93.59 -29.43 -15.74
N MET H 225 94.51 -28.68 -15.11
CA MET H 225 95.87 -28.47 -15.61
C MET H 225 96.84 -28.79 -14.48
N ASN H 226 97.60 -29.89 -14.64
CA ASN H 226 98.53 -30.36 -13.60
C ASN H 226 97.83 -30.54 -12.26
N GLY H 227 96.74 -31.32 -12.27
CA GLY H 227 96.02 -31.57 -11.03
C GLY H 227 95.42 -30.33 -10.38
N LYS H 228 95.45 -29.19 -11.05
CA LYS H 228 94.78 -27.98 -10.59
C LYS H 228 93.61 -27.67 -11.53
N GLU H 229 92.49 -27.27 -10.94
CA GLU H 229 91.36 -26.77 -11.71
C GLU H 229 91.69 -25.42 -12.34
N ASP H 230 91.01 -25.11 -13.44
CA ASP H 230 91.16 -23.82 -14.09
C ASP H 230 89.96 -23.63 -15.02
N VAL H 231 89.69 -22.37 -15.32
CA VAL H 231 88.61 -21.97 -16.22
C VAL H 231 89.11 -22.07 -17.66
N LEU H 232 88.16 -22.04 -18.60
CA LEU H 232 88.52 -21.99 -20.01
C LEU H 232 89.30 -20.71 -20.31
N TRP H 233 90.27 -20.82 -21.22
CA TRP H 233 91.01 -19.66 -21.72
C TRP H 233 90.30 -19.03 -22.91
N CYS H 234 90.69 -17.79 -23.24
CA CYS H 234 90.06 -17.10 -24.37
C CYS H 234 90.18 -17.90 -25.65
N THR H 235 91.40 -18.33 -26.00
CA THR H 235 91.58 -19.09 -27.22
C THR H 235 90.71 -20.34 -27.23
N GLU H 236 90.41 -20.91 -26.06
CA GLU H 236 89.55 -22.09 -26.02
C GLU H 236 88.08 -21.74 -26.22
N LEU H 237 87.64 -20.56 -25.75
CA LEU H 237 86.29 -20.11 -26.06
C LEU H 237 86.10 -19.93 -27.57
N GLU H 238 87.10 -19.37 -28.25
CA GLU H 238 87.01 -19.19 -29.70
C GLU H 238 86.86 -20.53 -30.42
N ARG H 239 87.56 -21.58 -29.96
CA ARG H 239 87.43 -22.90 -30.59
C ARG H 239 86.09 -23.55 -30.30
N ILE H 240 85.53 -23.30 -29.10
CA ILE H 240 84.24 -23.87 -28.73
C ILE H 240 83.16 -23.41 -29.70
N PHE H 241 83.16 -22.13 -30.06
CA PHE H 241 82.12 -21.53 -30.88
C PHE H 241 82.44 -21.58 -32.37
N GLY H 242 83.55 -22.18 -32.76
CA GLY H 242 83.86 -22.38 -34.17
C GLY H 242 84.57 -21.21 -34.82
N PHE H 243 85.03 -20.23 -34.03
CA PHE H 243 85.80 -19.13 -34.60
C PHE H 243 87.27 -19.54 -34.75
N PRO H 244 87.94 -19.03 -35.76
CA PRO H 244 89.39 -19.21 -35.86
C PRO H 244 90.05 -18.77 -34.56
N VAL H 245 91.12 -19.47 -34.19
CA VAL H 245 91.83 -19.12 -32.97
C VAL H 245 92.43 -17.72 -33.10
N HIS H 246 92.40 -16.96 -32.00
CA HIS H 246 92.87 -15.57 -31.92
C HIS H 246 91.99 -14.63 -32.72
N TYR H 247 90.74 -15.03 -32.99
CA TYR H 247 89.81 -14.19 -33.72
C TYR H 247 89.44 -12.93 -32.94
N THR H 248 89.69 -12.90 -31.63
CA THR H 248 89.32 -11.74 -30.83
C THR H 248 90.52 -11.05 -30.18
N ASP H 249 91.75 -11.43 -30.51
CA ASP H 249 92.91 -10.78 -29.90
C ASP H 249 93.07 -9.37 -30.49
N VAL H 250 92.24 -8.44 -30.03
CA VAL H 250 91.98 -7.19 -30.74
C VAL H 250 91.67 -6.10 -29.73
N SER H 251 92.23 -4.91 -29.93
CA SER H 251 91.87 -3.71 -29.15
C SER H 251 92.12 -3.94 -27.65
N ASN H 252 93.21 -4.65 -27.33
CA ASN H 252 93.68 -4.85 -25.96
C ASN H 252 92.67 -5.56 -25.07
N MET H 253 91.77 -6.33 -25.67
CA MET H 253 90.73 -6.97 -24.89
C MET H 253 91.33 -8.02 -23.96
N GLY H 254 90.91 -8.01 -22.70
CA GLY H 254 91.26 -9.04 -21.75
C GLY H 254 90.23 -10.16 -21.73
N ARG H 255 90.41 -11.08 -20.78
CA ARG H 255 89.50 -12.23 -20.66
C ARG H 255 88.02 -11.82 -20.67
N GLY H 256 87.66 -10.79 -19.90
CA GLY H 256 86.26 -10.47 -19.76
C GLY H 256 85.61 -10.00 -21.05
N ALA H 257 86.28 -9.10 -21.77
CA ALA H 257 85.67 -8.51 -22.97
C ALA H 257 85.53 -9.54 -24.09
N ARG H 258 86.56 -10.37 -24.29
CA ARG H 258 86.50 -11.40 -25.34
C ARG H 258 85.38 -12.39 -25.05
N GLN H 259 85.22 -12.78 -23.79
CA GLN H 259 84.09 -13.62 -23.42
C GLN H 259 82.76 -12.90 -23.62
N LYS H 260 82.72 -11.59 -23.34
CA LYS H 260 81.51 -10.82 -23.59
C LYS H 260 81.13 -10.87 -25.07
N LEU H 261 82.09 -10.60 -25.96
CA LEU H 261 81.82 -10.64 -27.40
C LEU H 261 81.45 -12.05 -27.85
N LEU H 262 82.12 -13.07 -27.30
CA LEU H 262 81.84 -14.45 -27.68
C LEU H 262 80.56 -14.99 -27.07
N GLY H 263 80.13 -14.43 -25.94
CA GLY H 263 78.84 -14.82 -25.38
C GLY H 263 77.68 -14.32 -26.19
N ARG H 264 77.85 -13.22 -26.90
CA ARG H 264 76.83 -12.69 -27.77
C ARG H 264 76.90 -13.24 -29.20
N SER H 265 78.02 -13.88 -29.56
CA SER H 265 78.28 -14.25 -30.95
C SER H 265 77.35 -15.38 -31.39
N TRP H 266 77.27 -15.58 -32.70
CA TRP H 266 76.65 -16.79 -33.24
C TRP H 266 77.62 -17.96 -33.09
N SER H 267 77.11 -19.15 -33.37
CA SER H 267 77.99 -20.31 -33.53
C SER H 267 78.29 -20.46 -35.01
N VAL H 268 79.58 -20.45 -35.37
CA VAL H 268 79.96 -20.53 -36.79
C VAL H 268 79.41 -21.77 -37.47
N PRO H 269 79.54 -22.98 -36.91
CA PRO H 269 78.94 -24.14 -37.58
C PRO H 269 77.45 -24.01 -37.81
N VAL H 270 76.71 -23.51 -36.82
CA VAL H 270 75.26 -23.34 -36.97
C VAL H 270 74.96 -22.37 -38.10
N ILE H 271 75.65 -21.23 -38.12
CA ILE H 271 75.43 -20.26 -39.18
C ILE H 271 75.74 -20.87 -40.54
N ARG H 272 76.90 -21.54 -40.66
CA ARG H 272 77.25 -22.15 -41.94
C ARG H 272 76.17 -23.13 -42.38
N HIS H 273 75.58 -23.86 -41.43
CA HIS H 273 74.47 -24.75 -41.77
C HIS H 273 73.32 -23.99 -42.41
N LEU H 274 73.11 -22.71 -42.04
CA LEU H 274 72.06 -21.92 -42.65
C LEU H 274 72.47 -21.36 -44.01
N PHE H 275 73.72 -20.89 -44.15
CA PHE H 275 74.14 -20.20 -45.36
C PHE H 275 74.58 -21.15 -46.48
N ALA H 276 74.85 -22.41 -46.17
CA ALA H 276 75.34 -23.35 -47.19
C ALA H 276 74.45 -23.48 -48.43
N PRO H 277 73.12 -23.53 -48.34
CA PRO H 277 72.31 -23.56 -49.58
C PRO H 277 72.46 -22.31 -50.44
N LEU H 278 73.03 -21.20 -49.94
CA LEU H 278 73.22 -20.01 -50.77
C LEU H 278 74.28 -20.20 -51.86
N LYS H 279 75.15 -21.21 -51.76
CA LYS H 279 76.16 -21.45 -52.79
C LYS H 279 75.52 -21.68 -54.16
N ASP H 280 74.32 -22.27 -54.19
CA ASP H 280 73.61 -22.56 -55.42
C ASP H 280 72.81 -21.36 -55.95
N TYR H 281 72.93 -20.19 -55.32
CA TYR H 281 72.26 -18.99 -55.79
C TYR H 281 73.22 -17.83 -56.08
N PHE H 282 74.48 -17.90 -55.65
CA PHE H 282 75.44 -16.83 -55.87
C PHE H 282 76.78 -17.44 -56.29
N ALA H 283 77.71 -16.57 -56.68
CA ALA H 283 79.03 -16.97 -57.12
C ALA H 283 79.79 -17.63 -55.97
N CYS H 284 80.83 -18.40 -56.33
CA CYS H 284 81.65 -19.06 -55.31
C CYS H 284 83.04 -19.37 -55.88
N GLU H 285 84.05 -18.68 -55.36
CA GLU H 285 85.47 -18.92 -55.69
C GLU H 285 86.40 -18.07 -54.78
#